data_2AV4
# 
_entry.id   2AV4 
# 
_audit_conform.dict_name       mmcif_pdbx.dic 
_audit_conform.dict_version    5.376 
_audit_conform.dict_location   http://mmcif.pdb.org/dictionaries/ascii/mmcif_pdbx.dic 
# 
loop_
_database_2.database_id 
_database_2.database_code 
_database_2.pdbx_database_accession 
_database_2.pdbx_DOI 
PDB   2AV4         pdb_00002av4 10.2210/pdb2av4/pdb 
RCSB  RCSB034349   ?            ?                   
WWPDB D_1000034349 ?            ?                   
# 
_pdbx_database_status.status_code                     REL 
_pdbx_database_status.entry_id                        2AV4 
_pdbx_database_status.recvd_initial_deposition_date   2005-08-29 
_pdbx_database_status.deposit_site                    RCSB 
_pdbx_database_status.process_site                    RCSB 
_pdbx_database_status.status_code_sf                  REL 
_pdbx_database_status.status_code_mr                  ? 
_pdbx_database_status.SG_entry                        Y 
_pdbx_database_status.pdb_format_compatible           Y 
_pdbx_database_status.status_code_cs                  ? 
_pdbx_database_status.methods_development_category    ? 
_pdbx_database_status.status_code_nmr_data            ? 
# 
loop_
_audit_author.name 
_audit_author.pdbx_ordinal 
'Dong, A.'                             1  
'Zhao, Y.'                             2  
'Lew, J.'                              3  
'Alam, Z.'                             4  
'Melone, M.'                           5  
'Wasney, G.'                           6  
'Vedadi, M.'                           7  
'Koeieradzki, I.'                      8  
'Edwards, A.M.'                        9  
'Arrowsmith, C.H.'                     10 
'Weigelt, J.'                          11 
'Sundstrom, M.'                        12 
'Bochkarev, A.'                        13 
'Hui, R.'                              14 
'Artz, J.'                             15 
'Structural Genomics Consortium (SGC)' 16 
# 
_citation.id                        primary 
_citation.title                     
'Genome-scale protein expression and structural biology of Plasmodium falciparum and related Apicomplexan organisms.' 
_citation.journal_abbrev            Mol.Biochem.Parasitol. 
_citation.journal_volume            151 
_citation.page_first                100 
_citation.page_last                 110 
_citation.year                      2007 
_citation.journal_id_ASTM           MBIPDP 
_citation.country                   NE 
_citation.journal_id_ISSN           0166-6851 
_citation.journal_id_CSD            2085 
_citation.book_publisher            ? 
_citation.pdbx_database_id_PubMed   17125854 
_citation.pdbx_database_id_DOI      10.1016/j.molbiopara.2006.10.011 
# 
loop_
_citation_author.citation_id 
_citation_author.name 
_citation_author.ordinal 
_citation_author.identifier_ORCID 
primary 'Vedadi, M.'       1  ? 
primary 'Lew, J.'          2  ? 
primary 'Artz, J.'         3  ? 
primary 'Amani, M.'        4  ? 
primary 'Zhao, Y.'         5  ? 
primary 'Dong, A.'         6  ? 
primary 'Wasney, G.A.'     7  ? 
primary 'Gao, M.'          8  ? 
primary 'Hills, T.'        9  ? 
primary 'Brokx, S.'        10 ? 
primary 'Qiu, W.'          11 ? 
primary 'Sharma, S.'       12 ? 
primary 'Diassiti, A.'     13 ? 
primary 'Alam, Z.'         14 ? 
primary 'Melone, M.'       15 ? 
primary 'Mulichak, A.'     16 ? 
primary 'Wernimont, A.'    17 ? 
primary 'Bray, J.'         18 ? 
primary 'Loppnau, P.'      19 ? 
primary 'Plotnikova, O.'   20 ? 
primary 'Newberry, K.'     21 ? 
primary 'Sundararajan, E.' 22 ? 
primary 'Houston, S.'      23 ? 
primary 'Walker, J.'       24 ? 
primary 'Tempel, W.'       25 ? 
primary 'Bochkarev, A.'    26 ? 
primary 'Kozieradzki, I.'  27 ? 
primary 'Edwards, A.'      28 ? 
primary 'Arrowsmith, C.'   29 ? 
primary 'Roos, D.'         30 ? 
primary 'Kain, K.'         31 ? 
primary 'Hui, R.'          32 ? 
# 
_cell.entry_id           2AV4 
_cell.length_a           109.877 
_cell.length_b           109.877 
_cell.length_c           85.170 
_cell.angle_alpha        90.00 
_cell.angle_beta         90.00 
_cell.angle_gamma        120.00 
_cell.Z_PDB              18 
_cell.pdbx_unique_axis   ? 
# 
_symmetry.entry_id                         2AV4 
_symmetry.space_group_name_H-M             'H 3 2' 
_symmetry.pdbx_full_space_group_name_H-M   ? 
_symmetry.cell_setting                     ? 
_symmetry.Int_Tables_number                155 
_symmetry.space_group_name_Hall            ? 
# 
loop_
_entity.id 
_entity.type 
_entity.src_method 
_entity.pdbx_description 
_entity.formula_weight 
_entity.pdbx_number_of_molecules 
_entity.pdbx_ec 
_entity.pdbx_mutation 
_entity.pdbx_fragment 
_entity.details 
1 polymer     man 'Thioredoxin-like protein 4A (DIM1)' 18696.314 1   ? ? ? ? 
2 non-polymer syn 'CHLORIDE ION'                       35.453    4   ? ? ? ? 
3 water       nat water                                18.015    199 ? ? ? ? 
# 
_entity_name_com.entity_id   1 
_entity_name_com.name        'Drosophila melanogaster RE13747p' 
# 
_entity_poly.entity_id                      1 
_entity_poly.type                           'polypeptide(L)' 
_entity_poly.nstd_linkage                   no 
_entity_poly.nstd_monomer                   no 
_entity_poly.pdbx_seq_one_letter_code       
;MGSSHHHHHHSSGLVPRGSSFMLQHLNSGWAVDQAIVNEDERLVCIRFGHDYDPDCMKMDELLYKVADDIKNFCVIYLVD
ITEVPDFNTMYELYDPVSVMFFYRNKHMMIDLGTGNNNKINWPMNNKQEFIDIVETIFRGARKGRGLVISPKDYSTKYKY
;
_entity_poly.pdbx_seq_one_letter_code_can   
;MGSSHHHHHHSSGLVPRGSSFMLQHLNSGWAVDQAIVNEDERLVCIRFGHDYDPDCMKMDELLYKVADDIKNFCVIYLVD
ITEVPDFNTMYELYDPVSVMFFYRNKHMMIDLGTGNNNKINWPMNNKQEFIDIVETIFRGARKGRGLVISPKDYSTKYKY
;
_entity_poly.pdbx_strand_id                 A 
_entity_poly.pdbx_target_identifier         ? 
# 
loop_
_entity_poly_seq.entity_id 
_entity_poly_seq.num 
_entity_poly_seq.mon_id 
_entity_poly_seq.hetero 
1 1   MET n 
1 2   GLY n 
1 3   SER n 
1 4   SER n 
1 5   HIS n 
1 6   HIS n 
1 7   HIS n 
1 8   HIS n 
1 9   HIS n 
1 10  HIS n 
1 11  SER n 
1 12  SER n 
1 13  GLY n 
1 14  LEU n 
1 15  VAL n 
1 16  PRO n 
1 17  ARG n 
1 18  GLY n 
1 19  SER n 
1 20  SER n 
1 21  PHE n 
1 22  MET n 
1 23  LEU n 
1 24  GLN n 
1 25  HIS n 
1 26  LEU n 
1 27  ASN n 
1 28  SER n 
1 29  GLY n 
1 30  TRP n 
1 31  ALA n 
1 32  VAL n 
1 33  ASP n 
1 34  GLN n 
1 35  ALA n 
1 36  ILE n 
1 37  VAL n 
1 38  ASN n 
1 39  GLU n 
1 40  ASP n 
1 41  GLU n 
1 42  ARG n 
1 43  LEU n 
1 44  VAL n 
1 45  CYS n 
1 46  ILE n 
1 47  ARG n 
1 48  PHE n 
1 49  GLY n 
1 50  HIS n 
1 51  ASP n 
1 52  TYR n 
1 53  ASP n 
1 54  PRO n 
1 55  ASP n 
1 56  CYS n 
1 57  MET n 
1 58  LYS n 
1 59  MET n 
1 60  ASP n 
1 61  GLU n 
1 62  LEU n 
1 63  LEU n 
1 64  TYR n 
1 65  LYS n 
1 66  VAL n 
1 67  ALA n 
1 68  ASP n 
1 69  ASP n 
1 70  ILE n 
1 71  LYS n 
1 72  ASN n 
1 73  PHE n 
1 74  CYS n 
1 75  VAL n 
1 76  ILE n 
1 77  TYR n 
1 78  LEU n 
1 79  VAL n 
1 80  ASP n 
1 81  ILE n 
1 82  THR n 
1 83  GLU n 
1 84  VAL n 
1 85  PRO n 
1 86  ASP n 
1 87  PHE n 
1 88  ASN n 
1 89  THR n 
1 90  MET n 
1 91  TYR n 
1 92  GLU n 
1 93  LEU n 
1 94  TYR n 
1 95  ASP n 
1 96  PRO n 
1 97  VAL n 
1 98  SER n 
1 99  VAL n 
1 100 MET n 
1 101 PHE n 
1 102 PHE n 
1 103 TYR n 
1 104 ARG n 
1 105 ASN n 
1 106 LYS n 
1 107 HIS n 
1 108 MET n 
1 109 MET n 
1 110 ILE n 
1 111 ASP n 
1 112 LEU n 
1 113 GLY n 
1 114 THR n 
1 115 GLY n 
1 116 ASN n 
1 117 ASN n 
1 118 ASN n 
1 119 LYS n 
1 120 ILE n 
1 121 ASN n 
1 122 TRP n 
1 123 PRO n 
1 124 MET n 
1 125 ASN n 
1 126 ASN n 
1 127 LYS n 
1 128 GLN n 
1 129 GLU n 
1 130 PHE n 
1 131 ILE n 
1 132 ASP n 
1 133 ILE n 
1 134 VAL n 
1 135 GLU n 
1 136 THR n 
1 137 ILE n 
1 138 PHE n 
1 139 ARG n 
1 140 GLY n 
1 141 ALA n 
1 142 ARG n 
1 143 LYS n 
1 144 GLY n 
1 145 ARG n 
1 146 GLY n 
1 147 LEU n 
1 148 VAL n 
1 149 ILE n 
1 150 SER n 
1 151 PRO n 
1 152 LYS n 
1 153 ASP n 
1 154 TYR n 
1 155 SER n 
1 156 THR n 
1 157 LYS n 
1 158 TYR n 
1 159 LYS n 
1 160 TYR n 
# 
_entity_src_gen.entity_id                          1 
_entity_src_gen.pdbx_src_id                        1 
_entity_src_gen.pdbx_alt_source_flag               sample 
_entity_src_gen.pdbx_seq_type                      ? 
_entity_src_gen.pdbx_beg_seq_num                   ? 
_entity_src_gen.pdbx_end_seq_num                   ? 
_entity_src_gen.gene_src_common_name               ? 
_entity_src_gen.gene_src_genus                     Plasmodium 
_entity_src_gen.pdbx_gene_src_gene                 PY07357 
_entity_src_gen.gene_src_species                   ? 
_entity_src_gen.gene_src_strain                    ? 
_entity_src_gen.gene_src_tissue                    ? 
_entity_src_gen.gene_src_tissue_fraction           ? 
_entity_src_gen.gene_src_details                   ? 
_entity_src_gen.pdbx_gene_src_fragment             ? 
_entity_src_gen.pdbx_gene_src_scientific_name      'Plasmodium yoelii' 
_entity_src_gen.pdbx_gene_src_ncbi_taxonomy_id     5861 
_entity_src_gen.pdbx_gene_src_variant              ? 
_entity_src_gen.pdbx_gene_src_cell_line            ? 
_entity_src_gen.pdbx_gene_src_atcc                 ? 
_entity_src_gen.pdbx_gene_src_organ                ? 
_entity_src_gen.pdbx_gene_src_organelle            ? 
_entity_src_gen.pdbx_gene_src_cell                 ? 
_entity_src_gen.pdbx_gene_src_cellular_location    ? 
_entity_src_gen.host_org_common_name               ? 
_entity_src_gen.pdbx_host_org_scientific_name      'Escherichia coli' 
_entity_src_gen.pdbx_host_org_ncbi_taxonomy_id     562 
_entity_src_gen.host_org_genus                     Escherichia 
_entity_src_gen.pdbx_host_org_gene                 ? 
_entity_src_gen.pdbx_host_org_organ                ? 
_entity_src_gen.host_org_species                   ? 
_entity_src_gen.pdbx_host_org_tissue               ? 
_entity_src_gen.pdbx_host_org_tissue_fraction      ? 
_entity_src_gen.pdbx_host_org_strain               'BL21(DE3)RIL' 
_entity_src_gen.pdbx_host_org_variant              ? 
_entity_src_gen.pdbx_host_org_cell_line            ? 
_entity_src_gen.pdbx_host_org_atcc                 ? 
_entity_src_gen.pdbx_host_org_culture_collection   ? 
_entity_src_gen.pdbx_host_org_cell                 ? 
_entity_src_gen.pdbx_host_org_organelle            ? 
_entity_src_gen.pdbx_host_org_cellular_location    ? 
_entity_src_gen.pdbx_host_org_vector_type          plasmid 
_entity_src_gen.pdbx_host_org_vector               ? 
_entity_src_gen.host_org_details                   ? 
_entity_src_gen.expression_system_id               ? 
_entity_src_gen.plasmid_name                       pET28aLIC 
_entity_src_gen.plasmid_details                    ? 
_entity_src_gen.pdbx_description                   ? 
# 
_struct_ref.id                         1 
_struct_ref.db_name                    UNP 
_struct_ref.db_code                    Q7R866_PLAYO 
_struct_ref.pdbx_db_accession          Q7R866 
_struct_ref.entity_id                  1 
_struct_ref.pdbx_seq_one_letter_code   
;SFMLQHLNSGWAVDQAIVNEDERLVCIRFGHDYDPDCMKMDELLYKVADDIKNFCVIYLVDITEVPDFNTMYELYDPVSV
MFFYRNKHMMIDLGTGNNNKINWPMNNKQEFIDIVETIFRGARKGRGLVISPKDYSTKYKY
;
_struct_ref.pdbx_align_begin           2 
_struct_ref.pdbx_db_isoform            ? 
# 
_struct_ref_seq.align_id                      1 
_struct_ref_seq.ref_id                        1 
_struct_ref_seq.pdbx_PDB_id_code              2AV4 
_struct_ref_seq.pdbx_strand_id                A 
_struct_ref_seq.seq_align_beg                 20 
_struct_ref_seq.pdbx_seq_align_beg_ins_code   ? 
_struct_ref_seq.seq_align_end                 160 
_struct_ref_seq.pdbx_seq_align_end_ins_code   ? 
_struct_ref_seq.pdbx_db_accession             Q7R866 
_struct_ref_seq.db_align_beg                  2 
_struct_ref_seq.pdbx_db_align_beg_ins_code    ? 
_struct_ref_seq.db_align_end                  142 
_struct_ref_seq.pdbx_db_align_end_ins_code    ? 
_struct_ref_seq.pdbx_auth_seq_align_beg       20 
_struct_ref_seq.pdbx_auth_seq_align_end       160 
# 
loop_
_struct_ref_seq_dif.align_id 
_struct_ref_seq_dif.pdbx_pdb_id_code 
_struct_ref_seq_dif.mon_id 
_struct_ref_seq_dif.pdbx_pdb_strand_id 
_struct_ref_seq_dif.seq_num 
_struct_ref_seq_dif.pdbx_pdb_ins_code 
_struct_ref_seq_dif.pdbx_seq_db_name 
_struct_ref_seq_dif.pdbx_seq_db_accession_code 
_struct_ref_seq_dif.db_mon_id 
_struct_ref_seq_dif.pdbx_seq_db_seq_num 
_struct_ref_seq_dif.details 
_struct_ref_seq_dif.pdbx_auth_seq_num 
_struct_ref_seq_dif.pdbx_ordinal 
1 2AV4 MET A 1  ? UNP Q7R866 ? ? 'cloning artifact' 1  1  
1 2AV4 GLY A 2  ? UNP Q7R866 ? ? 'cloning artifact' 2  2  
1 2AV4 SER A 3  ? UNP Q7R866 ? ? 'cloning artifact' 3  3  
1 2AV4 SER A 4  ? UNP Q7R866 ? ? 'cloning artifact' 4  4  
1 2AV4 HIS A 5  ? UNP Q7R866 ? ? 'expression tag'   5  5  
1 2AV4 HIS A 6  ? UNP Q7R866 ? ? 'expression tag'   6  6  
1 2AV4 HIS A 7  ? UNP Q7R866 ? ? 'expression tag'   7  7  
1 2AV4 HIS A 8  ? UNP Q7R866 ? ? 'expression tag'   8  8  
1 2AV4 HIS A 9  ? UNP Q7R866 ? ? 'expression tag'   9  9  
1 2AV4 HIS A 10 ? UNP Q7R866 ? ? 'expression tag'   10 10 
1 2AV4 SER A 11 ? UNP Q7R866 ? ? 'cloning artifact' 11 11 
1 2AV4 SER A 12 ? UNP Q7R866 ? ? 'cloning artifact' 12 12 
1 2AV4 GLY A 13 ? UNP Q7R866 ? ? 'cloning artifact' 13 13 
1 2AV4 LEU A 14 ? UNP Q7R866 ? ? 'cloning artifact' 14 14 
1 2AV4 VAL A 15 ? UNP Q7R866 ? ? 'cloning artifact' 15 15 
1 2AV4 PRO A 16 ? UNP Q7R866 ? ? 'cloning artifact' 16 16 
1 2AV4 ARG A 17 ? UNP Q7R866 ? ? 'cloning artifact' 17 17 
1 2AV4 GLY A 18 ? UNP Q7R866 ? ? 'cloning artifact' 18 18 
1 2AV4 SER A 19 ? UNP Q7R866 ? ? 'cloning artifact' 19 19 
# 
loop_
_chem_comp.id 
_chem_comp.type 
_chem_comp.mon_nstd_flag 
_chem_comp.name 
_chem_comp.pdbx_synonyms 
_chem_comp.formula 
_chem_comp.formula_weight 
ALA 'L-peptide linking' y ALANINE         ? 'C3 H7 N O2'     89.093  
ARG 'L-peptide linking' y ARGININE        ? 'C6 H15 N4 O2 1' 175.209 
ASN 'L-peptide linking' y ASPARAGINE      ? 'C4 H8 N2 O3'    132.118 
ASP 'L-peptide linking' y 'ASPARTIC ACID' ? 'C4 H7 N O4'     133.103 
CL  non-polymer         . 'CHLORIDE ION'  ? 'Cl -1'          35.453  
CYS 'L-peptide linking' y CYSTEINE        ? 'C3 H7 N O2 S'   121.158 
GLN 'L-peptide linking' y GLUTAMINE       ? 'C5 H10 N2 O3'   146.144 
GLU 'L-peptide linking' y 'GLUTAMIC ACID' ? 'C5 H9 N O4'     147.129 
GLY 'peptide linking'   y GLYCINE         ? 'C2 H5 N O2'     75.067  
HIS 'L-peptide linking' y HISTIDINE       ? 'C6 H10 N3 O2 1' 156.162 
HOH non-polymer         . WATER           ? 'H2 O'           18.015  
ILE 'L-peptide linking' y ISOLEUCINE      ? 'C6 H13 N O2'    131.173 
LEU 'L-peptide linking' y LEUCINE         ? 'C6 H13 N O2'    131.173 
LYS 'L-peptide linking' y LYSINE          ? 'C6 H15 N2 O2 1' 147.195 
MET 'L-peptide linking' y METHIONINE      ? 'C5 H11 N O2 S'  149.211 
PHE 'L-peptide linking' y PHENYLALANINE   ? 'C9 H11 N O2'    165.189 
PRO 'L-peptide linking' y PROLINE         ? 'C5 H9 N O2'     115.130 
SER 'L-peptide linking' y SERINE          ? 'C3 H7 N O3'     105.093 
THR 'L-peptide linking' y THREONINE       ? 'C4 H9 N O3'     119.119 
TRP 'L-peptide linking' y TRYPTOPHAN      ? 'C11 H12 N2 O2'  204.225 
TYR 'L-peptide linking' y TYROSINE        ? 'C9 H11 N O3'    181.189 
VAL 'L-peptide linking' y VALINE          ? 'C5 H11 N O2'    117.146 
# 
_exptl.entry_id          2AV4 
_exptl.method            'X-RAY DIFFRACTION' 
_exptl.crystals_number   1 
# 
_exptl_crystal.id                    1 
_exptl_crystal.density_meas          ? 
_exptl_crystal.density_Matthews      2.60 
_exptl_crystal.density_percent_sol   53.20 
_exptl_crystal.description           ? 
_exptl_crystal.F_000                 ? 
_exptl_crystal.preparation           ? 
# 
_exptl_crystal_grow.crystal_id      1 
_exptl_crystal_grow.method          ? 
_exptl_crystal_grow.temp            295 
_exptl_crystal_grow.temp_details    ? 
_exptl_crystal_grow.pH              ? 
_exptl_crystal_grow.pdbx_details    '1.4 M NaCl, pH 9.0, VAPOR DIFFUSION, temperature 295 K' 
_exptl_crystal_grow.pdbx_pH_range   . 
# 
_diffrn.id                     1 
_diffrn.ambient_temp           100.0 
_diffrn.ambient_temp_details   ? 
_diffrn.crystal_id             1 
# 
_diffrn_detector.diffrn_id              1 
_diffrn_detector.detector               CCD 
_diffrn_detector.type                   MARRESEARCH 
_diffrn_detector.pdbx_collection_date   2005-08-12 
_diffrn_detector.details                ? 
# 
_diffrn_radiation.diffrn_id                        1 
_diffrn_radiation.wavelength_id                    1 
_diffrn_radiation.pdbx_monochromatic_or_laue_m_l   M 
_diffrn_radiation.monochromator                    ? 
_diffrn_radiation.pdbx_diffrn_protocol             'SINGLE WAVELENGTH' 
_diffrn_radiation.pdbx_scattering_type             x-ray 
# 
_diffrn_radiation_wavelength.id           1 
_diffrn_radiation_wavelength.wavelength   0.99998 
_diffrn_radiation_wavelength.wt           1.0 
# 
_diffrn_source.diffrn_id                   1 
_diffrn_source.source                      SYNCHROTRON 
_diffrn_source.type                        'APS BEAMLINE 17-BM' 
_diffrn_source.pdbx_synchrotron_site       APS 
_diffrn_source.pdbx_synchrotron_beamline   17-BM 
_diffrn_source.pdbx_wavelength             0.99998 
_diffrn_source.pdbx_wavelength_list        ? 
# 
_reflns.entry_id                     2AV4 
_reflns.observed_criterion_sigma_I   0.000 
_reflns.observed_criterion_sigma_F   ? 
_reflns.d_resolution_low             41.5 
_reflns.d_resolution_high            1.730 
_reflns.number_obs                   20820 
_reflns.number_all                   20820 
_reflns.percent_possible_obs         95.4 
_reflns.pdbx_Rmerge_I_obs            0.061 
_reflns.pdbx_Rsym_value              0.061 
_reflns.pdbx_netI_over_sigmaI        11.3000 
_reflns.B_iso_Wilson_estimate        ? 
_reflns.pdbx_redundancy              2.900 
_reflns.R_free_details               ? 
_reflns.limit_h_max                  ? 
_reflns.limit_h_min                  ? 
_reflns.limit_k_max                  ? 
_reflns.limit_k_min                  ? 
_reflns.limit_l_max                  ? 
_reflns.limit_l_min                  ? 
_reflns.observed_criterion_F_max     ? 
_reflns.observed_criterion_F_min     ? 
_reflns.pdbx_chi_squared             ? 
_reflns.pdbx_scaling_rejects         ? 
_reflns.pdbx_ordinal                 1 
_reflns.pdbx_diffrn_id               1 
# 
_reflns_shell.d_res_high             1.73 
_reflns_shell.d_res_low              1.86 
_reflns_shell.percent_possible_all   91.3 
_reflns_shell.Rmerge_I_obs           0.385 
_reflns_shell.pdbx_Rsym_value        0.385 
_reflns_shell.meanI_over_sigI_obs    2.280 
_reflns_shell.pdbx_redundancy        2.50 
_reflns_shell.percent_possible_obs   ? 
_reflns_shell.number_unique_all      ? 
_reflns_shell.number_measured_all    ? 
_reflns_shell.number_measured_obs    ? 
_reflns_shell.number_unique_obs      ? 
_reflns_shell.pdbx_chi_squared       ? 
_reflns_shell.pdbx_ordinal           1 
_reflns_shell.pdbx_diffrn_id         1 
# 
_refine.entry_id                                 2AV4 
_refine.ls_number_reflns_obs                     19895 
_refine.ls_number_reflns_all                     19950 
_refine.pdbx_ls_sigma_I                          ? 
_refine.pdbx_ls_sigma_F                          ? 
_refine.pdbx_data_cutoff_high_absF               ? 
_refine.pdbx_data_cutoff_low_absF                ? 
_refine.pdbx_data_cutoff_high_rms_absF           ? 
_refine.ls_d_res_low                             41.50 
_refine.ls_d_res_high                            1.73 
_refine.ls_percent_reflns_obs                    98.77 
_refine.ls_R_factor_obs                          0.20958 
_refine.ls_R_factor_all                          ? 
_refine.ls_R_factor_R_work                       0.20798 
_refine.ls_R_factor_R_free                       0.26115 
_refine.ls_R_factor_R_free_error                 ? 
_refine.ls_R_factor_R_free_error_details         ? 
_refine.ls_percent_reflns_R_free                 3.2 
_refine.ls_number_reflns_R_free                  666 
_refine.ls_number_parameters                     ? 
_refine.ls_number_restraints                     ? 
_refine.occupancy_min                            ? 
_refine.occupancy_max                            ? 
_refine.correlation_coeff_Fo_to_Fc               0.948 
_refine.correlation_coeff_Fo_to_Fc_free          0.926 
_refine.B_iso_mean                               20.552 
_refine.aniso_B[1][1]                            -0.17 
_refine.aniso_B[2][2]                            -0.17 
_refine.aniso_B[3][3]                            0.25 
_refine.aniso_B[1][2]                            -0.08 
_refine.aniso_B[1][3]                            0.00 
_refine.aniso_B[2][3]                            0.00 
_refine.solvent_model_details                    MASK 
_refine.solvent_model_param_ksol                 ? 
_refine.solvent_model_param_bsol                 ? 
_refine.pdbx_solvent_vdw_probe_radii             1.20 
_refine.pdbx_solvent_ion_probe_radii             0.80 
_refine.pdbx_solvent_shrinkage_radii             0.80 
_refine.pdbx_ls_cross_valid_method               THROUGHOUT 
_refine.details                                  'HYDROGENS HAVE BEEN ADDED IN THE RIDING POSITIONS' 
_refine.pdbx_starting_model                      'PDB ENTRY 1QGV' 
_refine.pdbx_method_to_determine_struct          'MOLECULAR REPLACEMENT' 
_refine.pdbx_isotropic_thermal_model             ? 
_refine.pdbx_stereochemistry_target_values       'MAXIMUM LIKELIHOOD' 
_refine.pdbx_stereochem_target_val_spec_case     ? 
_refine.pdbx_R_Free_selection_details            RANDOM 
_refine.pdbx_overall_ESU_R                       0.110 
_refine.pdbx_overall_ESU_R_Free                  0.118 
_refine.overall_SU_ML                            0.089 
_refine.overall_SU_B                             2.783 
_refine.ls_redundancy_reflns_obs                 ? 
_refine.B_iso_min                                ? 
_refine.B_iso_max                                ? 
_refine.overall_SU_R_Cruickshank_DPI             ? 
_refine.overall_SU_R_free                        ? 
_refine.ls_wR_factor_R_free                      ? 
_refine.ls_wR_factor_R_work                      ? 
_refine.overall_FOM_free_R_set                   ? 
_refine.overall_FOM_work_R_set                   ? 
_refine.pdbx_refine_id                           'X-RAY DIFFRACTION' 
_refine.pdbx_diffrn_id                           1 
_refine.pdbx_TLS_residual_ADP_flag               ? 
_refine.pdbx_overall_phase_error                 ? 
_refine.pdbx_overall_SU_R_free_Cruickshank_DPI   ? 
_refine.pdbx_overall_SU_R_Blow_DPI               ? 
_refine.pdbx_overall_SU_R_free_Blow_DPI          ? 
# 
_refine_hist.pdbx_refine_id                   'X-RAY DIFFRACTION' 
_refine_hist.cycle_id                         LAST 
_refine_hist.pdbx_number_atoms_protein        1115 
_refine_hist.pdbx_number_atoms_nucleic_acid   0 
_refine_hist.pdbx_number_atoms_ligand         4 
_refine_hist.number_atoms_solvent             199 
_refine_hist.number_atoms_total               1318 
_refine_hist.d_res_high                       1.73 
_refine_hist.d_res_low                        41.50 
# 
loop_
_refine_ls_restr.type 
_refine_ls_restr.dev_ideal 
_refine_ls_restr.dev_ideal_target 
_refine_ls_restr.weight 
_refine_ls_restr.number 
_refine_ls_restr.pdbx_refine_id 
_refine_ls_restr.pdbx_restraint_function 
r_bond_refined_d             0.017  0.022  ? 1141 'X-RAY DIFFRACTION' ? 
r_bond_other_d               ?      ?      ? ?    'X-RAY DIFFRACTION' ? 
r_angle_refined_deg          1.459  1.938  ? 1541 'X-RAY DIFFRACTION' ? 
r_angle_other_deg            ?      ?      ? ?    'X-RAY DIFFRACTION' ? 
r_dihedral_angle_1_deg       6.256  5.000  ? 133  'X-RAY DIFFRACTION' ? 
r_dihedral_angle_2_deg       34.611 24.677 ? 62   'X-RAY DIFFRACTION' ? 
r_dihedral_angle_3_deg       13.695 15.000 ? 201  'X-RAY DIFFRACTION' ? 
r_dihedral_angle_4_deg       25.447 15.000 ? 6    'X-RAY DIFFRACTION' ? 
r_chiral_restr               0.114  0.200  ? 163  'X-RAY DIFFRACTION' ? 
r_gen_planes_refined         0.007  0.020  ? 877  'X-RAY DIFFRACTION' ? 
r_gen_planes_other           ?      ?      ? ?    'X-RAY DIFFRACTION' ? 
r_nbd_refined                0.199  0.200  ? 528  'X-RAY DIFFRACTION' ? 
r_nbd_other                  ?      ?      ? ?    'X-RAY DIFFRACTION' ? 
r_nbtor_refined              0.303  0.200  ? 772  'X-RAY DIFFRACTION' ? 
r_nbtor_other                ?      ?      ? ?    'X-RAY DIFFRACTION' ? 
r_xyhbond_nbd_refined        0.171  0.200  ? 145  'X-RAY DIFFRACTION' ? 
r_xyhbond_nbd_other          ?      ?      ? ?    'X-RAY DIFFRACTION' ? 
r_metal_ion_refined          ?      ?      ? ?    'X-RAY DIFFRACTION' ? 
r_metal_ion_other            ?      ?      ? ?    'X-RAY DIFFRACTION' ? 
r_symmetry_vdw_refined       0.228  0.200  ? 43   'X-RAY DIFFRACTION' ? 
r_symmetry_vdw_other         ?      ?      ? ?    'X-RAY DIFFRACTION' ? 
r_symmetry_hbond_refined     0.168  0.200  ? 22   'X-RAY DIFFRACTION' ? 
r_symmetry_hbond_other       ?      ?      ? ?    'X-RAY DIFFRACTION' ? 
r_symmetry_metal_ion_refined ?      ?      ? ?    'X-RAY DIFFRACTION' ? 
r_symmetry_metal_ion_other   ?      ?      ? ?    'X-RAY DIFFRACTION' ? 
r_mcbond_it                  1.217  1.500  ? 704  'X-RAY DIFFRACTION' ? 
r_mcbond_other               ?      ?      ? ?    'X-RAY DIFFRACTION' ? 
r_mcangle_it                 1.735  2.000  ? 1090 'X-RAY DIFFRACTION' ? 
r_scbond_it                  2.753  3.000  ? 514  'X-RAY DIFFRACTION' ? 
r_scangle_it                 4.308  4.500  ? 451  'X-RAY DIFFRACTION' ? 
r_rigid_bond_restr           ?      ?      ? ?    'X-RAY DIFFRACTION' ? 
r_sphericity_free            ?      ?      ? ?    'X-RAY DIFFRACTION' ? 
r_sphericity_bonded          ?      ?      ? ?    'X-RAY DIFFRACTION' ? 
# 
_refine_ls_shell.pdbx_total_number_of_bins_used   20 
_refine_ls_shell.d_res_high                       1.728 
_refine_ls_shell.d_res_low                        1.773 
_refine_ls_shell.number_reflns_R_work             1447 
_refine_ls_shell.R_factor_R_work                  0.373 
_refine_ls_shell.percent_reflns_obs               95.95 
_refine_ls_shell.R_factor_R_free                  0.5 
_refine_ls_shell.R_factor_R_free_error            ? 
_refine_ls_shell.percent_reflns_R_free            ? 
_refine_ls_shell.number_reflns_R_free             46 
_refine_ls_shell.redundancy_reflns_obs            ? 
_refine_ls_shell.number_reflns_all                ? 
_refine_ls_shell.number_reflns_obs                ? 
_refine_ls_shell.pdbx_refine_id                   'X-RAY DIFFRACTION' 
_refine_ls_shell.R_factor_all                     ? 
# 
_struct.entry_id                  2AV4 
_struct.title                     'Crystal structure of Plasmodium yoelii thioredoxin-like protein 4A (DIM1)' 
_struct.pdbx_model_details        ? 
_struct.pdbx_CASP_flag            ? 
_struct.pdbx_model_type_details   ? 
# 
_struct_keywords.entry_id        2AV4 
_struct_keywords.pdbx_keywords   'STRUCTURAL GENOMICS, UNKNOWN FUNCTION' 
_struct_keywords.text            
;thioredoxin-like protein, DIM1, U5 snRNP-specific 15kD protein, Structural Genomics, Structural Genomics Consortium, SGC, UNKNOWN FUNCTION
;
# 
loop_
_struct_asym.id 
_struct_asym.pdbx_blank_PDB_chainid_flag 
_struct_asym.pdbx_modified 
_struct_asym.entity_id 
_struct_asym.details 
A N N 1 ? 
B N N 2 ? 
C N N 2 ? 
D N N 2 ? 
E N N 2 ? 
F N N 3 ? 
# 
_struct_biol.id   1 
# 
loop_
_struct_conf.conf_type_id 
_struct_conf.id 
_struct_conf.pdbx_PDB_helix_id 
_struct_conf.beg_label_comp_id 
_struct_conf.beg_label_asym_id 
_struct_conf.beg_label_seq_id 
_struct_conf.pdbx_beg_PDB_ins_code 
_struct_conf.end_label_comp_id 
_struct_conf.end_label_asym_id 
_struct_conf.end_label_seq_id 
_struct_conf.pdbx_end_PDB_ins_code 
_struct_conf.beg_auth_comp_id 
_struct_conf.beg_auth_asym_id 
_struct_conf.beg_auth_seq_id 
_struct_conf.end_auth_comp_id 
_struct_conf.end_auth_asym_id 
_struct_conf.end_auth_seq_id 
_struct_conf.pdbx_PDB_helix_class 
_struct_conf.details 
_struct_conf.pdbx_PDB_helix_length 
HELX_P HELX_P1 1 SER A 28  ? GLU A 39  ? SER A 28  GLU A 39  1 ? 12 
HELX_P HELX_P2 2 ASP A 53  ? LYS A 71  ? ASP A 53  LYS A 71  1 ? 19 
HELX_P HELX_P3 3 ASN A 126 ? LYS A 143 ? ASN A 126 LYS A 143 1 ? 18 
# 
_struct_conf_type.id          HELX_P 
_struct_conf_type.criteria    ? 
_struct_conf_type.reference   ? 
# 
_struct_sheet.id               A 
_struct_sheet.type             ? 
_struct_sheet.number_strands   6 
_struct_sheet.details          ? 
# 
loop_
_struct_sheet_order.sheet_id 
_struct_sheet_order.range_id_1 
_struct_sheet_order.range_id_2 
_struct_sheet_order.offset 
_struct_sheet_order.sense 
A 1 2 ? parallel      
A 2 3 ? parallel      
A 3 4 ? anti-parallel 
A 4 5 ? anti-parallel 
A 5 6 ? parallel      
# 
loop_
_struct_sheet_range.sheet_id 
_struct_sheet_range.id 
_struct_sheet_range.beg_label_comp_id 
_struct_sheet_range.beg_label_asym_id 
_struct_sheet_range.beg_label_seq_id 
_struct_sheet_range.pdbx_beg_PDB_ins_code 
_struct_sheet_range.end_label_comp_id 
_struct_sheet_range.end_label_asym_id 
_struct_sheet_range.end_label_seq_id 
_struct_sheet_range.pdbx_end_PDB_ins_code 
_struct_sheet_range.beg_auth_comp_id 
_struct_sheet_range.beg_auth_asym_id 
_struct_sheet_range.beg_auth_seq_id 
_struct_sheet_range.end_auth_comp_id 
_struct_sheet_range.end_auth_asym_id 
_struct_sheet_range.end_auth_seq_id 
A 1 GLN A 24  ? HIS A 25  ? GLN A 24  HIS A 25  
A 2 CYS A 74  ? ASP A 80  ? CYS A 74  ASP A 80  
A 3 LEU A 43  ? GLY A 49  ? LEU A 43  GLY A 49  
A 4 VAL A 97  ? TYR A 103 ? VAL A 97  TYR A 103 
A 5 LYS A 106 ? ASP A 111 ? LYS A 106 ASP A 111 
A 6 LEU A 147 ? ILE A 149 ? LEU A 147 ILE A 149 
# 
loop_
_pdbx_struct_sheet_hbond.sheet_id 
_pdbx_struct_sheet_hbond.range_id_1 
_pdbx_struct_sheet_hbond.range_id_2 
_pdbx_struct_sheet_hbond.range_1_label_atom_id 
_pdbx_struct_sheet_hbond.range_1_label_comp_id 
_pdbx_struct_sheet_hbond.range_1_label_asym_id 
_pdbx_struct_sheet_hbond.range_1_label_seq_id 
_pdbx_struct_sheet_hbond.range_1_PDB_ins_code 
_pdbx_struct_sheet_hbond.range_1_auth_atom_id 
_pdbx_struct_sheet_hbond.range_1_auth_comp_id 
_pdbx_struct_sheet_hbond.range_1_auth_asym_id 
_pdbx_struct_sheet_hbond.range_1_auth_seq_id 
_pdbx_struct_sheet_hbond.range_2_label_atom_id 
_pdbx_struct_sheet_hbond.range_2_label_comp_id 
_pdbx_struct_sheet_hbond.range_2_label_asym_id 
_pdbx_struct_sheet_hbond.range_2_label_seq_id 
_pdbx_struct_sheet_hbond.range_2_PDB_ins_code 
_pdbx_struct_sheet_hbond.range_2_auth_atom_id 
_pdbx_struct_sheet_hbond.range_2_auth_comp_id 
_pdbx_struct_sheet_hbond.range_2_auth_asym_id 
_pdbx_struct_sheet_hbond.range_2_auth_seq_id 
A 1 2 N GLN A 24  ? N GLN A 24  O LEU A 78  ? O LEU A 78  
A 2 3 O VAL A 75  ? O VAL A 75  N CYS A 45  ? N CYS A 45  
A 3 4 N VAL A 44  ? N VAL A 44  O PHE A 102 ? O PHE A 102 
A 4 5 N PHE A 101 ? N PHE A 101 O MET A 108 ? O MET A 108 
A 5 6 N ASP A 111 ? N ASP A 111 O VAL A 148 ? O VAL A 148 
# 
loop_
_struct_site.id 
_struct_site.pdbx_evidence_code 
_struct_site.pdbx_auth_asym_id 
_struct_site.pdbx_auth_comp_id 
_struct_site.pdbx_auth_seq_id 
_struct_site.pdbx_auth_ins_code 
_struct_site.pdbx_num_residues 
_struct_site.details 
AC1 Software A CL 1000 ? 3 'BINDING SITE FOR RESIDUE CL A 1000' 
AC2 Software A CL 1001 ? 5 'BINDING SITE FOR RESIDUE CL A 1001' 
AC3 Software A CL 1002 ? 3 'BINDING SITE FOR RESIDUE CL A 1002' 
AC4 Software A CL 1003 ? 3 'BINDING SITE FOR RESIDUE CL A 1003' 
# 
loop_
_struct_site_gen.id 
_struct_site_gen.site_id 
_struct_site_gen.pdbx_num_res 
_struct_site_gen.label_comp_id 
_struct_site_gen.label_asym_id 
_struct_site_gen.label_seq_id 
_struct_site_gen.pdbx_auth_ins_code 
_struct_site_gen.auth_comp_id 
_struct_site_gen.auth_asym_id 
_struct_site_gen.auth_seq_id 
_struct_site_gen.label_atom_id 
_struct_site_gen.label_alt_id 
_struct_site_gen.symmetry 
_struct_site_gen.details 
1  AC1 3 GLN A 24  ? GLN A 24   . ? 4_556  ? 
2  AC1 3 TRP A 30  ? TRP A 30   . ? 1_555  ? 
3  AC1 3 HOH F .   ? HOH A 1181 . ? 1_555  ? 
4  AC2 5 ASN A 27  ? ASN A 27   . ? 4_556  ? 
5  AC2 5 SER A 28  ? SER A 28   . ? 1_555  ? 
6  AC2 5 SER A 28  ? SER A 28   . ? 4_556  ? 
7  AC2 5 ALA A 31  ? ALA A 31   . ? 4_556  ? 
8  AC2 5 HOH F .   ? HOH A 1071 . ? 1_555  ? 
9  AC3 3 ARG A 145 ? ARG A 145  . ? 12_555 ? 
10 AC3 3 GLY A 146 ? GLY A 146  . ? 1_555  ? 
11 AC3 3 LEU A 147 ? LEU A 147  . ? 1_555  ? 
12 AC4 3 ARG A 104 ? ARG A 104  . ? 1_555  ? 
13 AC4 3 HOH F .   ? HOH A 1115 . ? 17_555 ? 
14 AC4 3 HOH F .   ? HOH A 1138 . ? 1_555  ? 
# 
_atom_sites.entry_id                    2AV4 
_atom_sites.fract_transf_matrix[1][1]   0.00962273 
_atom_sites.fract_transf_matrix[1][2]   -0.00415550 
_atom_sites.fract_transf_matrix[1][3]   -0.00076026 
_atom_sites.fract_transf_matrix[2][1]   0.00139877 
_atom_sites.fract_transf_matrix[2][2]   -0.01031480 
_atom_sites.fract_transf_matrix[2][3]   0.00144476 
_atom_sites.fract_transf_matrix[3][1]   -0.00169968 
_atom_sites.fract_transf_matrix[3][2]   -0.00183722 
_atom_sites.fract_transf_matrix[3][3]   -0.01147113 
_atom_sites.fract_transf_vector[1]      0.215388 
_atom_sites.fract_transf_vector[2]      0.150012 
_atom_sites.fract_transf_vector[3]      0.309433 
# 
loop_
_atom_type.symbol 
C  
CL 
N  
O  
S  
# 
loop_
_atom_site.group_PDB 
_atom_site.id 
_atom_site.type_symbol 
_atom_site.label_atom_id 
_atom_site.label_alt_id 
_atom_site.label_comp_id 
_atom_site.label_asym_id 
_atom_site.label_entity_id 
_atom_site.label_seq_id 
_atom_site.pdbx_PDB_ins_code 
_atom_site.Cartn_x 
_atom_site.Cartn_y 
_atom_site.Cartn_z 
_atom_site.occupancy 
_atom_site.B_iso_or_equiv 
_atom_site.pdbx_formal_charge 
_atom_site.auth_seq_id 
_atom_site.auth_comp_id 
_atom_site.auth_asym_id 
_atom_site.auth_atom_id 
_atom_site.pdbx_PDB_model_num 
ATOM   1    N  N   . HIS A 1 5   ? -4.847  -13.188 3.551   1.00 37.35 ? 5    HIS A N   1 
ATOM   2    C  CA  . HIS A 1 5   ? -4.949  -13.668 2.135   1.00 37.29 ? 5    HIS A CA  1 
ATOM   3    C  C   . HIS A 1 5   ? -6.130  -13.073 1.374   1.00 36.18 ? 5    HIS A C   1 
ATOM   4    O  O   . HIS A 1 5   ? -7.308  -13.312 1.681   1.00 35.98 ? 5    HIS A O   1 
ATOM   5    C  CB  . HIS A 1 5   ? -4.915  -15.204 2.033   1.00 38.27 ? 5    HIS A CB  1 
ATOM   6    C  CG  . HIS A 1 5   ? -3.571  -15.777 2.349   1.00 40.92 ? 5    HIS A CG  1 
ATOM   7    N  ND1 . HIS A 1 5   ? -2.529  -15.768 1.445   1.00 43.36 ? 5    HIS A ND1 1 
ATOM   8    C  CD2 . HIS A 1 5   ? -3.076  -16.314 3.489   1.00 42.77 ? 5    HIS A CD2 1 
ATOM   9    C  CE1 . HIS A 1 5   ? -1.454  -16.291 2.008   1.00 44.16 ? 5    HIS A CE1 1 
ATOM   10   N  NE2 . HIS A 1 5   ? -1.759  -16.631 3.249   1.00 45.39 ? 5    HIS A NE2 1 
ATOM   11   N  N   . HIS A 1 6   ? -5.788  -12.276 0.374   1.00 34.30 ? 6    HIS A N   1 
ATOM   12   C  CA  . HIS A 1 6   ? -6.767  -11.546 -0.396  1.00 32.81 ? 6    HIS A CA  1 
ATOM   13   C  C   . HIS A 1 6   ? -7.704  -12.482 -1.177  1.00 33.57 ? 6    HIS A C   1 
ATOM   14   O  O   . HIS A 1 6   ? -7.271  -13.182 -2.099  1.00 33.40 ? 6    HIS A O   1 
ATOM   15   C  CB  . HIS A 1 6   ? -6.049  -10.585 -1.332  1.00 31.65 ? 6    HIS A CB  1 
ATOM   16   C  CG  . HIS A 1 6   ? -6.969  -9.703  -2.099  1.00 27.65 ? 6    HIS A CG  1 
ATOM   17   N  ND1 . HIS A 1 6   ? -7.523  -8.565  -1.559  1.00 23.97 ? 6    HIS A ND1 1 
ATOM   18   C  CD2 . HIS A 1 6   ? -7.441  -9.794  -3.367  1.00 25.77 ? 6    HIS A CD2 1 
ATOM   19   C  CE1 . HIS A 1 6   ? -8.296  -7.993  -2.463  1.00 27.06 ? 6    HIS A CE1 1 
ATOM   20   N  NE2 . HIS A 1 6   ? -8.264  -8.718  -3.568  1.00 24.84 ? 6    HIS A NE2 1 
ATOM   21   N  N   . MET A 1 22  ? 3.463   7.447   -15.370 1.00 34.47 ? 22   MET A N   1 
ATOM   22   C  CA  . MET A 1 22  ? 2.271   7.529   -14.525 1.00 34.69 ? 22   MET A CA  1 
ATOM   23   C  C   . MET A 1 22  ? 2.085   6.209   -13.763 1.00 31.52 ? 22   MET A C   1 
ATOM   24   O  O   . MET A 1 22  ? 2.330   5.124   -14.328 1.00 31.67 ? 22   MET A O   1 
ATOM   25   C  CB  . MET A 1 22  ? 1.035   7.815   -15.390 1.00 34.82 ? 22   MET A CB  1 
ATOM   26   C  CG  . MET A 1 22  ? -0.035  8.654   -14.706 1.00 37.44 ? 22   MET A CG  1 
ATOM   27   S  SD  . MET A 1 22  ? -1.718  8.233   -15.246 1.00 40.93 ? 22   MET A SD  1 
ATOM   28   C  CE  . MET A 1 22  ? -1.692  8.744   -16.975 1.00 41.45 ? 22   MET A CE  1 
ATOM   29   N  N   . LEU A 1 23  ? 1.665   6.300   -12.496 1.00 27.51 ? 23   LEU A N   1 
ATOM   30   C  CA  . LEU A 1 23  ? 1.280   5.118   -11.699 1.00 23.30 ? 23   LEU A CA  1 
ATOM   31   C  C   . LEU A 1 23  ? -0.006  4.493   -12.237 1.00 21.65 ? 23   LEU A C   1 
ATOM   32   O  O   . LEU A 1 23  ? -0.878  5.207   -12.722 1.00 20.88 ? 23   LEU A O   1 
ATOM   33   C  CB  . LEU A 1 23  ? 1.121   5.514   -10.228 1.00 23.68 ? 23   LEU A CB  1 
ATOM   34   C  CG  . LEU A 1 23  ? 2.447   5.942   -9.574  1.00 22.18 ? 23   LEU A CG  1 
ATOM   35   C  CD1 . LEU A 1 23  ? 2.234   6.405   -8.148  1.00 22.24 ? 23   LEU A CD1 1 
ATOM   36   C  CD2 . LEU A 1 23  ? 3.496   4.821   -9.657  1.00 22.49 ? 23   LEU A CD2 1 
ATOM   37   N  N   . GLN A 1 24  ? -0.118  3.168   -12.171 1.00 18.82 ? 24   GLN A N   1 
ATOM   38   C  CA  . GLN A 1 24  ? -1.252  2.494   -12.787 1.00 17.16 ? 24   GLN A CA  1 
ATOM   39   C  C   . GLN A 1 24  ? -2.488  2.592   -11.897 1.00 15.66 ? 24   GLN A C   1 
ATOM   40   O  O   . GLN A 1 24  ? -2.455  2.131   -10.754 1.00 14.67 ? 24   GLN A O   1 
ATOM   41   C  CB  . GLN A 1 24  ? -0.926  1.015   -13.032 1.00 16.82 ? 24   GLN A CB  1 
ATOM   42   C  CG  . GLN A 1 24  ? -2.087  0.230   -13.637 1.00 17.09 ? 24   GLN A CG  1 
ATOM   43   C  CD  . GLN A 1 24  ? -2.406  0.670   -15.073 1.00 18.32 ? 24   GLN A CD  1 
ATOM   44   O  OE1 . GLN A 1 24  ? -1.516  0.656   -15.965 1.00 17.87 ? 24   GLN A OE1 1 
ATOM   45   N  NE2 . GLN A 1 24  ? -3.662  1.070   -15.307 1.00 15.68 ? 24   GLN A NE2 1 
ATOM   46   N  N   . HIS A 1 25  ? -3.577  3.162   -12.411 1.00 14.74 ? 25   HIS A N   1 
ATOM   47   C  CA  . HIS A 1 25  ? -4.858  3.082   -11.713 1.00 14.58 ? 25   HIS A CA  1 
ATOM   48   C  C   . HIS A 1 25  ? -5.545  1.734   -11.983 1.00 15.27 ? 25   HIS A C   1 
ATOM   49   O  O   . HIS A 1 25  ? -5.464  1.200   -13.100 1.00 16.14 ? 25   HIS A O   1 
ATOM   50   C  CB  . HIS A 1 25  ? -5.796  4.204   -12.163 1.00 16.59 ? 25   HIS A CB  1 
ATOM   51   C  CG  . HIS A 1 25  ? -5.998  5.270   -11.138 1.00 19.02 ? 25   HIS A CG  1 
ATOM   52   N  ND1 . HIS A 1 25  ? -5.241  6.420   -11.109 1.00 20.33 ? 25   HIS A ND1 1 
ATOM   53   C  CD2 . HIS A 1 25  ? -6.894  5.378   -10.116 1.00 21.02 ? 25   HIS A CD2 1 
ATOM   54   C  CE1 . HIS A 1 25  ? -5.653  7.192   -10.121 1.00 21.77 ? 25   HIS A CE1 1 
ATOM   55   N  NE2 . HIS A 1 25  ? -6.659  6.587   -9.502  1.00 20.73 ? 25   HIS A NE2 1 
ATOM   56   N  N   . LEU A 1 26  ? -6.213  1.176   -10.974 1.00 14.31 ? 26   LEU A N   1 
ATOM   57   C  CA  . LEU A 1 26  ? -7.014  -0.035  -11.193 1.00 15.30 ? 26   LEU A CA  1 
ATOM   58   C  C   . LEU A 1 26  ? -8.486  0.356   -11.084 1.00 15.99 ? 26   LEU A C   1 
ATOM   59   O  O   . LEU A 1 26  ? -8.876  0.930   -10.067 1.00 15.92 ? 26   LEU A O   1 
ATOM   60   C  CB  . LEU A 1 26  ? -6.627  -1.131  -10.206 1.00 14.66 ? 26   LEU A CB  1 
ATOM   61   C  CG  . LEU A 1 26  ? -5.140  -1.565  -10.217 1.00 16.79 ? 26   LEU A CG  1 
ATOM   62   C  CD1 . LEU A 1 26  ? -4.836  -2.453  -8.998  1.00 17.71 ? 26   LEU A CD1 1 
ATOM   63   C  CD2 . LEU A 1 26  ? -4.772  -2.250  -11.535 1.00 20.57 ? 26   LEU A CD2 1 
ATOM   64   N  N   . ASN A 1 27  ? -9.265  0.042   -12.127 1.00 14.78 ? 27   ASN A N   1 
ATOM   65   C  CA  . ASN A 1 27  ? -10.615 0.605   -12.313 1.00 15.33 ? 27   ASN A CA  1 
ATOM   66   C  C   . ASN A 1 27  ? -11.772 -0.350  -12.019 1.00 14.03 ? 27   ASN A C   1 
ATOM   67   O  O   . ASN A 1 27  ? -12.935 -0.091  -12.402 1.00 14.84 ? 27   ASN A O   1 
ATOM   68   C  CB  . ASN A 1 27  ? -10.721 1.213   -13.732 1.00 15.31 ? 27   ASN A CB  1 
ATOM   69   C  CG  . ASN A 1 27  ? -9.673  2.299   -13.955 1.00 20.51 ? 27   ASN A CG  1 
ATOM   70   O  OD1 . ASN A 1 27  ? -8.765  2.180   -14.799 1.00 25.78 ? 27   ASN A OD1 1 
ATOM   71   N  ND2 . ASN A 1 27  ? -9.736  3.326   -13.125 1.00 22.69 ? 27   ASN A ND2 1 
ATOM   72   N  N   . SER A 1 28  ? -11.469 -1.444  -11.330 1.00 13.45 ? 28   SER A N   1 
ATOM   73   C  CA  . SER A 1 28  ? -12.474 -2.456  -11.039 1.00 13.14 ? 28   SER A CA  1 
ATOM   74   C  C   . SER A 1 28  ? -11.969 -3.406  -9.959  1.00 12.53 ? 28   SER A C   1 
ATOM   75   O  O   . SER A 1 28  ? -10.733 -3.607  -9.788  1.00 11.78 ? 28   SER A O   1 
ATOM   76   C  CB  . SER A 1 28  ? -12.848 -3.262  -12.309 1.00 12.98 ? 28   SER A CB  1 
ATOM   77   O  OG  . SER A 1 28  ? -11.747 -4.019  -12.812 1.00 12.24 ? 28   SER A OG  1 
ATOM   78   N  N   . GLY A 1 29  ? -12.911 -4.005  -9.242  1.00 13.01 ? 29   GLY A N   1 
ATOM   79   C  CA  . GLY A 1 29  ? -12.522 -5.029  -8.258  1.00 12.55 ? 29   GLY A CA  1 
ATOM   80   C  C   . GLY A 1 29  ? -11.784 -6.186  -8.937  1.00 12.69 ? 29   GLY A C   1 
ATOM   81   O  O   . GLY A 1 29  ? -10.805 -6.723  -8.386  1.00 12.89 ? 29   GLY A O   1 
ATOM   82   N  N   . TRP A 1 30  ? -12.214 -6.559  -10.158 1.00 12.85 ? 30   TRP A N   1 
ATOM   83   C  CA  . TRP A 1 30  ? -11.513 -7.598  -10.929 1.00 13.69 ? 30   TRP A CA  1 
ATOM   84   C  C   . TRP A 1 30  ? -10.029 -7.254  -11.106 1.00 13.06 ? 30   TRP A C   1 
ATOM   85   O  O   . TRP A 1 30  ? -9.154  -8.085  -10.860 1.00 13.51 ? 30   TRP A O   1 
ATOM   86   C  CB  . TRP A 1 30  ? -12.189 -7.811  -12.310 1.00 14.21 ? 30   TRP A CB  1 
ATOM   87   C  CG  . TRP A 1 30  ? -11.604 -8.946  -13.134 1.00 15.86 ? 30   TRP A CG  1 
ATOM   88   C  CD1 . TRP A 1 30  ? -12.029 -10.235 -13.168 1.00 16.60 ? 30   TRP A CD1 1 
ATOM   89   C  CD2 . TRP A 1 30  ? -10.477 -8.864  -14.018 1.00 17.93 ? 30   TRP A CD2 1 
ATOM   90   N  NE1 . TRP A 1 30  ? -11.239 -10.973 -14.026 1.00 17.36 ? 30   TRP A NE1 1 
ATOM   91   C  CE2 . TRP A 1 30  ? -10.271 -10.159 -14.554 1.00 18.91 ? 30   TRP A CE2 1 
ATOM   92   C  CE3 . TRP A 1 30  ? -9.616  -7.819  -14.405 1.00 17.81 ? 30   TRP A CE3 1 
ATOM   93   C  CZ2 . TRP A 1 30  ? -9.255  -10.441 -15.482 1.00 16.25 ? 30   TRP A CZ2 1 
ATOM   94   C  CZ3 . TRP A 1 30  ? -8.588  -8.094  -15.330 1.00 17.44 ? 30   TRP A CZ3 1 
ATOM   95   C  CH2 . TRP A 1 30  ? -8.425  -9.407  -15.856 1.00 17.19 ? 30   TRP A CH2 1 
ATOM   96   N  N   . ALA A 1 31  ? -9.766  -6.039  -11.553 1.00 12.02 ? 31   ALA A N   1 
ATOM   97   C  CA  . ALA A 1 31  ? -8.384  -5.573  -11.767 1.00 11.45 ? 31   ALA A CA  1 
ATOM   98   C  C   . ALA A 1 31  ? -7.574  -5.606  -10.464 1.00 11.66 ? 31   ALA A C   1 
ATOM   99   O  O   . ALA A 1 31  ? -6.427  -6.072  -10.477 1.00 11.20 ? 31   ALA A O   1 
ATOM   100  C  CB  . ALA A 1 31  ? -8.357  -4.198  -12.448 1.00 12.38 ? 31   ALA A CB  1 
ATOM   101  N  N   . VAL A 1 32  ? -8.174  -5.188  -9.347  1.00 9.73  ? 32   VAL A N   1 
ATOM   102  C  CA  . VAL A 1 32  ? -7.436  -5.276  -8.050  1.00 11.70 ? 32   VAL A CA  1 
ATOM   103  C  C   . VAL A 1 32  ? -7.089  -6.715  -7.725  1.00 11.16 ? 32   VAL A C   1 
ATOM   104  O  O   . VAL A 1 32  ? -5.944  -7.000  -7.384  1.00 11.96 ? 32   VAL A O   1 
ATOM   105  C  CB  . VAL A 1 32  ? -8.200  -4.657  -6.887  1.00 10.55 ? 32   VAL A CB  1 
ATOM   106  C  CG1 . VAL A 1 32  ? -7.443  -4.935  -5.545  1.00 11.20 ? 32   VAL A CG1 1 
ATOM   107  C  CG2 . VAL A 1 32  ? -8.415  -3.169  -7.149  1.00 10.12 ? 32   VAL A CG2 1 
ATOM   108  N  N   . ASP A 1 33  ? -8.086  -7.603  -7.794  1.00 12.26 ? 33   ASP A N   1 
ATOM   109  C  CA  . ASP A 1 33  ? -7.854  -9.036  -7.556  1.00 14.13 ? 33   ASP A CA  1 
ATOM   110  C  C   . ASP A 1 33  ? -6.681  -9.509  -8.420  1.00 13.94 ? 33   ASP A C   1 
ATOM   111  O  O   . ASP A 1 33  ? -5.775  -10.196 -7.946  1.00 14.24 ? 33   ASP A O   1 
ATOM   112  C  CB  . ASP A 1 33  ? -9.095  -9.868  -7.877  1.00 14.30 ? 33   ASP A CB  1 
ATOM   113  C  CG  . ASP A 1 33  ? -10.227 -9.687  -6.843  1.00 16.19 ? 33   ASP A CG  1 
ATOM   114  O  OD1 . ASP A 1 33  ? -9.980  -9.262  -5.698  1.00 17.78 ? 33   ASP A OD1 1 
ATOM   115  O  OD2 . ASP A 1 33  ? -11.385 -10.032 -7.208  1.00 20.00 ? 33   ASP A OD2 1 
ATOM   116  N  N   . GLN A 1 34  ? -6.720  -9.136  -9.692  1.00 13.94 ? 34   GLN A N   1 
ATOM   117  C  CA  . GLN A 1 34  ? -5.750  -9.613  -10.663 1.00 15.47 ? 34   GLN A CA  1 
ATOM   118  C  C   . GLN A 1 34  ? -4.322  -9.132  -10.356 1.00 14.71 ? 34   GLN A C   1 
ATOM   119  O  O   . GLN A 1 34  ? -3.351  -9.913  -10.456 1.00 16.70 ? 34   GLN A O   1 
ATOM   120  C  CB  . GLN A 1 34  ? -6.190  -9.241  -12.074 1.00 15.56 ? 34   GLN A CB  1 
ATOM   121  C  CG  . GLN A 1 34  ? -7.424  -10.051 -12.540 1.00 19.70 ? 34   GLN A CG  1 
ATOM   122  C  CD  . GLN A 1 34  ? -7.160  -11.548 -12.706 1.00 24.19 ? 34   GLN A CD  1 
ATOM   123  O  OE1 . GLN A 1 34  ? -6.244  -11.956 -13.429 1.00 27.47 ? 34   GLN A OE1 1 
ATOM   124  N  NE2 . GLN A 1 34  ? -7.973  -12.372 -12.052 1.00 26.53 ? 34   GLN A NE2 1 
ATOM   125  N  N   . ALA A 1 35  ? -4.198  -7.875  -9.980  1.00 13.86 ? 35   ALA A N   1 
ATOM   126  C  CA  . ALA A 1 35  ? -2.903  -7.264  -9.720  1.00 14.50 ? 35   ALA A CA  1 
ATOM   127  C  C   . ALA A 1 35  ? -2.280  -7.932  -8.488  1.00 14.12 ? 35   ALA A C   1 
ATOM   128  O  O   . ALA A 1 35  ? -1.047  -8.107  -8.430  1.00 15.67 ? 35   ALA A O   1 
ATOM   129  C  CB  . ALA A 1 35  ? -3.056  -5.753  -9.497  1.00 14.34 ? 35   ALA A CB  1 
ATOM   130  N  N   . ILE A 1 36  ? -3.120  -8.280  -7.509  1.00 13.95 ? 36   ILE A N   1 
ATOM   131  C  CA  . ILE A 1 36  ? -2.646  -8.897  -6.266  1.00 15.00 ? 36   ILE A CA  1 
ATOM   132  C  C   . ILE A 1 36  ? -2.263  -10.361 -6.551  1.00 17.23 ? 36   ILE A C   1 
ATOM   133  O  O   . ILE A 1 36  ? -1.141  -10.776 -6.266  1.00 16.37 ? 36   ILE A O   1 
ATOM   134  C  CB  . ILE A 1 36  ? -3.668  -8.795  -5.132  1.00 14.53 ? 36   ILE A CB  1 
ATOM   135  C  CG1 . ILE A 1 36  ? -3.823  -7.331  -4.736  1.00 13.52 ? 36   ILE A CG1 1 
ATOM   136  C  CG2 . ILE A 1 36  ? -3.238  -9.665  -3.900  1.00 16.29 ? 36   ILE A CG2 1 
ATOM   137  C  CD1 . ILE A 1 36  ? -4.875  -7.080  -3.729  1.00 15.24 ? 36   ILE A CD1 1 
ATOM   138  N  N   . VAL A 1 37  ? -3.165  -11.109 -7.163  1.00 18.27 ? 37   VAL A N   1 
ATOM   139  C  CA  . VAL A 1 37  ? -2.911  -12.552 -7.399  1.00 21.98 ? 37   VAL A CA  1 
ATOM   140  C  C   . VAL A 1 37  ? -1.862  -12.900 -8.468  1.00 23.09 ? 37   VAL A C   1 
ATOM   141  O  O   . VAL A 1 37  ? -1.304  -14.008 -8.448  1.00 25.31 ? 37   VAL A O   1 
ATOM   142  C  CB  . VAL A 1 37  ? -4.222  -13.407 -7.557  1.00 21.70 ? 37   VAL A CB  1 
ATOM   143  C  CG1 . VAL A 1 37  ? -5.198  -13.105 -6.419  1.00 23.31 ? 37   VAL A CG1 1 
ATOM   144  C  CG2 . VAL A 1 37  ? -4.884  -13.203 -8.936  1.00 23.32 ? 37   VAL A CG2 1 
ATOM   145  N  N   . ASN A 1 38  ? -1.556  -11.978 -9.372  1.00 23.71 ? 38   ASN A N   1 
ATOM   146  C  CA  . ASN A 1 38  ? -0.655  -12.314 -10.478 1.00 25.38 ? 38   ASN A CA  1 
ATOM   147  C  C   . ASN A 1 38  ? 0.817   -11.970 -10.242 1.00 24.38 ? 38   ASN A C   1 
ATOM   148  O  O   . ASN A 1 38  ? 1.695   -12.401 -11.004 1.00 25.29 ? 38   ASN A O   1 
ATOM   149  C  CB  . ASN A 1 38  ? -1.194  -11.791 -11.837 1.00 25.51 ? 38   ASN A CB  1 
ATOM   150  C  CG  . ASN A 1 38  ? -2.534  -12.441 -12.216 1.00 30.58 ? 38   ASN A CG  1 
ATOM   151  O  OD1 . ASN A 1 38  ? -2.793  -13.604 -11.877 1.00 36.04 ? 38   ASN A OD1 1 
ATOM   152  N  ND2 . ASN A 1 38  ? -3.409  -11.680 -12.898 1.00 34.76 ? 38   ASN A ND2 1 
ATOM   153  N  N   . GLU A 1 39  ? 1.094   -11.226 -9.167  1.00 22.90 ? 39   GLU A N   1 
ATOM   154  C  CA  . GLU A 1 39  ? 2.434   -10.718 -8.904  1.00 21.68 ? 39   GLU A CA  1 
ATOM   155  C  C   . GLU A 1 39  ? 3.203   -11.685 -7.989  1.00 21.28 ? 39   GLU A C   1 
ATOM   156  O  O   . GLU A 1 39  ? 2.878   -11.804 -6.804  1.00 20.91 ? 39   GLU A O   1 
ATOM   157  C  CB  . GLU A 1 39  ? 2.368   -9.317  -8.267  1.00 22.50 ? 39   GLU A CB  1 
ATOM   158  C  CG  . GLU A 1 39  ? 3.725   -8.738  -7.882  1.00 22.32 ? 39   GLU A CG  1 
ATOM   159  C  CD  . GLU A 1 39  ? 4.639   -8.539  -9.097  1.00 23.91 ? 39   GLU A CD  1 
ATOM   160  O  OE1 . GLU A 1 39  ? 4.132   -8.030  -10.106 1.00 28.26 ? 39   GLU A OE1 1 
ATOM   161  O  OE2 . GLU A 1 39  ? 5.834   -8.898  -9.053  1.00 21.99 ? 39   GLU A OE2 1 
ATOM   162  N  N   . ASP A 1 40  ? 4.217   -12.369 -8.531  1.00 19.91 ? 40   ASP A N   1 
ATOM   163  C  CA  . ASP A 1 40  ? 4.965   -13.356 -7.708  1.00 19.87 ? 40   ASP A CA  1 
ATOM   164  C  C   . ASP A 1 40  ? 6.273   -12.863 -7.106  1.00 19.64 ? 40   ASP A C   1 
ATOM   165  O  O   . ASP A 1 40  ? 6.793   -13.469 -6.155  1.00 18.93 ? 40   ASP A O   1 
ATOM   166  C  CB  . ASP A 1 40  ? 5.237   -14.643 -8.502  1.00 19.79 ? 40   ASP A CB  1 
ATOM   167  C  CG  . ASP A 1 40  ? 3.955   -15.362 -8.921  1.00 22.59 ? 40   ASP A CG  1 
ATOM   168  O  OD1 . ASP A 1 40  ? 2.936   -15.290 -8.207  1.00 25.56 ? 40   ASP A OD1 1 
ATOM   169  O  OD2 . ASP A 1 40  ? 3.988   -16.013 -9.971  1.00 26.53 ? 40   ASP A OD2 1 
ATOM   170  N  N   . GLU A 1 41  ? 6.836   -11.804 -7.681  1.00 19.24 ? 41   GLU A N   1 
ATOM   171  C  CA  . GLU A 1 41  ? 8.173   -11.360 -7.308  1.00 21.50 ? 41   GLU A CA  1 
ATOM   172  C  C   . GLU A 1 41  ? 8.170   -10.205 -6.330  1.00 18.76 ? 41   GLU A C   1 
ATOM   173  O  O   . GLU A 1 41  ? 8.906   -10.217 -5.349  1.00 19.52 ? 41   GLU A O   1 
ATOM   174  C  CB  . GLU A 1 41  ? 8.956   -10.924 -8.556  1.00 21.32 ? 41   GLU A CB  1 
ATOM   175  C  CG  . GLU A 1 41  ? 9.464   -12.102 -9.375  1.00 26.60 ? 41   GLU A CG  1 
ATOM   176  C  CD  . GLU A 1 41  ? 10.414  -11.681 -10.489 1.00 27.65 ? 41   GLU A CD  1 
ATOM   177  O  OE1 . GLU A 1 41  ? 10.241  -12.193 -11.621 1.00 35.79 ? 41   GLU A OE1 1 
ATOM   178  O  OE2 . GLU A 1 41  ? 11.316  -10.832 -10.244 1.00 37.46 ? 41   GLU A OE2 1 
ATOM   179  N  N   . ARG A 1 42  ? 7.361   -9.191  -6.633  1.00 17.53 ? 42   ARG A N   1 
ATOM   180  C  CA  . ARG A 1 42  ? 7.423   -7.937  -5.898  1.00 16.25 ? 42   ARG A CA  1 
ATOM   181  C  C   . ARG A 1 42  ? 6.271   -7.800  -4.901  1.00 14.99 ? 42   ARG A C   1 
ATOM   182  O  O   . ARG A 1 42  ? 5.189   -8.438  -5.043  1.00 13.05 ? 42   ARG A O   1 
ATOM   183  C  CB  . ARG A 1 42  ? 7.430   -6.744  -6.873  1.00 16.54 ? 42   ARG A CB  1 
ATOM   184  C  CG  . ARG A 1 42  ? 8.524   -6.842  -7.966  1.00 19.31 ? 42   ARG A CG  1 
ATOM   185  C  CD  . ARG A 1 42  ? 8.495   -5.645  -8.874  1.00 19.37 ? 42   ARG A CD  1 
ATOM   186  N  NE  . ARG A 1 42  ? 7.402   -5.727  -9.820  1.00 20.88 ? 42   ARG A NE  1 
ATOM   187  C  CZ  . ARG A 1 42  ? 6.981   -4.719  -10.563 1.00 25.56 ? 42   ARG A CZ  1 
ATOM   188  N  NH1 . ARG A 1 42  ? 7.545   -3.505  -10.442 1.00 25.31 ? 42   ARG A NH1 1 
ATOM   189  N  NH2 . ARG A 1 42  ? 5.968   -4.927  -11.407 1.00 25.85 ? 42   ARG A NH2 1 
ATOM   190  N  N   . LEU A 1 43  ? 6.529   -6.953  -3.911  1.00 12.33 ? 43   LEU A N   1 
ATOM   191  C  CA  . LEU A 1 43  ? 5.505   -6.465  -2.991  1.00 12.63 ? 43   LEU A CA  1 
ATOM   192  C  C   . LEU A 1 43  ? 4.489   -5.662  -3.844  1.00 12.26 ? 43   LEU A C   1 
ATOM   193  O  O   . LEU A 1 43  ? 4.882   -4.904  -4.732  1.00 13.00 ? 43   LEU A O   1 
ATOM   194  C  CB  . LEU A 1 43  ? 6.186   -5.569  -1.951  1.00 12.38 ? 43   LEU A CB  1 
ATOM   195  C  CG  . LEU A 1 43  ? 5.387   -5.234  -0.701  1.00 14.68 ? 43   LEU A CG  1 
ATOM   196  C  CD1 . LEU A 1 43  ? 5.026   -6.513  0.071   1.00 13.96 ? 43   LEU A CD1 1 
ATOM   197  C  CD2 . LEU A 1 43  ? 6.091   -4.179  0.194   1.00 13.90 ? 43   LEU A CD2 1 
ATOM   198  N  N   . VAL A 1 44  ? 3.213   -5.842  -3.606  1.00 11.69 ? 44   VAL A N   1 
ATOM   199  C  CA  . VAL A 1 44  ? 2.199   -5.031  -4.274  1.00 10.88 ? 44   VAL A CA  1 
ATOM   200  C  C   . VAL A 1 44  ? 1.722   -3.960  -3.274  1.00 11.29 ? 44   VAL A C   1 
ATOM   201  O  O   . VAL A 1 44  ? 1.270   -4.302  -2.196  1.00 11.28 ? 44   VAL A O   1 
ATOM   202  C  CB  . VAL A 1 44  ? 0.985   -5.874  -4.704  1.00 11.39 ? 44   VAL A CB  1 
ATOM   203  C  CG1 . VAL A 1 44  ? -0.109  -4.987  -5.297  1.00 11.46 ? 44   VAL A CG1 1 
ATOM   204  C  CG2 . VAL A 1 44  ? 1.408   -6.917  -5.735  1.00 13.23 ? 44   VAL A CG2 1 
ATOM   205  N  N   . CYS A 1 45  ? 1.828   -2.698  -3.659  1.00 10.76 ? 45   CYS A N   1 
ATOM   206  C  CA  . CYS A 1 45  ? 1.423   -1.591  -2.810  1.00 9.74  ? 45   CYS A CA  1 
ATOM   207  C  C   . CYS A 1 45  ? 0.187   -1.034  -3.477  1.00 10.88 ? 45   CYS A C   1 
ATOM   208  O  O   . CYS A 1 45  ? 0.244   -0.594  -4.623  1.00 10.37 ? 45   CYS A O   1 
ATOM   209  C  CB  . CYS A 1 45  ? 2.523   -0.508  -2.768  1.00 12.10 ? 45   CYS A CB  1 
ATOM   210  S  SG  . CYS A 1 45  ? 2.033   0.985   -1.925  1.00 12.77 ? 45   CYS A SG  1 
ATOM   211  N  N   . ILE A 1 46  ? -0.920  -1.051  -2.755  1.00 11.33 ? 46   ILE A N   1 
ATOM   212  C  CA  . ILE A 1 46  ? -2.160  -0.434  -3.234  1.00 10.39 ? 46   ILE A CA  1 
ATOM   213  C  C   . ILE A 1 46  ? -2.519  0.813   -2.402  1.00 9.67  ? 46   ILE A C   1 
ATOM   214  O  O   . ILE A 1 46  ? -2.639  0.760   -1.182  1.00 8.58  ? 46   ILE A O   1 
ATOM   215  C  CB  . ILE A 1 46  ? -3.325  -1.426  -3.267  1.00 11.85 ? 46   ILE A CB  1 
ATOM   216  C  CG1 . ILE A 1 46  ? -2.992  -2.574  -4.266  1.00 10.36 ? 46   ILE A CG1 1 
ATOM   217  C  CG2 . ILE A 1 46  ? -4.581  -0.701  -3.776  1.00 11.85 ? 46   ILE A CG2 1 
ATOM   218  C  CD1 . ILE A 1 46  ? -3.927  -3.652  -4.294  1.00 18.64 ? 46   ILE A CD1 1 
ATOM   219  N  N   . ARG A 1 47  ? -2.693  1.931   -3.084  1.00 9.09  ? 47   ARG A N   1 
ATOM   220  C  CA  . ARG A 1 47  ? -3.187  3.113   -2.396  1.00 8.82  ? 47   ARG A CA  1 
ATOM   221  C  C   . ARG A 1 47  ? -4.702  3.193   -2.616  1.00 9.11  ? 47   ARG A C   1 
ATOM   222  O  O   . ARG A 1 47  ? -5.154  3.545   -3.702  1.00 7.89  ? 47   ARG A O   1 
ATOM   223  C  CB  . ARG A 1 47  ? -2.440  4.371   -2.868  1.00 9.10  ? 47   ARG A CB  1 
ATOM   224  C  CG  . ARG A 1 47  ? -2.846  5.656   -2.045  1.00 7.80  ? 47   ARG A CG  1 
ATOM   225  C  CD  . ARG A 1 47  ? -4.189  6.176   -2.516  1.00 11.87 ? 47   ARG A CD  1 
ATOM   226  N  NE  . ARG A 1 47  ? -4.141  6.897   -3.785  1.00 10.18 ? 47   ARG A NE  1 
ATOM   227  C  CZ  . ARG A 1 47  ? -5.161  6.973   -4.660  1.00 12.45 ? 47   ARG A CZ  1 
ATOM   228  N  NH1 . ARG A 1 47  ? -6.267  6.252   -4.529  1.00 12.21 ? 47   ARG A NH1 1 
ATOM   229  N  NH2 . ARG A 1 47  ? -5.042  7.719   -5.736  1.00 11.00 ? 47   ARG A NH2 1 
ATOM   230  N  N   . PHE A 1 48  ? -5.476  2.819   -1.587  1.00 8.75  ? 48   PHE A N   1 
ATOM   231  C  CA  . PHE A 1 48  ? -6.946  2.902   -1.597  1.00 9.21  ? 48   PHE A CA  1 
ATOM   232  C  C   . PHE A 1 48  ? -7.322  4.308   -1.087  1.00 10.21 ? 48   PHE A C   1 
ATOM   233  O  O   . PHE A 1 48  ? -7.047  4.641   0.058   1.00 10.95 ? 48   PHE A O   1 
ATOM   234  C  CB  . PHE A 1 48  ? -7.583  1.839   -0.649  1.00 9.62  ? 48   PHE A CB  1 
ATOM   235  C  CG  . PHE A 1 48  ? -7.478  0.405   -1.160  1.00 9.09  ? 48   PHE A CG  1 
ATOM   236  C  CD1 . PHE A 1 48  ? -8.288  -0.081  -2.191  1.00 13.62 ? 48   PHE A CD1 1 
ATOM   237  C  CD2 . PHE A 1 48  ? -6.607  -0.472  -0.527  1.00 13.59 ? 48   PHE A CD2 1 
ATOM   238  C  CE1 . PHE A 1 48  ? -8.190  -1.424  -2.629  1.00 14.45 ? 48   PHE A CE1 1 
ATOM   239  C  CE2 . PHE A 1 48  ? -6.486  -1.812  -0.946  1.00 15.97 ? 48   PHE A CE2 1 
ATOM   240  C  CZ  . PHE A 1 48  ? -7.275  -2.292  -1.994  1.00 13.96 ? 48   PHE A CZ  1 
ATOM   241  N  N   . GLY A 1 49  ? -7.937  5.142   -1.913  1.00 8.10  ? 49   GLY A N   1 
ATOM   242  C  CA  . GLY A 1 49  ? -8.244  6.494   -1.431  1.00 10.37 ? 49   GLY A CA  1 
ATOM   243  C  C   . GLY A 1 49  ? -9.421  7.200   -2.055  1.00 10.06 ? 49   GLY A C   1 
ATOM   244  O  O   . GLY A 1 49  ? -9.949  6.769   -3.065  1.00 10.45 ? 49   GLY A O   1 
ATOM   245  N  N   . HIS A 1 50  ? -9.822  8.305   -1.417  1.00 10.92 ? 50   HIS A N   1 
ATOM   246  C  CA  . HIS A 1 50  ? -10.691 9.296   -2.078  1.00 10.77 ? 50   HIS A CA  1 
ATOM   247  C  C   . HIS A 1 50  ? -9.722  10.233  -2.814  1.00 10.84 ? 50   HIS A C   1 
ATOM   248  O  O   . HIS A 1 50  ? -9.137  11.136  -2.195  1.00 9.94  ? 50   HIS A O   1 
ATOM   249  C  CB  . HIS A 1 50  ? -11.501 10.074  -1.026  1.00 12.59 ? 50   HIS A CB  1 
ATOM   250  C  CG  . HIS A 1 50  ? -12.227 9.195   -0.052  1.00 14.28 ? 50   HIS A CG  1 
ATOM   251  N  ND1 . HIS A 1 50  ? -12.506 9.573   1.248   1.00 19.41 ? 50   HIS A ND1 1 
ATOM   252  C  CD2 . HIS A 1 50  ? -12.683 7.922   -0.183  1.00 15.14 ? 50   HIS A CD2 1 
ATOM   253  C  CE1 . HIS A 1 50  ? -13.133 8.581   1.865   1.00 18.42 ? 50   HIS A CE1 1 
ATOM   254  N  NE2 . HIS A 1 50  ? -13.229 7.560   1.027   1.00 14.98 ? 50   HIS A NE2 1 
ATOM   255  N  N   . ASP A 1 51  ? -9.537  9.999   -4.113  1.00 11.17 ? 51   ASP A N   1 
ATOM   256  C  CA  . ASP A 1 51  ? -8.460  10.668  -4.865  1.00 12.24 ? 51   ASP A CA  1 
ATOM   257  C  C   . ASP A 1 51  ? -8.462  12.206  -4.741  1.00 12.40 ? 51   ASP A C   1 
ATOM   258  O  O   . ASP A 1 51  ? -7.405  12.808  -4.744  1.00 11.36 ? 51   ASP A O   1 
ATOM   259  C  CB  . ASP A 1 51  ? -8.456  10.285  -6.357  1.00 13.15 ? 51   ASP A CB  1 
ATOM   260  C  CG  . ASP A 1 51  ? -8.053  8.823   -6.599  1.00 14.62 ? 51   ASP A CG  1 
ATOM   261  O  OD1 . ASP A 1 51  ? -8.381  7.963   -5.750  1.00 12.55 ? 51   ASP A OD1 1 
ATOM   262  O  OD2 . ASP A 1 51  ? -7.390  8.553   -7.616  1.00 18.94 ? 51   ASP A OD2 1 
ATOM   263  N  N   . TYR A 1 52  ? -9.642  12.805  -4.667  1.00 12.52 ? 52   TYR A N   1 
ATOM   264  C  CA  . TYR A 1 52  ? -9.717  14.297  -4.595  1.00 13.31 ? 52   TYR A CA  1 
ATOM   265  C  C   . TYR A 1 52  ? -9.259  14.867  -3.227  1.00 12.93 ? 52   TYR A C   1 
ATOM   266  O  O   . TYR A 1 52  ? -8.903  16.044  -3.117  1.00 14.07 ? 52   TYR A O   1 
ATOM   267  C  CB  . TYR A 1 52  ? -11.138 14.755  -4.923  1.00 12.87 ? 52   TYR A CB  1 
ATOM   268  C  CG  . TYR A 1 52  ? -12.150 14.339  -3.860  1.00 12.45 ? 52   TYR A CG  1 
ATOM   269  C  CD1 . TYR A 1 52  ? -12.256 15.055  -2.646  1.00 13.42 ? 52   TYR A CD1 1 
ATOM   270  C  CD2 . TYR A 1 52  ? -12.986 13.235  -4.065  1.00 13.54 ? 52   TYR A CD2 1 
ATOM   271  C  CE1 . TYR A 1 52  ? -13.180 14.668  -1.670  1.00 15.23 ? 52   TYR A CE1 1 
ATOM   272  C  CE2 . TYR A 1 52  ? -13.915 12.848  -3.107  1.00 15.21 ? 52   TYR A CE2 1 
ATOM   273  C  CZ  . TYR A 1 52  ? -14.002 13.568  -1.917  1.00 14.50 ? 52   TYR A CZ  1 
ATOM   274  O  OH  . TYR A 1 52  ? -14.911 13.171  -0.996  1.00 16.49 ? 52   TYR A OH  1 
ATOM   275  N  N   . ASP A 1 53  ? -9.331  14.049  -2.174  1.00 13.71 ? 53   ASP A N   1 
ATOM   276  C  CA  . ASP A 1 53  ? -9.012  14.512  -0.831  1.00 13.42 ? 53   ASP A CA  1 
ATOM   277  C  C   . ASP A 1 53  ? -7.530  14.994  -0.734  1.00 12.85 ? 53   ASP A C   1 
ATOM   278  O  O   . ASP A 1 53  ? -6.645  14.326  -1.286  1.00 12.76 ? 53   ASP A O   1 
ATOM   279  C  CB  . ASP A 1 53  ? -9.318  13.421  0.181   1.00 13.67 ? 53   ASP A CB  1 
ATOM   280  C  CG  . ASP A 1 53  ? -9.073  13.880  1.621   1.00 15.69 ? 53   ASP A CG  1 
ATOM   281  O  OD1 . ASP A 1 53  ? -10.047 14.128  2.347   1.00 17.51 ? 53   ASP A OD1 1 
ATOM   282  O  OD2 . ASP A 1 53  ? -7.906  13.987  2.036   1.00 18.17 ? 53   ASP A OD2 1 
ATOM   283  N  N   . PRO A 1 54  ? -7.273  16.159  -0.082  1.00 13.74 ? 54   PRO A N   1 
ATOM   284  C  CA  . PRO A 1 54  ? -5.868  16.682  -0.045  1.00 13.60 ? 54   PRO A CA  1 
ATOM   285  C  C   . PRO A 1 54  ? -4.851  15.698  0.551   1.00 13.83 ? 54   PRO A C   1 
ATOM   286  O  O   . PRO A 1 54  ? -3.696  15.681  0.114   1.00 13.62 ? 54   PRO A O   1 
ATOM   287  C  CB  . PRO A 1 54  ? -5.966  17.950  0.825   1.00 13.95 ? 54   PRO A CB  1 
ATOM   288  C  CG  . PRO A 1 54  ? -7.463  18.391  0.718   1.00 14.61 ? 54   PRO A CG  1 
ATOM   289  C  CD  . PRO A 1 54  ? -8.228  17.077  0.600   1.00 13.81 ? 54   PRO A CD  1 
ATOM   290  N  N   . ASP A 1 55  ? -5.284  14.893  1.525   1.00 13.49 ? 55   ASP A N   1 
ATOM   291  C  CA  . ASP A 1 55  ? -4.408  13.912  2.151   1.00 13.38 ? 55   ASP A CA  1 
ATOM   292  C  C   . ASP A 1 55  ? -4.067  12.795  1.136   1.00 13.74 ? 55   ASP A C   1 
ATOM   293  O  O   . ASP A 1 55  ? -2.934  12.282  1.101   1.00 13.86 ? 55   ASP A O   1 
ATOM   294  C  CB  . ASP A 1 55  ? -5.072  13.316  3.395   1.00 13.68 ? 55   ASP A CB  1 
ATOM   295  C  CG  . ASP A 1 55  ? -5.086  14.303  4.588   1.00 15.99 ? 55   ASP A CG  1 
ATOM   296  O  OD1 . ASP A 1 55  ? -4.317  15.297  4.601   1.00 15.32 ? 55   ASP A OD1 1 
ATOM   297  O  OD2 . ASP A 1 55  ? -5.891  14.077  5.489   1.00 19.05 ? 55   ASP A OD2 1 
ATOM   298  N  N   . CYS A 1 56  ? -5.039  12.431  0.316   1.00 12.09 ? 56   CYS A N   1 
ATOM   299  C  CA  . CYS A 1 56  ? -4.769  11.442  -0.713  1.00 12.44 ? 56   CYS A CA  1 
ATOM   300  C  C   . CYS A 1 56  ? -3.809  12.038  -1.737  1.00 13.41 ? 56   CYS A C   1 
ATOM   301  O  O   . CYS A 1 56  ? -2.849  11.385  -2.154  1.00 13.12 ? 56   CYS A O   1 
ATOM   302  C  CB  . CYS A 1 56  ? -6.049  10.969  -1.372  1.00 12.91 ? 56   CYS A CB  1 
ATOM   303  S  SG  . CYS A 1 56  ? -5.842  9.537   -2.408  1.00 13.56 ? 56   CYS A SG  1 
ATOM   304  N  N   . MET A 1 57  ? -4.077  13.281  -2.153  1.00 12.45 ? 57   MET A N   1 
ATOM   305  C  CA  . MET A 1 57  ? -3.195  13.948  -3.096  1.00 13.36 ? 57   MET A CA  1 
ATOM   306  C  C   . MET A 1 57  ? -1.773  14.074  -2.528  1.00 12.36 ? 57   MET A C   1 
ATOM   307  O  O   . MET A 1 57  ? -0.813  13.818  -3.218  1.00 13.08 ? 57   MET A O   1 
ATOM   308  C  CB  . MET A 1 57  ? -3.791  15.318  -3.448  1.00 12.22 ? 57   MET A CB  1 
ATOM   309  C  CG  . MET A 1 57  ? -5.109  15.185  -4.269  1.00 14.66 ? 57   MET A CG  1 
ATOM   310  S  SD  . MET A 1 57  ? -5.791  16.833  -4.629  1.00 15.71 ? 57   MET A SD  1 
ATOM   311  C  CE  . MET A 1 57  ? -4.621  17.356  -5.866  1.00 14.66 ? 57   MET A CE  1 
ATOM   312  N  N   . LYS A 1 58  ? -1.660  14.430  -1.247  1.00 13.58 ? 58   LYS A N   1 
ATOM   313  C  CA  . LYS A 1 58  ? -0.346  14.508  -0.560  1.00 14.49 ? 58   LYS A CA  1 
ATOM   314  C  C   . LYS A 1 58  ? 0.406   13.146  -0.594  1.00 14.09 ? 58   LYS A C   1 
ATOM   315  O  O   . LYS A 1 58  ? 1.572   13.075  -1.006  1.00 13.19 ? 58   LYS A O   1 
ATOM   316  C  CB  . LYS A 1 58  ? -0.531  15.015  0.858   1.00 14.15 ? 58   LYS A CB  1 
ATOM   317  C  CG  . LYS A 1 58  ? -0.911  16.500  0.901   1.00 15.83 ? 58   LYS A CG  1 
ATOM   318  C  CD  . LYS A 1 58  ? -1.195  17.033  2.314   1.00 18.81 ? 58   LYS A CD  1 
ATOM   319  C  CE  . LYS A 1 58  ? -1.789  18.443  2.208   1.00 23.70 ? 58   LYS A CE  1 
ATOM   320  N  NZ  . LYS A 1 58  ? -2.279  18.972  3.532   1.00 27.52 ? 58   LYS A NZ  1 
ATOM   321  N  N   . MET A 1 59  ? -0.287  12.070  -0.209  1.00 13.64 ? 59   MET A N   1 
ATOM   322  C  CA  . MET A 1 59  ? 0.306   10.729  -0.305  1.00 14.13 ? 59   MET A CA  1 
ATOM   323  C  C   . MET A 1 59  ? 0.722   10.371  -1.731  1.00 13.82 ? 59   MET A C   1 
ATOM   324  O  O   . MET A 1 59  ? 1.812   9.833   -1.930  1.00 13.67 ? 59   MET A O   1 
ATOM   325  C  CB  . MET A 1 59  ? -0.617  9.649   0.275   1.00 15.16 ? 59   MET A CB  1 
ATOM   326  C  CG  . MET A 1 59  ? 0.096   8.265   0.428   1.00 17.81 ? 59   MET A CG  1 
ATOM   327  S  SD  . MET A 1 59  ? 1.523   8.434   1.520   1.00 21.18 ? 59   MET A SD  1 
ATOM   328  C  CE  . MET A 1 59  ? 2.011   6.738   1.915   1.00 22.76 ? 59   MET A CE  1 
ATOM   329  N  N   . ASP A 1 60  ? -0.114  10.677  -2.727  1.00 12.72 ? 60   ASP A N   1 
ATOM   330  C  CA  . ASP A 1 60  ? 0.221   10.354  -4.138  1.00 13.18 ? 60   ASP A CA  1 
ATOM   331  C  C   . ASP A 1 60  ? 1.505   11.055  -4.607  1.00 13.09 ? 60   ASP A C   1 
ATOM   332  O  O   . ASP A 1 60  ? 2.287   10.464  -5.323  1.00 12.04 ? 60   ASP A O   1 
ATOM   333  C  CB  . ASP A 1 60  ? -0.936  10.634  -5.090  1.00 13.68 ? 60   ASP A CB  1 
ATOM   334  C  CG  . ASP A 1 60  ? -2.102  9.655   -4.920  1.00 14.79 ? 60   ASP A CG  1 
ATOM   335  O  OD1 . ASP A 1 60  ? -1.953  8.639   -4.188  1.00 14.59 ? 60   ASP A OD1 1 
ATOM   336  O  OD2 . ASP A 1 60  ? -3.171  9.914   -5.528  1.00 12.36 ? 60   ASP A OD2 1 
ATOM   337  N  N   . GLU A 1 61  ? 1.732   12.286  -4.157  1.00 13.68 ? 61   GLU A N   1 
ATOM   338  C  CA  . GLU A 1 61  ? 2.974   12.993  -4.542  1.00 16.10 ? 61   GLU A CA  1 
ATOM   339  C  C   . GLU A 1 61  ? 4.185   12.184  -4.080  1.00 14.92 ? 61   GLU A C   1 
ATOM   340  O  O   . GLU A 1 61  ? 5.177   12.008  -4.850  1.00 14.52 ? 61   GLU A O   1 
ATOM   341  C  CB  . GLU A 1 61  ? 3.027   14.398  -3.915  1.00 15.81 ? 61   GLU A CB  1 
ATOM   342  C  CG  . GLU A 1 61  ? 1.984   15.399  -4.452  1.00 21.22 ? 61   GLU A CG  1 
ATOM   343  C  CD  . GLU A 1 61  ? 2.212   16.806  -3.884  1.00 22.42 ? 61   GLU A CD  1 
ATOM   344  O  OE1 . GLU A 1 61  ? 3.406   17.233  -3.841  1.00 28.72 ? 61   GLU A OE1 1 
ATOM   345  O  OE2 . GLU A 1 61  ? 1.222   17.467  -3.444  1.00 30.51 ? 61   GLU A OE2 1 
ATOM   346  N  N   . LEU A 1 62  ? 4.085   11.687  -2.848  1.00 14.50 ? 62   LEU A N   1 
ATOM   347  C  CA  . LEU A 1 62  ? 5.147   10.862  -2.241  1.00 15.13 ? 62   LEU A CA  1 
ATOM   348  C  C   . LEU A 1 62  ? 5.305   9.582   -3.071  1.00 13.95 ? 62   LEU A C   1 
ATOM   349  O  O   . LEU A 1 62  ? 6.421   9.230   -3.443  1.00 14.20 ? 62   LEU A O   1 
ATOM   350  C  CB  . LEU A 1 62  ? 4.851   10.547  -0.772  1.00 15.70 ? 62   LEU A CB  1 
ATOM   351  C  CG  . LEU A 1 62  ? 5.883   9.665   -0.014  1.00 16.61 ? 62   LEU A CG  1 
ATOM   352  C  CD1 . LEU A 1 62  ? 7.294   10.179  -0.234  1.00 19.68 ? 62   LEU A CD1 1 
ATOM   353  C  CD2 . LEU A 1 62  ? 5.585   9.689   1.467   1.00 17.58 ? 62   LEU A CD2 1 
ATOM   354  N  N   . LEU A 1 63  ? 4.193   8.895   -3.376  1.00 12.91 ? 63   LEU A N   1 
ATOM   355  C  CA  . LEU A 1 63  ? 4.284   7.648   -4.171  1.00 12.24 ? 63   LEU A CA  1 
ATOM   356  C  C   . LEU A 1 63  ? 4.988   7.886   -5.529  1.00 13.11 ? 63   LEU A C   1 
ATOM   357  O  O   . LEU A 1 63  ? 5.799   7.074   -5.960  1.00 12.96 ? 63   LEU A O   1 
ATOM   358  C  CB  . LEU A 1 63  ? 2.897   7.011   -4.352  1.00 11.98 ? 63   LEU A CB  1 
ATOM   359  C  CG  . LEU A 1 63  ? 2.273   6.543   -3.022  1.00 9.38  ? 63   LEU A CG  1 
ATOM   360  C  CD1 . LEU A 1 63  ? 0.795   6.165   -3.202  1.00 10.73 ? 63   LEU A CD1 1 
ATOM   361  C  CD2 . LEU A 1 63  ? 3.109   5.356   -2.367  1.00 9.77  ? 63   LEU A CD2 1 
ATOM   362  N  N   . TYR A 1 64  ? 4.657   8.997   -6.199  1.00 14.01 ? 64   TYR A N   1 
ATOM   363  C  CA  . TYR A 1 64  ? 5.288   9.322   -7.457  1.00 16.71 ? 64   TYR A CA  1 
ATOM   364  C  C   . TYR A 1 64  ? 6.793   9.539   -7.281  1.00 16.93 ? 64   TYR A C   1 
ATOM   365  O  O   . TYR A 1 64  ? 7.538   9.137   -8.148  1.00 17.82 ? 64   TYR A O   1 
ATOM   366  C  CB  . TYR A 1 64  ? 4.658   10.541  -8.092  1.00 18.56 ? 64   TYR A CB  1 
ATOM   367  C  CG  . TYR A 1 64  ? 3.542   10.147  -9.001  1.00 21.46 ? 64   TYR A CG  1 
ATOM   368  C  CD1 . TYR A 1 64  ? 2.216   10.291  -8.609  1.00 24.36 ? 64   TYR A CD1 1 
ATOM   369  C  CD2 . TYR A 1 64  ? 3.815   9.613   -10.264 1.00 24.58 ? 64   TYR A CD2 1 
ATOM   370  C  CE1 . TYR A 1 64  ? 1.170   9.923   -9.454  1.00 27.11 ? 64   TYR A CE1 1 
ATOM   371  C  CE2 . TYR A 1 64  ? 2.770   9.245   -11.122 1.00 26.98 ? 64   TYR A CE2 1 
ATOM   372  C  CZ  . TYR A 1 64  ? 1.457   9.400   -10.698 1.00 24.37 ? 64   TYR A CZ  1 
ATOM   373  O  OH  . TYR A 1 64  ? 0.435   9.040   -11.538 1.00 26.02 ? 64   TYR A OH  1 
ATOM   374  N  N   . LYS A 1 65  ? 7.198   10.139  -6.171  1.00 16.89 ? 65   LYS A N   1 
ATOM   375  C  CA  . LYS A 1 65  ? 8.616   10.425  -5.881  1.00 18.59 ? 65   LYS A CA  1 
ATOM   376  C  C   . LYS A 1 65  ? 9.450   9.153   -5.620  1.00 18.08 ? 65   LYS A C   1 
ATOM   377  O  O   . LYS A 1 65  ? 10.663  9.123   -5.902  1.00 18.45 ? 65   LYS A O   1 
ATOM   378  C  CB  . LYS A 1 65  ? 8.746   11.360  -4.680  1.00 18.29 ? 65   LYS A CB  1 
ATOM   379  C  CG  . LYS A 1 65  ? 8.368   12.833  -4.963  1.00 20.22 ? 65   LYS A CG  1 
ATOM   380  C  CD  . LYS A 1 65  ? 8.456   13.634  -3.660  1.00 22.77 ? 65   LYS A CD  1 
ATOM   381  C  CE  . LYS A 1 65  ? 7.760   15.014  -3.765  1.00 29.45 ? 65   LYS A CE  1 
ATOM   382  N  NZ  . LYS A 1 65  ? 7.986   15.746  -5.058  1.00 30.89 ? 65   LYS A NZ  1 
ATOM   383  N  N   . VAL A 1 66  ? 8.825   8.133   -5.034  1.00 16.10 ? 66   VAL A N   1 
ATOM   384  C  CA  . VAL A 1 66  ? 9.573   6.921   -4.635  1.00 16.72 ? 66   VAL A CA  1 
ATOM   385  C  C   . VAL A 1 66  ? 9.433   5.754   -5.633  1.00 16.07 ? 66   VAL A C   1 
ATOM   386  O  O   . VAL A 1 66  ? 10.137  4.738   -5.528  1.00 17.58 ? 66   VAL A O   1 
ATOM   387  C  CB  . VAL A 1 66  ? 9.198   6.448   -3.189  1.00 15.32 ? 66   VAL A CB  1 
ATOM   388  C  CG1 . VAL A 1 66  ? 9.395   7.591   -2.173  1.00 17.16 ? 66   VAL A CG1 1 
ATOM   389  C  CG2 . VAL A 1 66  ? 7.716   5.947   -3.152  1.00 14.47 ? 66   VAL A CG2 1 
ATOM   390  N  N   . ALA A 1 67  ? 8.498   5.856   -6.569  1.00 16.27 ? 67   ALA A N   1 
ATOM   391  C  CA  . ALA A 1 67  ? 8.144   4.676   -7.403  1.00 16.56 ? 67   ALA A CA  1 
ATOM   392  C  C   . ALA A 1 67  ? 9.334   4.074   -8.202  1.00 17.54 ? 67   ALA A C   1 
ATOM   393  O  O   . ALA A 1 67  ? 9.476   2.861   -8.310  1.00 16.90 ? 67   ALA A O   1 
ATOM   394  C  CB  . ALA A 1 67  ? 6.955   4.970   -8.331  1.00 16.83 ? 67   ALA A CB  1 
ATOM   395  N  N   . ASP A 1 68  ? 10.168  4.937   -8.771  1.00 18.06 ? 68   ASP A N   1 
ATOM   396  C  CA  . ASP A 1 68  ? 11.335  4.453   -9.502  1.00 20.13 ? 68   ASP A CA  1 
ATOM   397  C  C   . ASP A 1 68  ? 12.364  3.833   -8.566  1.00 19.90 ? 68   ASP A C   1 
ATOM   398  O  O   . ASP A 1 68  ? 12.955  2.817   -8.913  1.00 21.00 ? 68   ASP A O   1 
ATOM   399  C  CB  . ASP A 1 68  ? 12.004  5.593   -10.270 1.00 20.53 ? 68   ASP A CB  1 
ATOM   400  C  CG  . ASP A 1 68  ? 13.119  5.097   -11.181 1.00 23.38 ? 68   ASP A CG  1 
ATOM   401  O  OD1 . ASP A 1 68  ? 12.848  4.360   -12.157 1.00 25.40 ? 68   ASP A OD1 1 
ATOM   402  O  OD2 . ASP A 1 68  ? 14.279  5.433   -10.881 1.00 29.06 ? 68   ASP A OD2 1 
ATOM   403  N  N   . ASP A 1 69  ? 12.599  4.467   -7.413  1.00 20.04 ? 69   ASP A N   1 
ATOM   404  C  CA  . ASP A 1 69  ? 13.520  3.934   -6.390  1.00 20.26 ? 69   ASP A CA  1 
ATOM   405  C  C   . ASP A 1 69  ? 13.170  2.505   -5.946  1.00 20.32 ? 69   ASP A C   1 
ATOM   406  O  O   . ASP A 1 69  ? 14.066  1.693   -5.754  1.00 20.78 ? 69   ASP A O   1 
ATOM   407  C  CB  . ASP A 1 69  ? 13.624  4.874   -5.186  1.00 21.17 ? 69   ASP A CB  1 
ATOM   408  C  CG  . ASP A 1 69  ? 14.372  6.173   -5.535  1.00 25.16 ? 69   ASP A CG  1 
ATOM   409  O  OD1 . ASP A 1 69  ? 15.269  6.105   -6.414  1.00 27.40 ? 69   ASP A OD1 1 
ATOM   410  O  OD2 . ASP A 1 69  ? 14.050  7.241   -4.954  1.00 27.44 ? 69   ASP A OD2 1 
ATOM   411  N  N   . ILE A 1 70  ? 11.879  2.203   -5.809  1.00 17.96 ? 70   ILE A N   1 
ATOM   412  C  CA  . ILE A 1 70  ? 11.474  0.878   -5.257  1.00 15.39 ? 70   ILE A CA  1 
ATOM   413  C  C   . ILE A 1 70  ? 11.018  -0.149  -6.309  1.00 16.58 ? 70   ILE A C   1 
ATOM   414  O  O   . ILE A 1 70  ? 10.594  -1.249  -5.943  1.00 16.41 ? 70   ILE A O   1 
ATOM   415  C  CB  . ILE A 1 70  ? 10.397  1.044   -4.135  1.00 14.59 ? 70   ILE A CB  1 
ATOM   416  C  CG1 . ILE A 1 70  ? 9.052   1.448   -4.760  1.00 13.10 ? 70   ILE A CG1 1 
ATOM   417  C  CG2 . ILE A 1 70  ? 10.883  2.054   -3.096  1.00 14.63 ? 70   ILE A CG2 1 
ATOM   418  C  CD1 . ILE A 1 70  ? 7.929   1.768   -3.730  1.00 12.88 ? 70   ILE A CD1 1 
ATOM   419  N  N   . LYS A 1 71  ? 11.116  0.190   -7.600  1.00 17.16 ? 71   LYS A N   1 
ATOM   420  C  CA  . LYS A 1 71  ? 10.485  -0.604  -8.672  1.00 19.52 ? 71   LYS A CA  1 
ATOM   421  C  C   . LYS A 1 71  ? 11.029  -2.040  -8.782  1.00 19.88 ? 71   LYS A C   1 
ATOM   422  O  O   . LYS A 1 71  ? 10.353  -2.925  -9.347  1.00 20.73 ? 71   LYS A O   1 
ATOM   423  C  CB  . LYS A 1 71  ? 10.564  0.098   -10.033 1.00 20.21 ? 71   LYS A CB  1 
ATOM   424  C  CG  . LYS A 1 71  ? 11.975  0.090   -10.666 1.00 19.82 ? 71   LYS A CG  1 
ATOM   425  C  CD  . LYS A 1 71  ? 11.982  0.864   -12.002 1.00 22.41 ? 71   LYS A CD  1 
ATOM   426  C  CE  . LYS A 1 71  ? 13.367  0.847   -12.660 1.00 24.68 ? 71   LYS A CE  1 
ATOM   427  N  NZ  . LYS A 1 71  ? 14.426  1.381   -11.717 1.00 27.27 ? 71   LYS A NZ  1 
ATOM   428  N  N   . ASN A 1 72  ? 12.234  -2.270  -8.272  1.00 20.61 ? 72   ASN A N   1 
ATOM   429  C  CA  . ASN A 1 72  ? 12.784  -3.633  -8.291  1.00 22.31 ? 72   ASN A CA  1 
ATOM   430  C  C   . ASN A 1 72  ? 12.100  -4.583  -7.328  1.00 20.64 ? 72   ASN A C   1 
ATOM   431  O  O   . ASN A 1 72  ? 12.069  -5.799  -7.559  1.00 21.06 ? 72   ASN A O   1 
ATOM   432  C  CB  . ASN A 1 72  ? 14.288  -3.679  -8.078  1.00 23.43 ? 72   ASN A CB  1 
ATOM   433  C  CG  . ASN A 1 72  ? 14.989  -4.133  -9.322  1.00 29.77 ? 72   ASN A CG  1 
ATOM   434  O  OD1 . ASN A 1 72  ? 15.244  -5.343  -9.491  1.00 36.21 ? 72   ASN A OD1 1 
ATOM   435  N  ND2 . ASN A 1 72  ? 15.219  -3.196  -10.265 1.00 32.53 ? 72   ASN A ND2 1 
ATOM   436  N  N   . PHE A 1 73  ? 11.550  -4.032  -6.267  1.00 18.62 ? 73   PHE A N   1 
ATOM   437  C  CA  . PHE A 1 73  ? 10.902  -4.885  -5.269  1.00 18.01 ? 73   PHE A CA  1 
ATOM   438  C  C   . PHE A 1 73  ? 9.440   -4.531  -4.966  1.00 16.96 ? 73   PHE A C   1 
ATOM   439  O  O   . PHE A 1 73  ? 8.808   -5.195  -4.150  1.00 15.62 ? 73   PHE A O   1 
ATOM   440  C  CB  . PHE A 1 73  ? 11.726  -4.955  -3.979  1.00 18.65 ? 73   PHE A CB  1 
ATOM   441  C  CG  . PHE A 1 73  ? 12.015  -3.620  -3.343  1.00 18.80 ? 73   PHE A CG  1 
ATOM   442  C  CD1 . PHE A 1 73  ? 11.197  -3.121  -2.339  1.00 17.97 ? 73   PHE A CD1 1 
ATOM   443  C  CD2 . PHE A 1 73  ? 13.118  -2.864  -3.750  1.00 21.58 ? 73   PHE A CD2 1 
ATOM   444  C  CE1 . PHE A 1 73  ? 11.471  -1.903  -1.741  1.00 18.81 ? 73   PHE A CE1 1 
ATOM   445  C  CE2 . PHE A 1 73  ? 13.395  -1.637  -3.158  1.00 20.48 ? 73   PHE A CE2 1 
ATOM   446  C  CZ  . PHE A 1 73  ? 12.562  -1.157  -2.156  1.00 19.87 ? 73   PHE A CZ  1 
ATOM   447  N  N   . CYS A 1 74  ? 8.912   -3.489  -5.609  1.00 14.45 ? 74   CYS A N   1 
ATOM   448  C  CA  . CYS A 1 74  ? 7.555   -3.060  -5.262  1.00 14.01 ? 74   CYS A CA  1 
ATOM   449  C  C   . CYS A 1 74  ? 6.886   -2.335  -6.401  1.00 12.99 ? 74   CYS A C   1 
ATOM   450  O  O   . CYS A 1 74  ? 7.469   -1.424  -6.992  1.00 13.82 ? 74   CYS A O   1 
ATOM   451  C  CB  . CYS A 1 74  ? 7.564   -2.187  -3.978  1.00 13.35 ? 74   CYS A CB  1 
ATOM   452  S  SG  . CYS A 1 74  ? 5.911   -1.518  -3.481  1.00 14.93 ? 74   CYS A SG  1 
ATOM   453  N  N   . VAL A 1 75  ? 5.664   -2.757  -6.702  1.00 12.13 ? 75   VAL A N   1 
ATOM   454  C  CA  . VAL A 1 75  ? 4.811   -2.140  -7.747  1.00 12.56 ? 75   VAL A CA  1 
ATOM   455  C  C   . VAL A 1 75  ? 3.658   -1.433  -7.021  1.00 12.90 ? 75   VAL A C   1 
ATOM   456  O  O   . VAL A 1 75  ? 3.052   -2.005  -6.072  1.00 13.18 ? 75   VAL A O   1 
ATOM   457  C  CB  . VAL A 1 75  ? 4.307   -3.184  -8.829  1.00 12.85 ? 75   VAL A CB  1 
ATOM   458  C  CG1 . VAL A 1 75  ? 3.471   -4.320  -8.213  1.00 12.42 ? 75   VAL A CG1 1 
ATOM   459  C  CG2 . VAL A 1 75  ? 3.506   -2.494  -9.968  1.00 12.98 ? 75   VAL A CG2 1 
ATOM   460  N  N   . ILE A 1 76  ? 3.370   -0.195  -7.435  1.00 13.13 ? 76   ILE A N   1 
ATOM   461  C  CA  . ILE A 1 76  ? 2.332   0.618   -6.770  1.00 12.76 ? 76   ILE A CA  1 
ATOM   462  C  C   . ILE A 1 76  ? 1.132   0.761   -7.697  1.00 12.70 ? 76   ILE A C   1 
ATOM   463  O  O   . ILE A 1 76  ? 1.303   1.047   -8.886  1.00 13.26 ? 76   ILE A O   1 
ATOM   464  C  CB  . ILE A 1 76  ? 2.836   2.051   -6.468  1.00 12.43 ? 76   ILE A CB  1 
ATOM   465  C  CG1 . ILE A 1 76  ? 4.014   2.025   -5.503  1.00 13.48 ? 76   ILE A CG1 1 
ATOM   466  C  CG2 . ILE A 1 76  ? 1.681   2.955   -5.994  1.00 13.13 ? 76   ILE A CG2 1 
ATOM   467  C  CD1 . ILE A 1 76  ? 4.862   3.337   -5.539  1.00 14.32 ? 76   ILE A CD1 1 
ATOM   468  N  N   . TYR A 1 77  ? -0.063  0.557   -7.157  1.00 11.09 ? 77   TYR A N   1 
ATOM   469  C  CA  . TYR A 1 77  ? -1.305  0.782   -7.920  1.00 10.52 ? 77   TYR A CA  1 
ATOM   470  C  C   . TYR A 1 77  ? -2.160  1.753   -7.127  1.00 10.55 ? 77   TYR A C   1 
ATOM   471  O  O   . TYR A 1 77  ? -2.126  1.734   -5.878  1.00 11.84 ? 77   TYR A O   1 
ATOM   472  C  CB  . TYR A 1 77  ? -2.114  -0.478  -8.113  1.00 11.25 ? 77   TYR A CB  1 
ATOM   473  C  CG  . TYR A 1 77  ? -1.432  -1.551  -8.926  1.00 11.23 ? 77   TYR A CG  1 
ATOM   474  C  CD1 . TYR A 1 77  ? -1.440  -1.503  -10.327 1.00 16.57 ? 77   TYR A CD1 1 
ATOM   475  C  CD2 . TYR A 1 77  ? -0.770  -2.603  -8.276  1.00 13.32 ? 77   TYR A CD2 1 
ATOM   476  C  CE1 . TYR A 1 77  ? -0.818  -2.537  -11.089 1.00 14.51 ? 77   TYR A CE1 1 
ATOM   477  C  CE2 . TYR A 1 77  ? -0.109  -3.621  -9.016  1.00 11.67 ? 77   TYR A CE2 1 
ATOM   478  C  CZ  . TYR A 1 77  ? -0.134  -3.561  -10.420 1.00 13.68 ? 77   TYR A CZ  1 
ATOM   479  O  OH  . TYR A 1 77  ? 0.481   -4.551  -11.181 1.00 14.97 ? 77   TYR A OH  1 
ATOM   480  N  N   . LEU A 1 78  ? -2.942  2.552   -7.854  1.00 8.93  ? 78   LEU A N   1 
ATOM   481  C  CA  . LEU A 1 78  ? -3.877  3.484   -7.225  1.00 10.09 ? 78   LEU A CA  1 
ATOM   482  C  C   . LEU A 1 78  ? -5.307  3.003   -7.458  1.00 9.57  ? 78   LEU A C   1 
ATOM   483  O  O   . LEU A 1 78  ? -5.670  2.633   -8.585  1.00 11.24 ? 78   LEU A O   1 
ATOM   484  C  CB  . LEU A 1 78  ? -3.726  4.876   -7.830  1.00 10.97 ? 78   LEU A CB  1 
ATOM   485  C  CG  . LEU A 1 78  ? -2.293  5.438   -7.851  1.00 11.67 ? 78   LEU A CG  1 
ATOM   486  C  CD1 . LEU A 1 78  ? -2.300  6.854   -8.538  1.00 10.32 ? 78   LEU A CD1 1 
ATOM   487  C  CD2 . LEU A 1 78  ? -1.660  5.487   -6.444  1.00 11.07 ? 78   LEU A CD2 1 
ATOM   488  N  N   . VAL A 1 79  ? -6.129  3.100   -6.412  1.00 8.39  ? 79   VAL A N   1 
ATOM   489  C  CA  . VAL A 1 79  ? -7.531  2.707   -6.497  1.00 9.31  ? 79   VAL A CA  1 
ATOM   490  C  C   . VAL A 1 79  ? -8.385  3.812   -5.861  1.00 7.92  ? 79   VAL A C   1 
ATOM   491  O  O   . VAL A 1 79  ? -8.213  4.121   -4.693  1.00 8.23  ? 79   VAL A O   1 
ATOM   492  C  CB  . VAL A 1 79  ? -7.778  1.344   -5.781  1.00 8.95  ? 79   VAL A CB  1 
ATOM   493  C  CG1 . VAL A 1 79  ? -9.285  0.989   -5.712  1.00 10.75 ? 79   VAL A CG1 1 
ATOM   494  C  CG2 . VAL A 1 79  ? -6.928  0.186   -6.416  1.00 9.07  ? 79   VAL A CG2 1 
ATOM   495  N  N   . ASP A 1 80  ? -9.307  4.363   -6.646  1.00 9.51  ? 80   ASP A N   1 
ATOM   496  C  CA  . ASP A 1 80  ? -10.224 5.391   -6.155  1.00 10.09 ? 80   ASP A CA  1 
ATOM   497  C  C   . ASP A 1 80  ? -11.440 4.629   -5.601  1.00 10.00 ? 80   ASP A C   1 
ATOM   498  O  O   . ASP A 1 80  ? -12.278 4.119   -6.384  1.00 9.94  ? 80   ASP A O   1 
ATOM   499  C  CB  . ASP A 1 80  ? -10.613 6.357   -7.294  1.00 10.41 ? 80   ASP A CB  1 
ATOM   500  C  CG  . ASP A 1 80  ? -11.596 7.447   -6.829  1.00 14.97 ? 80   ASP A CG  1 
ATOM   501  O  OD1 . ASP A 1 80  ? -12.289 7.217   -5.797  1.00 12.59 ? 80   ASP A OD1 1 
ATOM   502  O  OD2 . ASP A 1 80  ? -11.631 8.552   -7.460  1.00 16.14 ? 80   ASP A OD2 1 
ATOM   503  N  N   . ILE A 1 81  ? -11.496 4.537   -4.255  1.00 10.69 ? 81   ILE A N   1 
ATOM   504  C  CA  . ILE A 1 81  ? -12.510 3.749   -3.552  1.00 11.06 ? 81   ILE A CA  1 
ATOM   505  C  C   . ILE A 1 81  ? -13.939 4.332   -3.597  1.00 11.76 ? 81   ILE A C   1 
ATOM   506  O  O   . ILE A 1 81  ? -14.895 3.649   -3.173  1.00 11.91 ? 81   ILE A O   1 
ATOM   507  C  CB  . ILE A 1 81  ? -12.126 3.385   -2.089  1.00 10.87 ? 81   ILE A CB  1 
ATOM   508  C  CG1 . ILE A 1 81  ? -12.016 4.661   -1.191  1.00 10.40 ? 81   ILE A CG1 1 
ATOM   509  C  CG2 . ILE A 1 81  ? -10.839 2.560   -2.099  1.00 11.62 ? 81   ILE A CG2 1 
ATOM   510  C  CD1 . ILE A 1 81  ? -12.001 4.333   0.387   1.00 11.79 ? 81   ILE A CD1 1 
ATOM   511  N  N   . THR A 1 82  ? -14.062 5.559   -4.088  1.00 11.12 ? 82   THR A N   1 
ATOM   512  C  CA  . THR A 1 82  ? -15.383 6.119   -4.480  1.00 12.51 ? 82   THR A CA  1 
ATOM   513  C  C   . THR A 1 82  ? -15.892 5.547   -5.828  1.00 13.94 ? 82   THR A C   1 
ATOM   514  O  O   . THR A 1 82  ? -17.108 5.505   -6.062  1.00 14.55 ? 82   THR A O   1 
ATOM   515  C  CB  . THR A 1 82  ? -15.422 7.724   -4.478  1.00 12.13 ? 82   THR A CB  1 
ATOM   516  O  OG1 . THR A 1 82  ? -14.795 8.259   -5.653  1.00 11.50 ? 82   THR A OG1 1 
ATOM   517  C  CG2 . THR A 1 82  ? -14.789 8.321   -3.183  1.00 13.85 ? 82   THR A CG2 1 
ATOM   518  N  N   . GLU A 1 83  ? -14.968 5.170   -6.718  1.00 13.38 ? 83   GLU A N   1 
ATOM   519  C  CA  . GLU A 1 83  ? -15.259 4.523   -8.002  1.00 14.96 ? 83   GLU A CA  1 
ATOM   520  C  C   . GLU A 1 83  ? -15.264 2.986   -7.917  1.00 14.22 ? 83   GLU A C   1 
ATOM   521  O  O   . GLU A 1 83  ? -16.035 2.302   -8.611  1.00 14.65 ? 83   GLU A O   1 
ATOM   522  C  CB  . GLU A 1 83  ? -14.278 4.973   -9.101  1.00 15.26 ? 83   GLU A CB  1 
ATOM   523  C  CG  . GLU A 1 83  ? -14.270 6.485   -9.447  1.00 21.88 ? 83   GLU A CG  1 
ATOM   524  C  CD  . GLU A 1 83  ? -15.592 7.038   -10.036 1.00 30.02 ? 83   GLU A CD  1 
ATOM   525  O  OE1 . GLU A 1 83  ? -16.505 6.263   -10.448 1.00 31.48 ? 83   GLU A OE1 1 
ATOM   526  O  OE2 . GLU A 1 83  ? -15.707 8.289   -10.077 1.00 33.44 ? 83   GLU A OE2 1 
ATOM   527  N  N   . VAL A 1 84  ? -14.367 2.439   -7.103  1.00 13.44 ? 84   VAL A N   1 
ATOM   528  C  CA  . VAL A 1 84  ? -14.150 1.006   -7.012  1.00 12.29 ? 84   VAL A CA  1 
ATOM   529  C  C   . VAL A 1 84  ? -14.281 0.681   -5.513  1.00 12.49 ? 84   VAL A C   1 
ATOM   530  O  O   . VAL A 1 84  ? -13.280 0.613   -4.781  1.00 11.26 ? 84   VAL A O   1 
ATOM   531  C  CB  . VAL A 1 84  ? -12.739 0.579   -7.525  1.00 12.19 ? 84   VAL A CB  1 
ATOM   532  C  CG1 . VAL A 1 84  ? -12.565 -0.968  -7.470  1.00 12.51 ? 84   VAL A CG1 1 
ATOM   533  C  CG2 . VAL A 1 84  ? -12.497 1.090   -9.005  1.00 12.66 ? 84   VAL A CG2 1 
ATOM   534  N  N   . PRO A 1 85  ? -15.529 0.481   -5.066  1.00 12.89 ? 85   PRO A N   1 
ATOM   535  C  CA  . PRO A 1 85  ? -15.780 0.342   -3.627  1.00 13.06 ? 85   PRO A CA  1 
ATOM   536  C  C   . PRO A 1 85  ? -15.666 -1.096  -3.120  1.00 12.70 ? 85   PRO A C   1 
ATOM   537  O  O   . PRO A 1 85  ? -15.989 -1.346  -1.945  1.00 12.23 ? 85   PRO A O   1 
ATOM   538  C  CB  . PRO A 1 85  ? -17.242 0.817   -3.502  1.00 12.01 ? 85   PRO A CB  1 
ATOM   539  C  CG  . PRO A 1 85  ? -17.879 0.318   -4.765  1.00 12.99 ? 85   PRO A CG  1 
ATOM   540  C  CD  . PRO A 1 85  ? -16.775 0.379   -5.872  1.00 13.85 ? 85   PRO A CD  1 
ATOM   541  N  N   . ASP A 1 86  ? -15.256 -2.023  -3.993  1.00 12.58 ? 86   ASP A N   1 
ATOM   542  C  CA  . ASP A 1 86  ? -15.430 -3.484  -3.739  1.00 12.95 ? 86   ASP A CA  1 
ATOM   543  C  C   . ASP A 1 86  ? -14.787 -3.991  -2.447  1.00 12.98 ? 86   ASP A C   1 
ATOM   544  O  O   . ASP A 1 86  ? -15.182 -5.054  -1.936  1.00 13.38 ? 86   ASP A O   1 
ATOM   545  C  CB  . ASP A 1 86  ? -14.872 -4.335  -4.885  1.00 13.83 ? 86   ASP A CB  1 
ATOM   546  C  CG  . ASP A 1 86  ? -15.546 -4.057  -6.200  1.00 15.46 ? 86   ASP A CG  1 
ATOM   547  O  OD1 . ASP A 1 86  ? -15.735 -2.876  -6.540  1.00 18.27 ? 86   ASP A OD1 1 
ATOM   548  O  OD2 . ASP A 1 86  ? -15.891 -5.039  -6.869  1.00 17.74 ? 86   ASP A OD2 1 
ATOM   549  N  N   . PHE A 1 87  ? -13.747 -3.312  -1.966  1.00 12.22 ? 87   PHE A N   1 
ATOM   550  C  CA  . PHE A 1 87  ? -12.964 -3.793  -0.789  1.00 12.74 ? 87   PHE A CA  1 
ATOM   551  C  C   . PHE A 1 87  ? -13.169 -2.931  0.441   1.00 12.94 ? 87   PHE A C   1 
ATOM   552  O  O   . PHE A 1 87  ? -12.479 -3.119  1.454   1.00 13.38 ? 87   PHE A O   1 
ATOM   553  C  CB  . PHE A 1 87  ? -11.446 -3.890  -1.165  1.00 12.91 ? 87   PHE A CB  1 
ATOM   554  C  CG  . PHE A 1 87  ? -11.235 -4.561  -2.486  1.00 12.72 ? 87   PHE A CG  1 
ATOM   555  C  CD1 . PHE A 1 87  ? -11.319 -5.951  -2.588  1.00 14.46 ? 87   PHE A CD1 1 
ATOM   556  C  CD2 . PHE A 1 87  ? -11.079 -3.797  -3.641  1.00 13.75 ? 87   PHE A CD2 1 
ATOM   557  C  CE1 . PHE A 1 87  ? -11.212 -6.607  -3.842  1.00 13.70 ? 87   PHE A CE1 1 
ATOM   558  C  CE2 . PHE A 1 87  ? -10.974 -4.418  -4.895  1.00 13.53 ? 87   PHE A CE2 1 
ATOM   559  C  CZ  . PHE A 1 87  ? -11.053 -5.840  -4.997  1.00 13.30 ? 87   PHE A CZ  1 
ATOM   560  N  N   . ASN A 1 88  ? -14.146 -2.011  0.368   1.00 13.49 ? 88   ASN A N   1 
ATOM   561  C  CA  . ASN A 1 88  ? -14.333 -0.977  1.400   1.00 12.79 ? 88   ASN A CA  1 
ATOM   562  C  C   . ASN A 1 88  ? -14.752 -1.573  2.763   1.00 13.42 ? 88   ASN A C   1 
ATOM   563  O  O   . ASN A 1 88  ? -14.314 -1.089  3.820   1.00 13.22 ? 88   ASN A O   1 
ATOM   564  C  CB  . ASN A 1 88  ? -15.270 0.172   0.909   1.00 13.59 ? 88   ASN A CB  1 
ATOM   565  C  CG  . ASN A 1 88  ? -14.610 1.036   -0.154  1.00 14.23 ? 88   ASN A CG  1 
ATOM   566  O  OD1 . ASN A 1 88  ? -13.432 0.803   -0.499  1.00 14.46 ? 88   ASN A OD1 1 
ATOM   567  N  ND2 . ASN A 1 88  ? -15.338 2.049   -0.676  1.00 14.05 ? 88   ASN A ND2 1 
ATOM   568  N  N   . THR A 1 89  ? -15.556 -2.643  2.724   1.00 12.54 ? 89   THR A N   1 
ATOM   569  C  CA  . THR A 1 89  ? -15.852 -3.372  3.973   1.00 14.68 ? 89   THR A CA  1 
ATOM   570  C  C   . THR A 1 89  ? -14.761 -4.375  4.347   1.00 14.69 ? 89   THR A C   1 
ATOM   571  O  O   . THR A 1 89  ? -14.359 -4.430  5.524   1.00 16.18 ? 89   THR A O   1 
ATOM   572  C  CB  . THR A 1 89  ? -17.271 -3.995  4.001   1.00 14.20 ? 89   THR A CB  1 
ATOM   573  O  OG1 . THR A 1 89  ? -17.421 -4.906  2.920   1.00 17.45 ? 89   THR A OG1 1 
ATOM   574  C  CG2 . THR A 1 89  ? -18.333 -2.880  3.931   1.00 12.53 ? 89   THR A CG2 1 
ATOM   575  N  N   . MET A 1 90  ? -14.289 -5.155  3.363   1.00 14.82 ? 90   MET A N   1 
ATOM   576  C  CA  . MET A 1 90  ? -13.180 -6.096  3.552   1.00 16.46 ? 90   MET A CA  1 
ATOM   577  C  C   . MET A 1 90  ? -12.045 -5.461  4.358   1.00 15.57 ? 90   MET A C   1 
ATOM   578  O  O   . MET A 1 90  ? -11.578 -6.055  5.342   1.00 16.04 ? 90   MET A O   1 
ATOM   579  C  CB  . MET A 1 90  ? -12.642 -6.553  2.201   1.00 16.39 ? 90   MET A CB  1 
ATOM   580  C  CG  . MET A 1 90  ? -11.568 -7.623  2.293   1.00 18.75 ? 90   MET A CG  1 
ATOM   581  S  SD  . MET A 1 90  ? -11.073 -8.191  0.663   1.00 21.84 ? 90   MET A SD  1 
ATOM   582  C  CE  . MET A 1 90  ? -12.618 -8.650  -0.083  1.00 21.62 ? 90   MET A CE  1 
ATOM   583  N  N   . TYR A 1 91  ? -11.596 -4.273  3.940   1.00 13.56 ? 91   TYR A N   1 
ATOM   584  C  CA  . TYR A 1 91  ? -10.456 -3.639  4.585   1.00 13.09 ? 91   TYR A CA  1 
ATOM   585  C  C   . TYR A 1 91  ? -10.828 -2.427  5.423   1.00 12.61 ? 91   TYR A C   1 
ATOM   586  O  O   . TYR A 1 91  ? -9.932  -1.649  5.807   1.00 12.72 ? 91   TYR A O   1 
ATOM   587  C  CB  . TYR A 1 91  ? -9.388  -3.299  3.520   1.00 12.45 ? 91   TYR A CB  1 
ATOM   588  C  CG  . TYR A 1 91  ? -8.861  -4.561  2.858   1.00 13.65 ? 91   TYR A CG  1 
ATOM   589  C  CD1 . TYR A 1 91  ? -8.411  -5.655  3.641   1.00 13.75 ? 91   TYR A CD1 1 
ATOM   590  C  CD2 . TYR A 1 91  ? -8.800  -4.669  1.458   1.00 12.85 ? 91   TYR A CD2 1 
ATOM   591  C  CE1 . TYR A 1 91  ? -7.926  -6.821  3.023   1.00 13.27 ? 91   TYR A CE1 1 
ATOM   592  C  CE2 . TYR A 1 91  ? -8.294  -5.847  0.831   1.00 15.21 ? 91   TYR A CE2 1 
ATOM   593  C  CZ  . TYR A 1 91  ? -7.846  -6.904  1.645   1.00 15.15 ? 91   TYR A CZ  1 
ATOM   594  O  OH  . TYR A 1 91  ? -7.351  -8.075  1.093   1.00 16.30 ? 91   TYR A OH  1 
ATOM   595  N  N   . GLU A 1 92  ? -12.127 -2.282  5.741   1.00 12.15 ? 92   GLU A N   1 
ATOM   596  C  CA  . GLU A 1 92  ? -12.605 -1.166  6.575   1.00 13.34 ? 92   GLU A CA  1 
ATOM   597  C  C   . GLU A 1 92  ? -12.037 0.193   6.109   1.00 12.67 ? 92   GLU A C   1 
ATOM   598  O  O   . GLU A 1 92  ? -11.403 0.947   6.915   1.00 12.29 ? 92   GLU A O   1 
ATOM   599  C  CB  . GLU A 1 92  ? -12.307 -1.428  8.081   1.00 13.49 ? 92   GLU A CB  1 
ATOM   600  C  CG  . GLU A 1 92  ? -12.734 -2.845  8.565   1.00 16.24 ? 92   GLU A CG  1 
ATOM   601  C  CD  . GLU A 1 92  ? -14.270 -3.101  8.554   1.00 27.51 ? 92   GLU A CD  1 
ATOM   602  O  OE1 . GLU A 1 92  ? -15.056 -2.233  8.071   1.00 29.82 ? 92   GLU A OE1 1 
ATOM   603  O  OE2 . GLU A 1 92  ? -14.698 -4.202  9.034   1.00 30.40 ? 92   GLU A OE2 1 
ATOM   604  N  N   . LEU A 1 93  ? -12.268 0.486   4.828   1.00 12.28 ? 93   LEU A N   1 
ATOM   605  C  CA  . LEU A 1 93  ? -11.677 1.662   4.189   1.00 12.46 ? 93   LEU A CA  1 
ATOM   606  C  C   . LEU A 1 93  ? -12.519 2.937   4.387   1.00 13.36 ? 93   LEU A C   1 
ATOM   607  O  O   . LEU A 1 93  ? -13.268 3.345   3.474   1.00 12.73 ? 93   LEU A O   1 
ATOM   608  C  CB  . LEU A 1 93  ? -11.355 1.386   2.705   1.00 12.31 ? 93   LEU A CB  1 
ATOM   609  C  CG  . LEU A 1 93  ? -10.435 0.171   2.449   1.00 11.93 ? 93   LEU A CG  1 
ATOM   610  C  CD1 . LEU A 1 93  ? -10.428 -0.292  0.967   1.00 12.93 ? 93   LEU A CD1 1 
ATOM   611  C  CD2 . LEU A 1 93  ? -9.032  0.412   3.048   1.00 14.19 ? 93   LEU A CD2 1 
ATOM   612  N  N   . TYR A 1 94  ? -12.321 3.564   5.552   1.00 14.85 ? 94   TYR A N   1 
ATOM   613  C  CA  . TYR A 1 94  ? -13.072 4.726   6.031   1.00 16.05 ? 94   TYR A CA  1 
ATOM   614  C  C   . TYR A 1 94  ? -12.248 5.972   5.797   1.00 16.55 ? 94   TYR A C   1 
ATOM   615  O  O   . TYR A 1 94  ? -12.790 7.075   5.755   1.00 18.42 ? 94   TYR A O   1 
ATOM   616  C  CB  . TYR A 1 94  ? -13.378 4.639   7.543   1.00 15.85 ? 94   TYR A CB  1 
ATOM   617  C  CG  . TYR A 1 94  ? -14.510 3.699   7.903   1.00 17.10 ? 94   TYR A CG  1 
ATOM   618  C  CD1 . TYR A 1 94  ? -15.831 4.154   7.924   1.00 17.23 ? 94   TYR A CD1 1 
ATOM   619  C  CD2 . TYR A 1 94  ? -14.265 2.345   8.160   1.00 17.83 ? 94   TYR A CD2 1 
ATOM   620  C  CE1 . TYR A 1 94  ? -16.894 3.299   8.243   1.00 18.00 ? 94   TYR A CE1 1 
ATOM   621  C  CE2 . TYR A 1 94  ? -15.314 1.457   8.435   1.00 20.06 ? 94   TYR A CE2 1 
ATOM   622  C  CZ  . TYR A 1 94  ? -16.629 1.957   8.496   1.00 18.39 ? 94   TYR A CZ  1 
ATOM   623  O  OH  . TYR A 1 94  ? -17.657 1.104   8.780   1.00 18.00 ? 94   TYR A OH  1 
ATOM   624  N  N   . ASP A 1 95  ? -10.931 5.815   5.681   1.00 15.32 ? 95   ASP A N   1 
ATOM   625  C  CA  . ASP A 1 95  ? -10.039 6.969   5.599   1.00 14.41 ? 95   ASP A CA  1 
ATOM   626  C  C   . ASP A 1 95  ? -9.905  7.455   4.167   1.00 14.09 ? 95   ASP A C   1 
ATOM   627  O  O   . ASP A 1 95  ? -10.067 6.661   3.255   1.00 14.21 ? 95   ASP A O   1 
ATOM   628  C  CB  . ASP A 1 95  ? -8.680  6.614   6.232   1.00 15.10 ? 95   ASP A CB  1 
ATOM   629  C  CG  . ASP A 1 95  ? -8.833  6.147   7.685   1.00 17.42 ? 95   ASP A CG  1 
ATOM   630  O  OD1 . ASP A 1 95  ? -9.332  6.938   8.517   1.00 19.39 ? 95   ASP A OD1 1 
ATOM   631  O  OD2 . ASP A 1 95  ? -8.486  4.996   7.990   1.00 18.42 ? 95   ASP A OD2 1 
ATOM   632  N  N   . PRO A 1 96  ? -9.602  8.754   3.963   1.00 13.76 ? 96   PRO A N   1 
ATOM   633  C  CA  . PRO A 1 96  ? -9.328  9.248   2.590   1.00 13.92 ? 96   PRO A CA  1 
ATOM   634  C  C   . PRO A 1 96  ? -8.064  8.695   1.925   1.00 12.95 ? 96   PRO A C   1 
ATOM   635  O  O   . PRO A 1 96  ? -7.980  8.701   0.718   1.00 13.62 ? 96   PRO A O   1 
ATOM   636  C  CB  . PRO A 1 96  ? -9.225  10.772  2.772   1.00 13.78 ? 96   PRO A CB  1 
ATOM   637  C  CG  . PRO A 1 96  ? -8.814  10.956  4.186   1.00 15.76 ? 96   PRO A CG  1 
ATOM   638  C  CD  . PRO A 1 96  ? -9.550  9.858   4.949   1.00 13.60 ? 96   PRO A CD  1 
ATOM   639  N  N   . VAL A 1 97  ? -7.099  8.226   2.712   1.00 13.58 ? 97   VAL A N   1 
ATOM   640  C  CA  . VAL A 1 97  ? -5.969  7.464   2.160   1.00 14.07 ? 97   VAL A CA  1 
ATOM   641  C  C   . VAL A 1 97  ? -5.581  6.289   3.081   1.00 12.99 ? 97   VAL A C   1 
ATOM   642  O  O   . VAL A 1 97  ? -5.419  6.460   4.294   1.00 13.10 ? 97   VAL A O   1 
ATOM   643  C  CB  . VAL A 1 97  ? -4.733  8.361   1.826   1.00 14.97 ? 97   VAL A CB  1 
ATOM   644  C  CG1 . VAL A 1 97  ? -4.303  9.226   3.007   1.00 16.98 ? 97   VAL A CG1 1 
ATOM   645  C  CG2 . VAL A 1 97  ? -3.556  7.541   1.221   1.00 15.71 ? 97   VAL A CG2 1 
ATOM   646  N  N   . SER A 1 98  ? -5.469  5.103   2.473   1.00 11.45 ? 98   SER A N   1 
ATOM   647  C  CA  . SER A 1 98  ? -5.005  3.861   3.167   1.00 10.56 ? 98   SER A CA  1 
ATOM   648  C  C   . SER A 1 98  ? -4.034  3.149   2.225   1.00 10.62 ? 98   SER A C   1 
ATOM   649  O  O   . SER A 1 98  ? -4.450  2.626   1.185   1.00 9.97  ? 98   SER A O   1 
ATOM   650  C  CB  . SER A 1 98  ? -6.193  2.920   3.444   1.00 10.66 ? 98   SER A CB  1 
ATOM   651  O  OG  . SER A 1 98  ? -7.236  3.584   4.145   1.00 12.71 ? 98   SER A OG  1 
ATOM   652  N  N   . VAL A 1 99  ? -2.743  3.162   2.560   1.00 10.51 ? 99   VAL A N   1 
ATOM   653  C  CA  . VAL A 1 99  ? -1.764  2.460   1.735   1.00 10.18 ? 99   VAL A CA  1 
ATOM   654  C  C   . VAL A 1 99  ? -1.651  1.044   2.378   1.00 10.76 ? 99   VAL A C   1 
ATOM   655  O  O   . VAL A 1 99  ? -1.436  0.926   3.587   1.00 11.40 ? 99   VAL A O   1 
ATOM   656  C  CB  . VAL A 1 99  ? -0.390  3.218   1.671   1.00 10.98 ? 99   VAL A CB  1 
ATOM   657  C  CG1 . VAL A 1 99  ? 0.640   2.365   0.854   1.00 10.79 ? 99   VAL A CG1 1 
ATOM   658  C  CG2 . VAL A 1 99  ? -0.597  4.569   0.950   1.00 11.16 ? 99   VAL A CG2 1 
ATOM   659  N  N   . MET A 1 100 ? -1.830  0.003   1.555   1.00 10.32 ? 100  MET A N   1 
ATOM   660  C  CA  . MET A 1 100 ? -1.757  -1.375  2.003   1.00 10.75 ? 100  MET A CA  1 
ATOM   661  C  C   . MET A 1 100 ? -0.831  -2.182  1.111   1.00 10.34 ? 100  MET A C   1 
ATOM   662  O  O   . MET A 1 100 ? -0.542  -1.796  -0.056  1.00 11.74 ? 100  MET A O   1 
ATOM   663  C  CB  . MET A 1 100 ? -3.156  -2.012  2.074   1.00 10.38 ? 100  MET A CB  1 
ATOM   664  C  CG  . MET A 1 100 ? -4.105  -1.238  3.002   1.00 13.55 ? 100  MET A CG  1 
ATOM   665  S  SD  . MET A 1 100 ? -5.768  -1.927  2.954   1.00 16.93 ? 100  MET A SD  1 
ATOM   666  C  CE  . MET A 1 100 ? -5.535  -3.408  3.891   1.00 17.82 ? 100  MET A CE  1 
ATOM   667  N  N   . PHE A 1 101 ? -0.314  -3.269  1.688   1.00 9.78  ? 101  PHE A N   1 
ATOM   668  C  CA  . PHE A 1 101 ? 0.732   -4.038  1.047   1.00 9.09  ? 101  PHE A CA  1 
ATOM   669  C  C   . PHE A 1 101 ? 0.379   -5.501  0.998   1.00 9.29  ? 101  PHE A C   1 
ATOM   670  O  O   . PHE A 1 101 ? -0.128  -6.057  1.982   1.00 9.90  ? 101  PHE A O   1 
ATOM   671  C  CB  . PHE A 1 101 ? 2.041   -3.880  1.809   1.00 10.79 ? 101  PHE A CB  1 
ATOM   672  C  CG  . PHE A 1 101 ? 2.528   -2.454  1.869   1.00 8.54  ? 101  PHE A CG  1 
ATOM   673  C  CD1 . PHE A 1 101 ? 3.351   -1.975  0.862   1.00 12.33 ? 101  PHE A CD1 1 
ATOM   674  C  CD2 . PHE A 1 101 ? 2.190   -1.643  2.927   1.00 11.64 ? 101  PHE A CD2 1 
ATOM   675  C  CE1 . PHE A 1 101 ? 3.834   -0.653  0.902   1.00 12.16 ? 101  PHE A CE1 1 
ATOM   676  C  CE2 . PHE A 1 101 ? 2.665   -0.327  2.999   1.00 9.18  ? 101  PHE A CE2 1 
ATOM   677  C  CZ  . PHE A 1 101 ? 3.464   0.163   1.998   1.00 10.54 ? 101  PHE A CZ  1 
ATOM   678  N  N   . PHE A 1 102 ? 0.693   -6.120  -0.129  1.00 9.92  ? 102  PHE A N   1 
ATOM   679  C  CA  . PHE A 1 102 ? 0.408   -7.548  -0.341  1.00 10.34 ? 102  PHE A CA  1 
ATOM   680  C  C   . PHE A 1 102 ? 1.619   -8.232  -0.907  1.00 10.80 ? 102  PHE A C   1 
ATOM   681  O  O   . PHE A 1 102 ? 2.264   -7.696  -1.826  1.00 12.30 ? 102  PHE A O   1 
ATOM   682  C  CB  . PHE A 1 102 ? -0.789  -7.760  -1.299  1.00 11.26 ? 102  PHE A CB  1 
ATOM   683  C  CG  . PHE A 1 102 ? -2.051  -7.093  -0.812  1.00 12.05 ? 102  PHE A CG  1 
ATOM   684  C  CD1 . PHE A 1 102 ? -2.994  -7.810  -0.076  1.00 13.99 ? 102  PHE A CD1 1 
ATOM   685  C  CD2 . PHE A 1 102 ? -2.270  -5.729  -1.067  1.00 14.78 ? 102  PHE A CD2 1 
ATOM   686  C  CE1 . PHE A 1 102 ? -4.187  -7.181  0.409   1.00 14.91 ? 102  PHE A CE1 1 
ATOM   687  C  CE2 . PHE A 1 102 ? -3.468  -5.087  -0.597  1.00 15.95 ? 102  PHE A CE2 1 
ATOM   688  C  CZ  . PHE A 1 102 ? -4.396  -5.826  0.160   1.00 13.06 ? 102  PHE A CZ  1 
ATOM   689  N  N   . TYR A 1 103 ? 1.918   -9.432  -0.401  1.00 11.90 ? 103  TYR A N   1 
ATOM   690  C  CA  . TYR A 1 103 ? 2.961   -10.260 -1.016  1.00 11.45 ? 103  TYR A CA  1 
ATOM   691  C  C   . TYR A 1 103 ? 2.410   -11.668 -1.270  1.00 12.68 ? 103  TYR A C   1 
ATOM   692  O  O   . TYR A 1 103 ? 1.959   -12.340 -0.305  1.00 11.15 ? 103  TYR A O   1 
ATOM   693  C  CB  . TYR A 1 103 ? 4.186   -10.342 -0.106  1.00 12.51 ? 103  TYR A CB  1 
ATOM   694  C  CG  . TYR A 1 103 ? 5.327   -11.128 -0.713  1.00 14.11 ? 103  TYR A CG  1 
ATOM   695  C  CD1 . TYR A 1 103 ? 6.119   -10.581 -1.735  1.00 13.16 ? 103  TYR A CD1 1 
ATOM   696  C  CD2 . TYR A 1 103 ? 5.622   -12.424 -0.261  1.00 16.81 ? 103  TYR A CD2 1 
ATOM   697  C  CE1 . TYR A 1 103 ? 7.187   -11.322 -2.302  1.00 14.44 ? 103  TYR A CE1 1 
ATOM   698  C  CE2 . TYR A 1 103 ? 6.667   -13.169 -0.829  1.00 13.98 ? 103  TYR A CE2 1 
ATOM   699  C  CZ  . TYR A 1 103 ? 7.451   -12.610 -1.824  1.00 14.66 ? 103  TYR A CZ  1 
ATOM   700  O  OH  . TYR A 1 103 ? 8.495   -13.342 -2.357  1.00 14.60 ? 103  TYR A OH  1 
ATOM   701  N  N   . ARG A 1 104 ? 2.439   -12.056 -2.551  1.00 12.10 ? 104  ARG A N   1 
ATOM   702  C  CA  . ARG A 1 104 ? 1.947   -13.342 -3.048  1.00 13.24 ? 104  ARG A CA  1 
ATOM   703  C  C   . ARG A 1 104 ? 0.541   -13.618 -2.468  1.00 14.03 ? 104  ARG A C   1 
ATOM   704  O  O   . ARG A 1 104 ? 0.287   -14.686 -1.857  1.00 14.28 ? 104  ARG A O   1 
ATOM   705  C  CB  . ARG A 1 104 ? 2.978   -14.453 -2.705  1.00 13.43 ? 104  ARG A CB  1 
ATOM   706  C  CG  . ARG A 1 104 ? 4.192   -14.402 -3.578  1.00 13.28 ? 104  ARG A CG  1 
ATOM   707  C  CD  . ARG A 1 104 ? 5.268   -15.456 -3.212  1.00 13.34 ? 104  ARG A CD  1 
ATOM   708  N  NE  . ARG A 1 104 ? 6.475   -15.233 -4.001  1.00 15.25 ? 104  ARG A NE  1 
ATOM   709  C  CZ  . ARG A 1 104 ? 7.592   -15.949 -3.877  1.00 18.65 ? 104  ARG A CZ  1 
ATOM   710  N  NH1 . ARG A 1 104 ? 7.621   -16.964 -3.012  1.00 16.38 ? 104  ARG A NH1 1 
ATOM   711  N  NH2 . ARG A 1 104 ? 8.663   -15.660 -4.620  1.00 17.06 ? 104  ARG A NH2 1 
ATOM   712  N  N   . ASN A 1 105 ? -0.333  -12.607 -2.610  1.00 14.96 ? 105  ASN A N   1 
ATOM   713  C  CA  . ASN A 1 105 ? -1.747  -12.680 -2.214  1.00 17.45 ? 105  ASN A CA  1 
ATOM   714  C  C   . ASN A 1 105 ? -2.022  -12.588 -0.713  1.00 17.16 ? 105  ASN A C   1 
ATOM   715  O  O   . ASN A 1 105 ? -3.192  -12.651 -0.321  1.00 20.07 ? 105  ASN A O   1 
ATOM   716  C  CB  . ASN A 1 105 ? -2.429  -13.936 -2.829  1.00 17.96 ? 105  ASN A CB  1 
ATOM   717  C  CG  . ASN A 1 105 ? -3.943  -13.758 -3.022  1.00 23.36 ? 105  ASN A CG  1 
ATOM   718  O  OD1 . ASN A 1 105 ? -4.423  -12.673 -3.366  1.00 28.84 ? 105  ASN A OD1 1 
ATOM   719  N  ND2 . ASN A 1 105 ? -4.699  -14.829 -2.778  1.00 26.97 ? 105  ASN A ND2 1 
ATOM   720  N  N   . LYS A 1 106 ? -0.989  -12.419 0.114   1.00 15.76 ? 106  LYS A N   1 
ATOM   721  C  CA  . LYS A 1 106 ? -1.125  -12.268 1.571   1.00 17.22 ? 106  LYS A CA  1 
ATOM   722  C  C   . LYS A 1 106 ? -1.016  -10.800 1.957   1.00 15.46 ? 106  LYS A C   1 
ATOM   723  O  O   . LYS A 1 106 ? -0.042  -10.131 1.598   1.00 14.30 ? 106  LYS A O   1 
ATOM   724  C  CB  . LYS A 1 106 ? -0.024  -13.032 2.329   1.00 17.02 ? 106  LYS A CB  1 
ATOM   725  C  CG  . LYS A 1 106 ? -0.036  -12.799 3.864   1.00 20.34 ? 106  LYS A CG  1 
ATOM   726  C  CD  . LYS A 1 106 ? 0.917   -13.738 4.639   1.00 20.34 ? 106  LYS A CD  1 
ATOM   727  C  CE  . LYS A 1 106 ? 2.387   -13.438 4.368   1.00 21.08 ? 106  LYS A CE  1 
ATOM   728  N  NZ  . LYS A 1 106 ? 3.256   -14.367 5.173   1.00 26.22 ? 106  LYS A NZ  1 
ATOM   729  N  N   . HIS A 1 107 ? -2.028  -10.314 2.664   1.00 14.94 ? 107  HIS A N   1 
ATOM   730  C  CA  . HIS A 1 107 ? -2.000  -8.977  3.227   1.00 14.98 ? 107  HIS A CA  1 
ATOM   731  C  C   . HIS A 1 107 ? -0.930  -8.877  4.331   1.00 15.22 ? 107  HIS A C   1 
ATOM   732  O  O   . HIS A 1 107 ? -0.986  -9.610  5.332   1.00 15.44 ? 107  HIS A O   1 
ATOM   733  C  CB  . HIS A 1 107 ? -3.398  -8.617  3.753   1.00 14.23 ? 107  HIS A CB  1 
ATOM   734  C  CG  . HIS A 1 107 ? -3.459  -7.345  4.544   1.00 15.12 ? 107  HIS A CG  1 
ATOM   735  N  ND1 . HIS A 1 107 ? -4.331  -7.193  5.599   1.00 13.60 ? 107  HIS A ND1 1 
ATOM   736  C  CD2 . HIS A 1 107 ? -2.787  -6.171  4.434   1.00 15.16 ? 107  HIS A CD2 1 
ATOM   737  C  CE1 . HIS A 1 107 ? -4.196  -5.975  6.110   1.00 14.78 ? 107  HIS A CE1 1 
ATOM   738  N  NE2 . HIS A 1 107 ? -3.260  -5.338  5.425   1.00 14.50 ? 107  HIS A NE2 1 
ATOM   739  N  N   . MET A 1 108 ? 0.040   -7.987  4.120   1.00 13.53 ? 108  MET A N   1 
ATOM   740  C  CA  . MET A 1 108 ? 1.143   -7.764  5.062   1.00 14.45 ? 108  MET A CA  1 
ATOM   741  C  C   . MET A 1 108 ? 0.757   -6.706  6.109   1.00 15.85 ? 108  MET A C   1 
ATOM   742  O  O   . MET A 1 108 ? 0.286   -5.615  5.762   1.00 17.45 ? 108  MET A O   1 
ATOM   743  C  CB  . MET A 1 108 ? 2.411   -7.290  4.308   1.00 13.49 ? 108  MET A CB  1 
ATOM   744  C  CG  . MET A 1 108 ? 3.083   -8.383  3.458   1.00 14.02 ? 108  MET A CG  1 
ATOM   745  S  SD  . MET A 1 108 ? 3.711   -9.781  4.460   1.00 16.23 ? 108  MET A SD  1 
ATOM   746  C  CE  . MET A 1 108 ? 4.903   -8.987  5.532   1.00 13.48 ? 108  MET A CE  1 
ATOM   747  N  N   . MET A 1 109 ? 1.013   -7.013  7.373   1.00 16.66 ? 109  MET A N   1 
ATOM   748  C  CA  . MET A 1 109 ? 0.805   -6.099  8.485   1.00 18.21 ? 109  MET A CA  1 
ATOM   749  C  C   . MET A 1 109 ? 2.066   -5.280  8.778   1.00 18.52 ? 109  MET A C   1 
ATOM   750  O  O   . MET A 1 109 ? 3.186   -5.751  8.592   1.00 19.18 ? 109  MET A O   1 
ATOM   751  C  CB  . MET A 1 109 ? 0.401   -6.880  9.734   1.00 18.29 ? 109  MET A CB  1 
ATOM   752  C  CG  . MET A 1 109 ? -0.741  -7.877  9.494   1.00 23.58 ? 109  MET A CG  1 
ATOM   753  S  SD  . MET A 1 109 ? -2.148  -6.994  8.842   1.00 37.60 ? 109  MET A SD  1 
ATOM   754  C  CE  . MET A 1 109 ? -2.658  -6.110  10.323  1.00 38.85 ? 109  MET A CE  1 
ATOM   755  N  N   . ILE A 1 110 ? 1.876   -4.063  9.263   1.00 19.92 ? 110  ILE A N   1 
ATOM   756  C  CA  . ILE A 1 110 ? 3.009   -3.194  9.585   1.00 21.55 ? 110  ILE A CA  1 
ATOM   757  C  C   . ILE A 1 110 ? 2.714   -2.496  10.913  1.00 22.23 ? 110  ILE A C   1 
ATOM   758  O  O   . ILE A 1 110 ? 1.826   -1.657  10.992  1.00 22.56 ? 110  ILE A O   1 
ATOM   759  C  CB  . ILE A 1 110 ? 3.362   -2.222  8.407   1.00 21.61 ? 110  ILE A CB  1 
ATOM   760  C  CG1 . ILE A 1 110 ? 4.328   -1.098  8.825   1.00 23.44 ? 110  ILE A CG1 1 
ATOM   761  C  CG2 . ILE A 1 110 ? 2.109   -1.687  7.716   1.00 22.09 ? 110  ILE A CG2 1 
ATOM   762  C  CD1 . ILE A 1 110 ? 5.759   -1.361  8.519   1.00 22.43 ? 110  ILE A CD1 1 
ATOM   763  N  N   . ASP A 1 111 ? 3.442   -2.896  11.955  1.00 23.37 ? 111  ASP A N   1 
ATOM   764  C  CA  . ASP A 1 111 ? 3.325   -2.235  13.260  1.00 22.97 ? 111  ASP A CA  1 
ATOM   765  C  C   . ASP A 1 111 ? 4.079   -0.919  13.222  1.00 22.96 ? 111  ASP A C   1 
ATOM   766  O  O   . ASP A 1 111 ? 5.304   -0.871  13.340  1.00 20.81 ? 111  ASP A O   1 
ATOM   767  C  CB  . ASP A 1 111 ? 3.826   -3.096  14.404  1.00 23.95 ? 111  ASP A CB  1 
ATOM   768  C  CG  . ASP A 1 111 ? 3.547   -2.471  15.782  1.00 25.23 ? 111  ASP A CG  1 
ATOM   769  O  OD1 . ASP A 1 111 ? 3.285   -1.250  15.879  1.00 26.66 ? 111  ASP A OD1 1 
ATOM   770  O  OD2 . ASP A 1 111 ? 3.573   -3.223  16.762  1.00 29.47 ? 111  ASP A OD2 1 
ATOM   771  N  N   . LEU A 1 112 ? 3.310   0.156   13.102  1.00 22.86 ? 112  LEU A N   1 
ATOM   772  C  CA  . LEU A 1 112 ? 3.830   1.491   12.926  1.00 22.89 ? 112  LEU A CA  1 
ATOM   773  C  C   . LEU A 1 112 ? 3.786   2.239   14.271  1.00 23.37 ? 112  LEU A C   1 
ATOM   774  O  O   . LEU A 1 112 ? 4.159   3.413   14.354  1.00 23.52 ? 112  LEU A O   1 
ATOM   775  C  CB  . LEU A 1 112 ? 2.972   2.214   11.865  1.00 23.47 ? 112  LEU A CB  1 
ATOM   776  C  CG  . LEU A 1 112 ? 2.877   1.610   10.448  1.00 23.78 ? 112  LEU A CG  1 
ATOM   777  C  CD1 . LEU A 1 112 ? 1.396   1.485   9.874   1.00 22.43 ? 112  LEU A CD1 1 
ATOM   778  C  CD2 . LEU A 1 112 ? 3.857   2.377   9.508   1.00 26.18 ? 112  LEU A CD2 1 
ATOM   779  N  N   . GLY A 1 113 ? 3.324   1.555   15.312  1.00 24.06 ? 113  GLY A N   1 
ATOM   780  C  CA  . GLY A 1 113 ? 3.162   2.140   16.641  1.00 26.44 ? 113  GLY A CA  1 
ATOM   781  C  C   . GLY A 1 113 ? 1.865   2.913   16.789  1.00 28.05 ? 113  GLY A C   1 
ATOM   782  O  O   . GLY A 1 113 ? 1.671   3.604   17.789  1.00 28.78 ? 113  GLY A O   1 
ATOM   783  N  N   . THR A 1 114 ? 0.972   2.802   15.795  1.00 28.50 ? 114  THR A N   1 
ATOM   784  C  CA  . THR A 1 114 ? -0.301  3.532   15.794  1.00 29.21 ? 114  THR A CA  1 
ATOM   785  C  C   . THR A 1 114 ? -1.465  2.670   16.300  1.00 29.29 ? 114  THR A C   1 
ATOM   786  O  O   . THR A 1 114 ? -2.569  3.169   16.504  1.00 30.57 ? 114  THR A O   1 
ATOM   787  C  CB  . THR A 1 114 ? -0.671  4.017   14.392  1.00 29.48 ? 114  THR A CB  1 
ATOM   788  O  OG1 . THR A 1 114 ? -0.964  2.872   13.566  1.00 30.40 ? 114  THR A OG1 1 
ATOM   789  C  CG2 . THR A 1 114 ? 0.449   4.873   13.782  1.00 27.91 ? 114  THR A CG2 1 
ATOM   790  N  N   . GLY A 1 115 ? -1.223  1.379   16.492  1.00 29.63 ? 115  GLY A N   1 
ATOM   791  C  CA  . GLY A 1 115 ? -2.284  0.463   16.902  1.00 29.17 ? 115  GLY A CA  1 
ATOM   792  C  C   . GLY A 1 115 ? -3.237  0.053   15.782  1.00 28.44 ? 115  GLY A C   1 
ATOM   793  O  O   . GLY A 1 115 ? -4.188  -0.677  16.056  1.00 29.95 ? 115  GLY A O   1 
ATOM   794  N  N   . ASN A 1 116 ? -3.023  0.537   14.545  1.00 26.09 ? 116  ASN A N   1 
ATOM   795  C  CA  . ASN A 1 116 ? -3.671  -0.063  13.341  1.00 24.05 ? 116  ASN A CA  1 
ATOM   796  C  C   . ASN A 1 116 ? -2.555  -0.603  12.465  1.00 22.23 ? 116  ASN A C   1 
ATOM   797  O  O   . ASN A 1 116 ? -1.871  0.177   11.801  1.00 21.78 ? 116  ASN A O   1 
ATOM   798  C  CB  . ASN A 1 116 ? -4.545  0.937   12.546  1.00 23.60 ? 116  ASN A CB  1 
ATOM   799  C  CG  . ASN A 1 116 ? -5.357  0.257   11.378  1.00 24.16 ? 116  ASN A CG  1 
ATOM   800  O  OD1 . ASN A 1 116 ? -5.002  -0.810  10.855  1.00 19.39 ? 116  ASN A OD1 1 
ATOM   801  N  ND2 . ASN A 1 116 ? -6.431  0.904   10.974  1.00 24.95 ? 116  ASN A ND2 1 
ATOM   802  N  N   . ASN A 1 117 ? -2.363  -1.919  12.489  1.00 20.43 ? 117  ASN A N   1 
ATOM   803  C  CA  . ASN A 1 117 ? -1.285  -2.567  11.727  1.00 20.15 ? 117  ASN A CA  1 
ATOM   804  C  C   . ASN A 1 117 ? -1.647  -2.924  10.262  1.00 18.60 ? 117  ASN A C   1 
ATOM   805  O  O   . ASN A 1 117 ? -0.802  -3.450  9.526   1.00 16.55 ? 117  ASN A O   1 
ATOM   806  C  CB  . ASN A 1 117 ? -0.818  -3.867  12.394  1.00 21.76 ? 117  ASN A CB  1 
ATOM   807  C  CG  . ASN A 1 117 ? -0.411  -3.699  13.856  1.00 23.79 ? 117  ASN A CG  1 
ATOM   808  O  OD1 . ASN A 1 117 ? -0.077  -2.600  14.337  1.00 29.17 ? 117  ASN A OD1 1 
ATOM   809  N  ND2 . ASN A 1 117 ? -0.474  -4.810  14.582  1.00 29.19 ? 117  ASN A ND2 1 
ATOM   810  N  N   . ASN A 1 118 ? -2.886  -2.658  9.854   1.00 16.74 ? 118  ASN A N   1 
ATOM   811  C  CA  . ASN A 1 118 ? -3.351  -3.086  8.529   1.00 15.44 ? 118  ASN A CA  1 
ATOM   812  C  C   . ASN A 1 118 ? -2.936  -2.186  7.372   1.00 14.29 ? 118  ASN A C   1 
ATOM   813  O  O   . ASN A 1 118 ? -2.900  -2.624  6.231   1.00 13.46 ? 118  ASN A O   1 
ATOM   814  C  CB  . ASN A 1 118 ? -4.876  -3.110  8.511   1.00 16.47 ? 118  ASN A CB  1 
ATOM   815  C  CG  . ASN A 1 118 ? -5.443  -4.090  9.474   1.00 17.73 ? 118  ASN A CG  1 
ATOM   816  O  OD1 . ASN A 1 118 ? -5.255  -5.287  9.323   1.00 18.83 ? 118  ASN A OD1 1 
ATOM   817  N  ND2 . ASN A 1 118 ? -6.162  -3.597  10.458  1.00 21.62 ? 118  ASN A ND2 1 
ATOM   818  N  N   . LYS A 1 119 ? -2.710  -0.909  7.685   1.00 13.23 ? 119  LYS A N   1 
ATOM   819  C  CA  . LYS A 1 119 ? -2.546  0.108   6.650   1.00 13.01 ? 119  LYS A CA  1 
ATOM   820  C  C   . LYS A 1 119 ? -1.779  1.334   7.175   1.00 12.91 ? 119  LYS A C   1 
ATOM   821  O  O   . LYS A 1 119 ? -1.720  1.576   8.413   1.00 12.69 ? 119  LYS A O   1 
ATOM   822  C  CB  . LYS A 1 119 ? -3.960  0.542   6.187   1.00 13.30 ? 119  LYS A CB  1 
ATOM   823  C  CG  . LYS A 1 119 ? -4.792  1.146   7.351   1.00 14.47 ? 119  LYS A CG  1 
ATOM   824  C  CD  . LYS A 1 119 ? -6.238  1.488   6.918   1.00 14.80 ? 119  LYS A CD  1 
ATOM   825  C  CE  . LYS A 1 119 ? -7.102  0.229   6.666   1.00 13.89 ? 119  LYS A CE  1 
ATOM   826  N  NZ  . LYS A 1 119 ? -8.589  0.537   6.877   1.00 16.38 ? 119  LYS A NZ  1 
ATOM   827  N  N   . ILE A 1 120 ? -1.178  2.072   6.246   1.00 12.54 ? 120  ILE A N   1 
ATOM   828  C  CA  . ILE A 1 120 ? -0.683  3.418   6.516   1.00 14.23 ? 120  ILE A CA  1 
ATOM   829  C  C   . ILE A 1 120 ? -1.802  4.373   6.046   1.00 14.95 ? 120  ILE A C   1 
ATOM   830  O  O   . ILE A 1 120 ? -2.060  4.510   4.841   1.00 14.65 ? 120  ILE A O   1 
ATOM   831  C  CB  . ILE A 1 120 ? 0.644   3.720   5.749   1.00 14.88 ? 120  ILE A CB  1 
ATOM   832  C  CG1 . ILE A 1 120 ? 1.774   2.792   6.218   1.00 15.02 ? 120  ILE A CG1 1 
ATOM   833  C  CG2 . ILE A 1 120 ? 1.060   5.208   5.899   1.00 15.54 ? 120  ILE A CG2 1 
ATOM   834  C  CD1 . ILE A 1 120 ? 2.897   2.667   5.238   1.00 13.60 ? 120  ILE A CD1 1 
ATOM   835  N  N   . ASN A 1 121 ? -2.482  4.994   7.014   1.00 17.48 ? 121  ASN A N   1 
ATOM   836  C  CA  . ASN A 1 121 ? -3.712  5.749   6.717   1.00 18.01 ? 121  ASN A CA  1 
ATOM   837  C  C   . ASN A 1 121 ? -3.552  7.212   7.067   1.00 18.82 ? 121  ASN A C   1 
ATOM   838  O  O   . ASN A 1 121 ? -4.509  7.856   7.497   1.00 19.29 ? 121  ASN A O   1 
ATOM   839  C  CB  . ASN A 1 121 ? -4.975  5.109   7.374   1.00 17.82 ? 121  ASN A CB  1 
ATOM   840  C  CG  . ASN A 1 121 ? -4.913  5.087   8.905   1.00 20.78 ? 121  ASN A CG  1 
ATOM   841  O  OD1 . ASN A 1 121 ? -3.840  5.211   9.494   1.00 20.30 ? 121  ASN A OD1 1 
ATOM   842  N  ND2 . ASN A 1 121 ? -6.090  4.953   9.563   1.00 24.96 ? 121  ASN A ND2 1 
ATOM   843  N  N   . TRP A 1 122 ? -2.326  7.722   6.899   1.00 19.87 ? 122  TRP A N   1 
ATOM   844  C  CA  . TRP A 1 122 ? -2.063  9.156   6.968   1.00 20.73 ? 122  TRP A CA  1 
ATOM   845  C  C   . TRP A 1 122 ? -1.058  9.517   5.879   1.00 20.87 ? 122  TRP A C   1 
ATOM   846  O  O   . TRP A 1 122 ? -0.219  8.694   5.524   1.00 19.93 ? 122  TRP A O   1 
ATOM   847  C  CB  . TRP A 1 122 ? -1.530  9.587   8.334   1.00 21.37 ? 122  TRP A CB  1 
ATOM   848  C  CG  . TRP A 1 122 ? -0.172  8.996   8.670   1.00 22.58 ? 122  TRP A CG  1 
ATOM   849  C  CD1 . TRP A 1 122 ? 1.056   9.627   8.583   1.00 24.98 ? 122  TRP A CD1 1 
ATOM   850  C  CD2 . TRP A 1 122 ? 0.091   7.668   9.154   1.00 25.02 ? 122  TRP A CD2 1 
ATOM   851  N  NE1 . TRP A 1 122 ? 2.058   8.757   8.971   1.00 25.71 ? 122  TRP A NE1 1 
ATOM   852  C  CE2 . TRP A 1 122 ? 1.498   7.554   9.325   1.00 24.56 ? 122  TRP A CE2 1 
ATOM   853  C  CE3 . TRP A 1 122 ? -0.724  6.553   9.440   1.00 24.13 ? 122  TRP A CE3 1 
ATOM   854  C  CZ2 . TRP A 1 122 ? 2.107   6.365   9.780   1.00 24.73 ? 122  TRP A CZ2 1 
ATOM   855  C  CZ3 . TRP A 1 122 ? -0.118  5.365   9.896   1.00 24.95 ? 122  TRP A CZ3 1 
ATOM   856  C  CH2 . TRP A 1 122 ? 1.288   5.293   10.059  1.00 24.62 ? 122  TRP A CH2 1 
ATOM   857  N  N   . PRO A 1 123 ? -1.123  10.761  5.361   1.00 21.29 ? 123  PRO A N   1 
ATOM   858  C  CA  . PRO A 1 123 ? -0.120  11.112  4.342   1.00 21.12 ? 123  PRO A CA  1 
ATOM   859  C  C   . PRO A 1 123 ? 1.260   11.224  4.979   1.00 22.33 ? 123  PRO A C   1 
ATOM   860  O  O   . PRO A 1 123 ? 1.425   11.881  6.000   1.00 21.02 ? 123  PRO A O   1 
ATOM   861  C  CB  . PRO A 1 123 ? -0.612  12.466  3.788   1.00 20.97 ? 123  PRO A CB  1 
ATOM   862  C  CG  . PRO A 1 123 ? -1.413  13.062  4.940   1.00 22.88 ? 123  PRO A CG  1 
ATOM   863  C  CD  . PRO A 1 123 ? -2.029  11.891  5.683   1.00 21.51 ? 123  PRO A CD  1 
ATOM   864  N  N   . MET A 1 124 ? 2.238   10.538  4.395   1.00 24.49 ? 124  MET A N   1 
ATOM   865  C  CA  . MET A 1 124 ? 3.623   10.714  4.830   1.00 27.00 ? 124  MET A CA  1 
ATOM   866  C  C   . MET A 1 124 ? 4.249   11.716  3.862   1.00 28.42 ? 124  MET A C   1 
ATOM   867  O  O   . MET A 1 124 ? 3.744   11.922  2.761   1.00 29.11 ? 124  MET A O   1 
ATOM   868  C  CB  . MET A 1 124 ? 4.359   9.373   4.822   1.00 26.32 ? 124  MET A CB  1 
ATOM   869  C  CG  . MET A 1 124 ? 3.738   8.277   5.708   1.00 27.55 ? 124  MET A CG  1 
ATOM   870  S  SD  . MET A 1 124 ? 4.700   6.733   5.649   1.00 27.86 ? 124  MET A SD  1 
ATOM   871  C  CE  . MET A 1 124 ? 6.384   7.313   5.931   1.00 30.17 ? 124  MET A CE  1 
ATOM   872  N  N   . ASN A 1 125 ? 5.334   12.361  4.247   1.00 30.45 ? 125  ASN A N   1 
ATOM   873  C  CA  . ASN A 1 125 ? 5.995   13.244  3.281   1.00 32.16 ? 125  ASN A CA  1 
ATOM   874  C  C   . ASN A 1 125 ? 7.506   13.045  3.277   1.00 31.34 ? 125  ASN A C   1 
ATOM   875  O  O   . ASN A 1 125 ? 8.222   13.740  2.522   1.00 32.72 ? 125  ASN A O   1 
ATOM   876  C  CB  . ASN A 1 125 ? 5.627   14.723  3.528   1.00 33.20 ? 125  ASN A CB  1 
ATOM   877  C  CG  . ASN A 1 125 ? 6.431   15.339  4.673   1.00 37.07 ? 125  ASN A CG  1 
ATOM   878  O  OD1 . ASN A 1 125 ? 6.646   14.699  5.720   1.00 42.18 ? 125  ASN A OD1 1 
ATOM   879  N  ND2 . ASN A 1 125 ? 6.908   16.570  4.469   1.00 39.69 ? 125  ASN A ND2 1 
ATOM   880  N  N   . ASN A 1 126 ? 7.992   12.113  4.113   1.00 29.82 ? 126  ASN A N   1 
ATOM   881  C  CA  . ASN A 1 126 ? 9.415   11.759  4.066   1.00 27.96 ? 126  ASN A CA  1 
ATOM   882  C  C   . ASN A 1 126 ? 9.679   10.594  3.132   1.00 26.97 ? 126  ASN A C   1 
ATOM   883  O  O   . ASN A 1 126 ? 9.332   9.444   3.421   1.00 25.94 ? 126  ASN A O   1 
ATOM   884  C  CB  . ASN A 1 126 ? 10.038  11.514  5.437   1.00 27.55 ? 126  ASN A CB  1 
ATOM   885  C  CG  . ASN A 1 126 ? 11.559  11.479  5.370   1.00 28.64 ? 126  ASN A CG  1 
ATOM   886  O  OD1 . ASN A 1 126 ? 12.161  10.572  4.779   1.00 25.53 ? 126  ASN A OD1 1 
ATOM   887  N  ND2 . ASN A 1 126 ? 12.189  12.490  5.946   1.00 28.75 ? 126  ASN A ND2 1 
ATOM   888  N  N   . LYS A 1 127 ? 10.338  10.921  2.033   1.00 25.76 ? 127  LYS A N   1 
ATOM   889  C  CA  . LYS A 1 127 ? 10.609  9.992   0.962   1.00 26.32 ? 127  LYS A CA  1 
ATOM   890  C  C   . LYS A 1 127 ? 11.408  8.755   1.448   1.00 25.30 ? 127  LYS A C   1 
ATOM   891  O  O   . LYS A 1 127 ? 10.983  7.597   1.218   1.00 25.28 ? 127  LYS A O   1 
ATOM   892  C  CB  . LYS A 1 127 ? 11.275  10.775  -0.179  1.00 26.92 ? 127  LYS A CB  1 
ATOM   893  C  CG  . LYS A 1 127 ? 11.947  10.002  -1.251  1.00 28.94 ? 127  LYS A CG  1 
ATOM   894  C  CD  . LYS A 1 127 ? 12.567  10.967  -2.246  1.00 32.01 ? 127  LYS A CD  1 
ATOM   895  C  CE  . LYS A 1 127 ? 13.045  10.242  -3.489  1.00 34.55 ? 127  LYS A CE  1 
ATOM   896  N  NZ  . LYS A 1 127 ? 13.607  11.206  -4.513  1.00 37.09 ? 127  LYS A NZ  1 
ATOM   897  N  N   . GLN A 1 128 ? 12.508  9.001   2.166   1.00 24.04 ? 128  GLN A N   1 
ATOM   898  C  CA  . GLN A 1 128 ? 13.405  7.930   2.598   1.00 22.65 ? 128  GLN A CA  1 
ATOM   899  C  C   . GLN A 1 128 ? 12.721  7.037   3.642   1.00 22.21 ? 128  GLN A C   1 
ATOM   900  O  O   . GLN A 1 128 ? 12.891  5.814   3.609   1.00 21.01 ? 128  GLN A O   1 
ATOM   901  C  CB  . GLN A 1 128 ? 14.771  8.483   3.067   1.00 23.43 ? 128  GLN A CB  1 
ATOM   902  C  CG  . GLN A 1 128 ? 15.843  7.389   3.313   1.00 23.29 ? 128  GLN A CG  1 
ATOM   903  C  CD  . GLN A 1 128 ? 16.100  6.512   2.106   1.00 24.32 ? 128  GLN A CD  1 
ATOM   904  O  OE1 . GLN A 1 128 ? 16.284  7.002   0.986   1.00 27.88 ? 128  GLN A OE1 1 
ATOM   905  N  NE2 . GLN A 1 128 ? 16.106  5.195   2.321   1.00 22.52 ? 128  GLN A NE2 1 
ATOM   906  N  N   . GLU A 1 129 ? 11.929  7.646   4.529   1.00 20.60 ? 129  GLU A N   1 
ATOM   907  C  CA  . GLU A 1 129 ? 11.210  6.917   5.564   1.00 20.68 ? 129  GLU A CA  1 
ATOM   908  C  C   . GLU A 1 129 ? 10.258  5.913   4.931   1.00 19.11 ? 129  GLU A C   1 
ATOM   909  O  O   . GLU A 1 129 ? 10.194  4.765   5.359   1.00 17.14 ? 129  GLU A O   1 
ATOM   910  C  CB  . GLU A 1 129 ? 10.449  7.860   6.486   1.00 20.85 ? 129  GLU A CB  1 
ATOM   911  C  CG  . GLU A 1 129 ? 11.353  8.592   7.505   1.00 23.79 ? 129  GLU A CG  1 
ATOM   912  C  CD  . GLU A 1 129 ? 10.547  9.336   8.563   1.00 24.90 ? 129  GLU A CD  1 
ATOM   913  O  OE1 . GLU A 1 129 ? 9.348   9.006   8.801   1.00 29.05 ? 129  GLU A OE1 1 
ATOM   914  O  OE2 . GLU A 1 129 ? 11.136  10.255  9.174   1.00 32.59 ? 129  GLU A OE2 1 
ATOM   915  N  N   . PHE A 1 130 ? 9.532   6.341   3.895   1.00 16.94 ? 130  PHE A N   1 
ATOM   916  C  CA  . PHE A 1 130 ? 8.622   5.439   3.236   1.00 16.31 ? 130  PHE A CA  1 
ATOM   917  C  C   . PHE A 1 130 ? 9.338   4.285   2.510   1.00 15.76 ? 130  PHE A C   1 
ATOM   918  O  O   . PHE A 1 130 ? 8.945   3.102   2.628   1.00 14.80 ? 130  PHE A O   1 
ATOM   919  C  CB  . PHE A 1 130 ? 7.701   6.233   2.283   1.00 16.19 ? 130  PHE A CB  1 
ATOM   920  C  CG  . PHE A 1 130 ? 6.664   5.396   1.644   1.00 14.96 ? 130  PHE A CG  1 
ATOM   921  C  CD1 . PHE A 1 130 ? 5.468   5.085   2.337   1.00 16.78 ? 130  PHE A CD1 1 
ATOM   922  C  CD2 . PHE A 1 130 ? 6.876   4.866   0.375   1.00 14.13 ? 130  PHE A CD2 1 
ATOM   923  C  CE1 . PHE A 1 130 ? 4.500   4.272   1.718   1.00 14.77 ? 130  PHE A CE1 1 
ATOM   924  C  CE2 . PHE A 1 130 ? 5.913   4.074   -0.240  1.00 15.82 ? 130  PHE A CE2 1 
ATOM   925  C  CZ  . PHE A 1 130 ? 4.738   3.765   0.434   1.00 16.12 ? 130  PHE A CZ  1 
ATOM   926  N  N   . ILE A 1 131 ? 10.362  4.641   1.739   1.00 15.62 ? 131  ILE A N   1 
ATOM   927  C  CA  . ILE A 1 131 ? 11.227  3.661   1.074   1.00 16.02 ? 131  ILE A CA  1 
ATOM   928  C  C   . ILE A 1 131 ? 11.700  2.622   2.106   1.00 15.99 ? 131  ILE A C   1 
ATOM   929  O  O   . ILE A 1 131 ? 11.639  1.416   1.834   1.00 15.72 ? 131  ILE A O   1 
ATOM   930  C  CB  . ILE A 1 131 ? 12.457  4.324   0.369   1.00 15.85 ? 131  ILE A CB  1 
ATOM   931  C  CG1 . ILE A 1 131 ? 11.979  5.117   -0.868  1.00 14.35 ? 131  ILE A CG1 1 
ATOM   932  C  CG2 . ILE A 1 131 ? 13.482  3.254   -0.049  1.00 17.55 ? 131  ILE A CG2 1 
ATOM   933  C  CD1 . ILE A 1 131 ? 13.069  5.973   -1.526  1.00 17.81 ? 131  ILE A CD1 1 
ATOM   934  N  N   . ASP A 1 132 ? 12.159  3.098   3.271   1.00 16.33 ? 132  ASP A N   1 
ATOM   935  C  CA  . ASP A 1 132 ? 12.649  2.164   4.305   1.00 16.93 ? 132  ASP A CA  1 
ATOM   936  C  C   . ASP A 1 132 ? 11.558  1.205   4.780   1.00 16.86 ? 132  ASP A C   1 
ATOM   937  O  O   . ASP A 1 132 ? 11.812  0.002   4.909   1.00 15.37 ? 132  ASP A O   1 
ATOM   938  C  CB  . ASP A 1 132 ? 13.311  2.886   5.478   1.00 17.83 ? 132  ASP A CB  1 
ATOM   939  C  CG  . ASP A 1 132 ? 14.678  3.431   5.133   1.00 20.39 ? 132  ASP A CG  1 
ATOM   940  O  OD1 . ASP A 1 132 ? 15.321  2.959   4.172   1.00 20.68 ? 132  ASP A OD1 1 
ATOM   941  O  OD2 . ASP A 1 132 ? 15.107  4.382   5.848   1.00 27.77 ? 132  ASP A OD2 1 
ATOM   942  N  N   . ILE A 1 133 ? 10.344  1.736   4.984   1.00 16.29 ? 133  ILE A N   1 
ATOM   943  C  CA  . ILE A 1 133 ? 9.161   0.915   5.348   1.00 17.08 ? 133  ILE A CA  1 
ATOM   944  C  C   . ILE A 1 133 ? 8.867   -0.149  4.271   1.00 16.16 ? 133  ILE A C   1 
ATOM   945  O  O   . ILE A 1 133 ? 8.654   -1.332  4.601   1.00 16.27 ? 133  ILE A O   1 
ATOM   946  C  CB  . ILE A 1 133 ? 7.889   1.807   5.602   1.00 17.32 ? 133  ILE A CB  1 
ATOM   947  C  CG1 . ILE A 1 133 ? 8.053   2.659   6.875   1.00 18.68 ? 133  ILE A CG1 1 
ATOM   948  C  CG2 . ILE A 1 133 ? 6.583   0.982   5.584   1.00 17.40 ? 133  ILE A CG2 1 
ATOM   949  C  CD1 . ILE A 1 133 ? 7.020   3.778   7.033   1.00 19.08 ? 133  ILE A CD1 1 
ATOM   950  N  N   . VAL A 1 134 ? 8.864   0.259   2.990   1.00 15.02 ? 134  VAL A N   1 
ATOM   951  C  CA  . VAL A 1 134 ? 8.580   -0.672  1.888   1.00 14.05 ? 134  VAL A CA  1 
ATOM   952  C  C   . VAL A 1 134 ? 9.652   -1.780  1.868   1.00 13.69 ? 134  VAL A C   1 
ATOM   953  O  O   . VAL A 1 134 ? 9.329   -2.965  1.786   1.00 13.36 ? 134  VAL A O   1 
ATOM   954  C  CB  . VAL A 1 134 ? 8.498   0.024   0.503   1.00 13.08 ? 134  VAL A CB  1 
ATOM   955  C  CG1 . VAL A 1 134 ? 8.229   -1.015  -0.619  1.00 15.51 ? 134  VAL A CG1 1 
ATOM   956  C  CG2 . VAL A 1 134 ? 7.404   1.111   0.533   1.00 15.68 ? 134  VAL A CG2 1 
ATOM   957  N  N   . GLU A 1 135 ? 10.915  -1.389  1.968   1.00 13.12 ? 135  GLU A N   1 
ATOM   958  C  CA  . GLU A 1 135 ? 12.002  -2.370  2.002   1.00 14.21 ? 135  GLU A CA  1 
ATOM   959  C  C   . GLU A 1 135 ? 11.879  -3.369  3.164   1.00 13.16 ? 135  GLU A C   1 
ATOM   960  O  O   . GLU A 1 135 ? 12.033  -4.597  2.957   1.00 12.46 ? 135  GLU A O   1 
ATOM   961  C  CB  . GLU A 1 135 ? 13.341  -1.660  2.027   1.00 14.91 ? 135  GLU A CB  1 
ATOM   962  C  CG  . GLU A 1 135 ? 14.484  -2.585  1.710   1.00 19.53 ? 135  GLU A CG  1 
ATOM   963  C  CD  . GLU A 1 135 ? 15.626  -1.846  0.979   1.00 26.44 ? 135  GLU A CD  1 
ATOM   964  O  OE1 . GLU A 1 135 ? 15.862  -0.648  1.283   1.00 25.63 ? 135  GLU A OE1 1 
ATOM   965  O  OE2 . GLU A 1 135 ? 16.269  -2.491  0.103   1.00 30.22 ? 135  GLU A OE2 1 
ATOM   966  N  N   . THR A 1 136 ? 11.558  -2.858  4.350   1.00 12.42 ? 136  THR A N   1 
ATOM   967  C  CA  . THR A 1 136 ? 11.330  -3.679  5.555   1.00 12.95 ? 136  THR A CA  1 
ATOM   968  C  C   . THR A 1 136 ? 10.202  -4.689  5.330   1.00 13.20 ? 136  THR A C   1 
ATOM   969  O  O   . THR A 1 136 ? 10.393  -5.911  5.528   1.00 11.34 ? 136  THR A O   1 
ATOM   970  C  CB  . THR A 1 136 ? 11.108  -2.776  6.804   1.00 13.66 ? 136  THR A CB  1 
ATOM   971  O  OG1 . THR A 1 136 ? 12.227  -1.889  6.926   1.00 14.46 ? 136  THR A OG1 1 
ATOM   972  C  CG2 . THR A 1 136 ? 10.984  -3.577  8.112   1.00 14.07 ? 136  THR A CG2 1 
ATOM   973  N  N   . ILE A 1 137 ? 9.060   -4.201  4.834   1.00 12.84 ? 137  ILE A N   1 
ATOM   974  C  CA  . ILE A 1 137 ? 7.931   -5.079  4.526   1.00 12.99 ? 137  ILE A CA  1 
ATOM   975  C  C   . ILE A 1 137 ? 8.327   -6.199  3.545   1.00 12.65 ? 137  ILE A C   1 
ATOM   976  O  O   . ILE A 1 137 ? 7.992   -7.374  3.761   1.00 13.88 ? 137  ILE A O   1 
ATOM   977  C  CB  . ILE A 1 137 ? 6.690   -4.256  4.030   1.00 12.75 ? 137  ILE A CB  1 
ATOM   978  C  CG1 . ILE A 1 137 ? 6.255   -3.261  5.126   1.00 12.98 ? 137  ILE A CG1 1 
ATOM   979  C  CG2 . ILE A 1 137 ? 5.553   -5.196  3.598   1.00 12.48 ? 137  ILE A CG2 1 
ATOM   980  C  CD1 . ILE A 1 137 ? 5.105   -2.311  4.712   1.00 15.63 ? 137  ILE A CD1 1 
ATOM   981  N  N   . PHE A 1 138 ? 9.024   -5.834  2.466   1.00 11.12 ? 138  PHE A N   1 
ATOM   982  C  CA  . PHE A 1 138 ? 9.483   -6.775  1.449   1.00 13.41 ? 138  PHE A CA  1 
ATOM   983  C  C   . PHE A 1 138 ? 10.381  -7.870  2.032   1.00 12.74 ? 138  PHE A C   1 
ATOM   984  O  O   . PHE A 1 138 ? 10.160  -9.081  1.807   1.00 14.03 ? 138  PHE A O   1 
ATOM   985  C  CB  . PHE A 1 138 ? 10.228  -6.002  0.379   1.00 13.48 ? 138  PHE A CB  1 
ATOM   986  C  CG  . PHE A 1 138 ? 10.729  -6.861  -0.741  1.00 14.30 ? 138  PHE A CG  1 
ATOM   987  C  CD1 . PHE A 1 138 ? 9.847   -7.497  -1.587  1.00 13.84 ? 138  PHE A CD1 1 
ATOM   988  C  CD2 . PHE A 1 138 ? 12.096  -7.023  -0.933  1.00 13.82 ? 138  PHE A CD2 1 
ATOM   989  C  CE1 . PHE A 1 138 ? 10.300  -8.314  -2.639  1.00 14.35 ? 138  PHE A CE1 1 
ATOM   990  C  CE2 . PHE A 1 138 ? 12.552  -7.825  -1.966  1.00 17.44 ? 138  PHE A CE2 1 
ATOM   991  C  CZ  . PHE A 1 138 ? 11.654  -8.455  -2.830  1.00 16.24 ? 138  PHE A CZ  1 
ATOM   992  N  N   . ARG A 1 139 ? 11.375  -7.414  2.787   1.00 12.99 ? 139  ARG A N   1 
ATOM   993  C  CA  . ARG A 1 139 ? 12.360  -8.286  3.412   1.00 13.96 ? 139  ARG A CA  1 
ATOM   994  C  C   . ARG A 1 139 ? 11.676  -9.280  4.397   1.00 14.30 ? 139  ARG A C   1 
ATOM   995  O  O   . ARG A 1 139 ? 11.964  -10.486 4.363   1.00 14.43 ? 139  ARG A O   1 
ATOM   996  C  CB  . ARG A 1 139 ? 13.450  -7.397  4.051   1.00 13.19 ? 139  ARG A CB  1 
ATOM   997  C  CG  . ARG A 1 139 ? 14.367  -6.725  2.965   1.00 14.23 ? 139  ARG A CG  1 
ATOM   998  C  CD  . ARG A 1 139 ? 15.391  -5.699  3.554   1.00 16.03 ? 139  ARG A CD  1 
ATOM   999  N  NE  . ARG A 1 139 ? 16.170  -6.341  4.626   1.00 21.33 ? 139  ARG A NE  1 
ATOM   1000 C  CZ  . ARG A 1 139 ? 16.498  -5.793  5.796   1.00 23.26 ? 139  ARG A CZ  1 
ATOM   1001 N  NH1 . ARG A 1 139 ? 16.126  -4.543  6.128   1.00 24.12 ? 139  ARG A NH1 1 
ATOM   1002 N  NH2 . ARG A 1 139 ? 17.192  -6.527  6.664   1.00 24.89 ? 139  ARG A NH2 1 
ATOM   1003 N  N   . GLY A 1 140 ? 10.722  -8.778  5.192   1.00 12.99 ? 140  GLY A N   1 
ATOM   1004 C  CA  . GLY A 1 140 ? 9.944   -9.617  6.101   1.00 13.31 ? 140  GLY A CA  1 
ATOM   1005 C  C   . GLY A 1 140 ? 9.084   -10.602 5.333   1.00 13.92 ? 140  GLY A C   1 
ATOM   1006 O  O   . GLY A 1 140 ? 9.080   -11.822 5.633   1.00 15.23 ? 140  GLY A O   1 
ATOM   1007 N  N   . ALA A 1 141 ? 8.350   -10.084 4.341   1.00 14.07 ? 141  ALA A N   1 
ATOM   1008 C  CA  . ALA A 1 141 ? 7.534   -10.921 3.433   1.00 14.62 ? 141  ALA A CA  1 
ATOM   1009 C  C   . ALA A 1 141 ? 8.329   -12.067 2.821   1.00 15.53 ? 141  ALA A C   1 
ATOM   1010 O  O   . ALA A 1 141 ? 7.820   -13.195 2.695   1.00 15.01 ? 141  ALA A O   1 
ATOM   1011 C  CB  . ALA A 1 141 ? 6.871   -10.091 2.328   1.00 14.98 ? 141  ALA A CB  1 
ATOM   1012 N  N   . ARG A 1 142 ? 9.586   -11.785 2.452   1.00 15.37 ? 142  ARG A N   1 
ATOM   1013 C  CA  . ARG A 1 142 ? 10.391  -12.762 1.739   1.00 17.51 ? 142  ARG A CA  1 
ATOM   1014 C  C   . ARG A 1 142 ? 10.851  -13.885 2.669   1.00 17.48 ? 142  ARG A C   1 
ATOM   1015 O  O   . ARG A 1 142 ? 11.221  -14.960 2.203   1.00 17.89 ? 142  ARG A O   1 
ATOM   1016 C  CB  . ARG A 1 142 ? 11.576  -12.076 1.062   1.00 17.98 ? 142  ARG A CB  1 
ATOM   1017 C  CG  . ARG A 1 142 ? 11.108  -11.345 -0.186  1.00 21.54 ? 142  ARG A CG  1 
ATOM   1018 C  CD  . ARG A 1 142 ? 12.250  -11.183 -1.112  1.00 29.66 ? 142  ARG A CD  1 
ATOM   1019 N  NE  . ARG A 1 142 ? 12.489  -12.460 -1.744  1.00 35.51 ? 142  ARG A NE  1 
ATOM   1020 C  CZ  . ARG A 1 142 ? 12.926  -12.627 -2.986  1.00 38.26 ? 142  ARG A CZ  1 
ATOM   1021 N  NH1 . ARG A 1 142 ? 13.177  -11.578 -3.760  1.00 37.73 ? 142  ARG A NH1 1 
ATOM   1022 N  NH2 . ARG A 1 142 ? 13.093  -13.861 -3.449  1.00 40.27 ? 142  ARG A NH2 1 
ATOM   1023 N  N   . LYS A 1 143 ? 10.814  -13.604 3.967   1.00 16.83 ? 143  LYS A N   1 
ATOM   1024 C  CA  . LYS A 1 143 ? 11.125  -14.581 5.000   1.00 17.35 ? 143  LYS A CA  1 
ATOM   1025 C  C   . LYS A 1 143 ? 9.857   -15.359 5.392   1.00 16.55 ? 143  LYS A C   1 
ATOM   1026 O  O   . LYS A 1 143 ? 9.922   -16.229 6.253   1.00 16.47 ? 143  LYS A O   1 
ATOM   1027 C  CB  . LYS A 1 143 ? 11.724  -13.885 6.247   1.00 17.81 ? 143  LYS A CB  1 
ATOM   1028 C  CG  . LYS A 1 143 ? 13.104  -13.269 6.083   1.00 22.50 ? 143  LYS A CG  1 
ATOM   1029 C  CD  . LYS A 1 143 ? 14.100  -14.229 5.483   1.00 29.93 ? 143  LYS A CD  1 
ATOM   1030 C  CE  . LYS A 1 143 ? 15.496  -13.619 5.540   1.00 33.63 ? 143  LYS A CE  1 
ATOM   1031 N  NZ  . LYS A 1 143 ? 16.304  -13.949 4.322   1.00 37.41 ? 143  LYS A NZ  1 
ATOM   1032 N  N   . GLY A 1 144 ? 8.704   -15.008 4.805   1.00 15.83 ? 144  GLY A N   1 
ATOM   1033 C  CA  . GLY A 1 144 ? 7.416   -15.651 5.159   1.00 16.60 ? 144  GLY A CA  1 
ATOM   1034 C  C   . GLY A 1 144 ? 6.712   -15.074 6.374   1.00 16.79 ? 144  GLY A C   1 
ATOM   1035 O  O   . GLY A 1 144 ? 5.779   -15.687 6.923   1.00 18.81 ? 144  GLY A O   1 
ATOM   1036 N  N   . ARG A 1 145 ? 7.142   -13.898 6.794   1.00 16.71 ? 145  ARG A N   1 
ATOM   1037 C  CA  . ARG A 1 145 ? 6.486   -13.130 7.859   1.00 18.24 ? 145  ARG A CA  1 
ATOM   1038 C  C   . ARG A 1 145 ? 5.189   -12.452 7.413   1.00 18.15 ? 145  ARG A C   1 
ATOM   1039 O  O   . ARG A 1 145 ? 5.068   -12.046 6.260   1.00 19.09 ? 145  ARG A O   1 
ATOM   1040 C  CB  . ARG A 1 145 ? 7.487   -12.158 8.484   1.00 19.11 ? 145  ARG A CB  1 
ATOM   1041 C  CG  . ARG A 1 145 ? 8.234   -12.919 9.557   1.00 23.28 ? 145  ARG A CG  1 
ATOM   1042 C  CD  . ARG A 1 145 ? 9.678   -12.542 9.766   1.00 29.10 ? 145  ARG A CD  1 
ATOM   1043 N  NE  . ARG A 1 145 ? 9.759   -11.855 11.050  1.00 28.99 ? 145  ARG A NE  1 
ATOM   1044 C  CZ  . ARG A 1 145 ? 10.007  -12.432 12.216  1.00 27.99 ? 145  ARG A CZ  1 
ATOM   1045 N  NH1 . ARG A 1 145 ? 10.240  -13.728 12.312  1.00 31.85 ? 145  ARG A NH1 1 
ATOM   1046 N  NH2 . ARG A 1 145 ? 10.013  -11.694 13.294  1.00 31.25 ? 145  ARG A NH2 1 
ATOM   1047 N  N   . GLY A 1 146 ? 4.222   -12.363 8.326   1.00 19.10 ? 146  GLY A N   1 
ATOM   1048 C  CA  . GLY A 1 146 ? 2.932   -11.715 8.044   1.00 18.70 ? 146  GLY A CA  1 
ATOM   1049 C  C   . GLY A 1 146 ? 2.844   -10.311 8.636   1.00 18.86 ? 146  GLY A C   1 
ATOM   1050 O  O   . GLY A 1 146 ? 1.930   -9.572  8.298   1.00 17.12 ? 146  GLY A O   1 
ATOM   1051 N  N   . LEU A 1 147 ? 3.788   -9.975  9.537   1.00 17.69 ? 147  LEU A N   1 
ATOM   1052 C  CA  . LEU A 1 147 ? 3.875   -8.686  10.223  1.00 18.57 ? 147  LEU A CA  1 
ATOM   1053 C  C   . LEU A 1 147 ? 5.330   -8.252  10.369  1.00 18.98 ? 147  LEU A C   1 
ATOM   1054 O  O   . LEU A 1 147 ? 6.181   -9.076  10.699  1.00 20.23 ? 147  LEU A O   1 
ATOM   1055 C  CB  . LEU A 1 147 ? 3.229   -8.772  11.630  1.00 18.14 ? 147  LEU A CB  1 
ATOM   1056 C  CG  . LEU A 1 147 ? 3.301   -7.658  12.708  1.00 19.45 ? 147  LEU A CG  1 
ATOM   1057 C  CD1 . LEU A 1 147 ? 4.704   -7.366  13.205  1.00 23.19 ? 147  LEU A CD1 1 
ATOM   1058 C  CD2 . LEU A 1 147 ? 2.639   -6.368  12.261  1.00 22.90 ? 147  LEU A CD2 1 
ATOM   1059 N  N   . VAL A 1 148 ? 5.603   -6.972  10.124  1.00 18.80 ? 148  VAL A N   1 
ATOM   1060 C  CA  . VAL A 1 148 ? 6.909   -6.363  10.437  1.00 19.85 ? 148  VAL A CA  1 
ATOM   1061 C  C   . VAL A 1 148 ? 6.732   -5.143  11.351  1.00 20.79 ? 148  VAL A C   1 
ATOM   1062 O  O   . VAL A 1 148 ? 5.687   -4.478  11.322  1.00 20.00 ? 148  VAL A O   1 
ATOM   1063 C  CB  . VAL A 1 148 ? 7.706   -5.918  9.156   1.00 19.82 ? 148  VAL A CB  1 
ATOM   1064 C  CG1 . VAL A 1 148 ? 8.037   -7.118  8.307   1.00 19.41 ? 148  VAL A CG1 1 
ATOM   1065 C  CG2 . VAL A 1 148 ? 6.919   -4.882  8.367   1.00 19.41 ? 148  VAL A CG2 1 
ATOM   1066 N  N   . ILE A 1 149 ? 7.781   -4.829  12.104  1.00 21.96 ? 149  ILE A N   1 
ATOM   1067 C  CA  . ILE A 1 149 ? 7.841   -3.620  12.928  1.00 24.08 ? 149  ILE A CA  1 
ATOM   1068 C  C   . ILE A 1 149 ? 8.506   -2.533  12.092  1.00 25.26 ? 149  ILE A C   1 
ATOM   1069 O  O   . ILE A 1 149 ? 9.594   -2.726  11.529  1.00 23.76 ? 149  ILE A O   1 
ATOM   1070 C  CB  . ILE A 1 149 ? 8.611   -3.847  14.289  1.00 24.14 ? 149  ILE A CB  1 
ATOM   1071 C  CG1 . ILE A 1 149 ? 7.894   -4.872  15.180  1.00 26.45 ? 149  ILE A CG1 1 
ATOM   1072 C  CG2 . ILE A 1 149 ? 8.746   -2.555  15.089  1.00 23.20 ? 149  ILE A CG2 1 
ATOM   1073 C  CD1 . ILE A 1 149 ? 8.358   -6.269  14.978  1.00 28.71 ? 149  ILE A CD1 1 
ATOM   1074 N  N   . SER A 1 150 ? 7.834   -1.388  12.000  1.00 27.25 ? 150  SER A N   1 
ATOM   1075 C  CA  . SER A 1 150 ? 8.254   -0.339  11.090  1.00 29.92 ? 150  SER A CA  1 
ATOM   1076 C  C   . SER A 1 150 ? 9.608   0.082   11.587  1.00 31.11 ? 150  SER A C   1 
ATOM   1077 O  O   . SER A 1 150 ? 9.826   0.093   12.811  1.00 32.31 ? 150  SER A O   1 
ATOM   1078 C  CB  . SER A 1 150 ? 7.278   0.841   11.117  1.00 29.98 ? 150  SER A CB  1 
ATOM   1079 O  OG  . SER A 1 150 ? 6.917   1.153   12.455  1.00 31.35 ? 150  SER A OG  1 
ATOM   1080 N  N   . PRO A 1 151 ? 10.547  0.361   10.663  1.00 32.49 ? 151  PRO A N   1 
ATOM   1081 C  CA  . PRO A 1 151 ? 11.857  0.916   11.081  1.00 33.36 ? 151  PRO A CA  1 
ATOM   1082 C  C   . PRO A 1 151 ? 11.799  2.095   12.061  1.00 34.14 ? 151  PRO A C   1 
ATOM   1083 O  O   . PRO A 1 151 ? 12.841  2.567   12.552  1.00 34.18 ? 151  PRO A O   1 
ATOM   1084 C  CB  . PRO A 1 151 ? 12.500  1.383   9.754   0.50 33.22 ? 151  PRO A CB  1 
ATOM   1085 C  CG  . PRO A 1 151 ? 11.519  1.078   8.641   1.00 32.34 ? 151  PRO A CG  1 
ATOM   1086 C  CD  . PRO A 1 151 ? 10.480  0.126   9.205   1.00 32.20 ? 151  PRO A CD  1 
ATOM   1087 N  N   . LYS A 1 152 ? 10.594  2.571   12.345  1.00 34.85 ? 152  LYS A N   1 
ATOM   1088 C  CA  . LYS A 1 152 ? 10.442  3.801   13.102  1.00 35.57 ? 152  LYS A CA  1 
ATOM   1089 C  C   . LYS A 1 152 ? 9.053   3.821   13.713  1.00 35.80 ? 152  LYS A C   1 
ATOM   1090 O  O   . LYS A 1 152 ? 8.083   3.381   13.084  1.00 35.96 ? 152  LYS A O   1 
ATOM   1091 C  CB  . LYS A 1 152 ? 10.671  5.005   12.172  1.00 35.95 ? 152  LYS A CB  1 
ATOM   1092 C  CG  . LYS A 1 152 ? 10.429  6.403   12.748  1.00 35.53 ? 152  LYS A CG  1 
ATOM   1093 C  CD  . LYS A 1 152 ? 11.103  7.457   11.858  1.00 36.92 ? 152  LYS A CD  1 
ATOM   1094 C  CE  . LYS A 1 152 ? 12.606  7.538   12.136  1.00 38.78 ? 152  LYS A CE  1 
ATOM   1095 N  NZ  . LYS A 1 152 ? 13.430  7.572   10.884  1.00 42.77 ? 152  LYS A NZ  1 
ATOM   1096 N  N   . ASP A 1 153 ? 8.976   4.298   14.947  1.00 35.42 ? 153  ASP A N   1 
ATOM   1097 C  CA  . ASP A 1 153 ? 7.725   4.346   15.680  1.00 36.42 ? 153  ASP A CA  1 
ATOM   1098 C  C   . ASP A 1 153 ? 6.951   5.594   15.240  1.00 36.16 ? 153  ASP A C   1 
ATOM   1099 O  O   . ASP A 1 153 ? 7.498   6.706   15.202  1.00 34.98 ? 153  ASP A O   1 
ATOM   1100 C  CB  . ASP A 1 153 ? 7.998   4.348   17.194  1.00 36.62 ? 153  ASP A CB  1 
ATOM   1101 C  CG  . ASP A 1 153 ? 6.729   4.235   18.043  1.00 38.83 ? 153  ASP A CG  1 
ATOM   1102 O  OD1 . ASP A 1 153 ? 5.640   4.659   17.608  1.00 41.63 ? 153  ASP A OD1 1 
ATOM   1103 O  OD2 . ASP A 1 153 ? 6.827   3.734   19.186  1.00 40.53 ? 153  ASP A OD2 1 
ATOM   1104 N  N   . TYR A 1 154 ? 5.690   5.381   14.871  1.00 36.58 ? 154  TYR A N   1 
ATOM   1105 C  CA  . TYR A 1 154 ? 4.766   6.465   14.525  1.00 37.07 ? 154  TYR A CA  1 
ATOM   1106 C  C   . TYR A 1 154 ? 3.628   6.479   15.534  1.00 37.32 ? 154  TYR A C   1 
ATOM   1107 O  O   . TYR A 1 154 ? 2.735   7.328   15.466  1.00 38.54 ? 154  TYR A O   1 
ATOM   1108 C  CB  . TYR A 1 154 ? 4.231   6.305   13.087  1.00 36.71 ? 154  TYR A CB  1 
ATOM   1109 C  CG  . TYR A 1 154 ? 5.323   6.358   12.036  1.00 37.33 ? 154  TYR A CG  1 
ATOM   1110 C  CD1 . TYR A 1 154 ? 5.924   5.184   11.558  1.00 37.46 ? 154  TYR A CD1 1 
ATOM   1111 C  CD2 . TYR A 1 154 ? 5.765   7.578   11.523  1.00 34.87 ? 154  TYR A CD2 1 
ATOM   1112 C  CE1 . TYR A 1 154 ? 6.943   5.229   10.611  1.00 37.11 ? 154  TYR A CE1 1 
ATOM   1113 C  CE2 . TYR A 1 154 ? 6.779   7.634   10.575  1.00 36.44 ? 154  TYR A CE2 1 
ATOM   1114 C  CZ  . TYR A 1 154 ? 7.370   6.457   10.120  1.00 36.42 ? 154  TYR A CZ  1 
ATOM   1115 O  OH  . TYR A 1 154 ? 8.387   6.511   9.177   1.00 36.85 ? 154  TYR A OH  1 
HETATM 1116 CL CL  . CL  B 2 .   ? -15.307 -6.087  -11.161 1.00 20.80 ? 1000 CL  A CL  1 
HETATM 1117 CL CL  . CL  C 2 .   ? -10.570 -2.419  -15.155 0.50 13.00 ? 1001 CL  A CL  1 
HETATM 1118 CL CL  . CL  D 2 .   ? 4.786   -12.912 11.355  1.00 31.25 ? 1002 CL  A CL  1 
HETATM 1119 CL CL  . CL  E 2 .   ? 10.739  -14.428 -6.686  1.00 31.07 ? 1003 CL  A CL  1 
HETATM 1120 O  O   . HOH F 3 .   ? 9.978   -6.974  12.269  0.50 10.04 ? 1004 HOH A O   1 
HETATM 1121 O  O   . HOH F 3 .   ? -12.512 -0.881  -2.543  1.00 12.37 ? 1005 HOH A O   1 
HETATM 1122 O  O   . HOH F 3 .   ? 0.310   -10.114 -3.865  1.00 15.04 ? 1006 HOH A O   1 
HETATM 1123 O  O   . HOH F 3 .   ? -0.696  -3.463  4.577   1.00 14.34 ? 1007 HOH A O   1 
HETATM 1124 O  O   . HOH F 3 .   ? -8.925  4.259   2.226   1.00 12.57 ? 1008 HOH A O   1 
HETATM 1125 O  O   . HOH F 3 .   ? 3.101   -10.110 -4.550  1.00 13.10 ? 1009 HOH A O   1 
HETATM 1126 O  O   . HOH F 3 .   ? -15.706 -4.973  0.809   1.00 13.56 ? 1010 HOH A O   1 
HETATM 1127 O  O   . HOH F 3 .   ? -9.067  3.220   6.156   1.00 13.11 ? 1011 HOH A O   1 
HETATM 1128 O  O   . HOH F 3 .   ? -6.456  9.024   5.670   1.00 14.83 ? 1012 HOH A O   1 
HETATM 1129 O  O   . HOH F 3 .   ? -9.651  3.413   -9.349  1.00 15.98 ? 1013 HOH A O   1 
HETATM 1130 O  O   . HOH F 3 .   ? 7.366   1.290   -8.052  1.00 18.46 ? 1014 HOH A O   1 
HETATM 1131 O  O   . HOH F 3 .   ? -14.693 5.486   2.135   1.00 16.99 ? 1015 HOH A O   1 
HETATM 1132 O  O   . HOH F 3 .   ? -8.307  -1.138  9.559   1.00 19.70 ? 1016 HOH A O   1 
HETATM 1133 O  O   . HOH F 3 .   ? -4.834  12.029  -5.619  1.00 18.11 ? 1017 HOH A O   1 
HETATM 1134 O  O   . HOH F 3 .   ? -9.001  14.495  4.991   1.00 20.35 ? 1018 HOH A O   1 
HETATM 1135 O  O   . HOH F 3 .   ? 14.188  -0.731  -6.945  1.00 25.66 ? 1019 HOH A O   1 
HETATM 1136 O  O   . HOH F 3 .   ? 5.170   -13.660 3.472   1.00 24.99 ? 1020 HOH A O   1 
HETATM 1137 O  O   . HOH F 3 .   ? 9.635   -15.319 -0.527  1.00 19.59 ? 1021 HOH A O   1 
HETATM 1138 O  O   . HOH F 3 .   ? -15.466 10.948  -5.891  1.00 19.94 ? 1022 HOH A O   1 
HETATM 1139 O  O   . HOH F 3 .   ? 2.047   1.307   -11.477 1.00 18.67 ? 1023 HOH A O   1 
HETATM 1140 O  O   . HOH F 3 .   ? 9.939   -12.425 -4.286  1.00 22.23 ? 1024 HOH A O   1 
HETATM 1141 O  O   . HOH F 3 .   ? 5.479   13.964  -6.824  1.00 21.22 ? 1025 HOH A O   1 
HETATM 1142 O  O   . HOH F 3 .   ? 5.078   0.963   -9.585  1.00 18.08 ? 1026 HOH A O   1 
HETATM 1143 O  O   . HOH F 3 .   ? 9.904   7.844   -9.103  1.00 22.90 ? 1027 HOH A O   1 
HETATM 1144 O  O   . HOH F 3 .   ? 0.407   -0.227  14.153  1.00 26.81 ? 1028 HOH A O   1 
HETATM 1145 O  O   . HOH F 3 .   ? 15.034  -10.252 0.539   1.00 25.23 ? 1029 HOH A O   1 
HETATM 1146 O  O   . HOH F 3 .   ? 11.450  13.799  1.729   1.00 22.80 ? 1030 HOH A O   1 
HETATM 1147 O  O   . HOH F 3 .   ? -11.869 11.200  -6.543  1.00 23.82 ? 1031 HOH A O   1 
HETATM 1148 O  O   . HOH F 3 .   ? 0.471   -7.072  -10.323 1.00 23.97 ? 1032 HOH A O   1 
HETATM 1149 O  O   . HOH F 3 .   ? 12.006  7.307   -7.249  1.00 23.86 ? 1033 HOH A O   1 
HETATM 1150 O  O   . HOH F 3 .   ? 5.164   -12.178 -11.230 1.00 20.59 ? 1034 HOH A O   1 
HETATM 1151 O  O   . HOH F 3 .   ? -3.504  4.503   -14.994 1.00 19.21 ? 1035 HOH A O   1 
HETATM 1152 O  O   . HOH F 3 .   ? 1.418   -3.744  -13.693 1.00 25.89 ? 1036 HOH A O   1 
HETATM 1153 O  O   . HOH F 3 .   ? -7.926  -3.045  7.145   1.00 20.90 ? 1037 HOH A O   1 
HETATM 1154 O  O   . HOH F 3 .   ? -11.542 4.385   -11.057 1.00 20.57 ? 1038 HOH A O   1 
HETATM 1155 O  O   . HOH F 3 .   ? 14.146  11.580  2.184   1.00 25.92 ? 1039 HOH A O   1 
HETATM 1156 O  O   . HOH F 3 .   ? -11.997 -11.142 -9.570  1.00 24.89 ? 1040 HOH A O   1 
HETATM 1157 O  O   . HOH F 3 .   ? 14.540  -10.989 3.551   1.00 21.04 ? 1041 HOH A O   1 
HETATM 1158 O  O   . HOH F 3 .   ? 0.467   -13.288 -6.139  1.00 25.11 ? 1042 HOH A O   1 
HETATM 1159 O  O   . HOH F 3 .   ? -14.347 13.795  1.601   1.00 23.33 ? 1043 HOH A O   1 
HETATM 1160 O  O   . HOH F 3 .   ? 5.825   -17.331 -0.406  0.50 18.59 ? 1044 HOH A O   1 
HETATM 1161 O  O   . HOH F 3 .   ? -11.826 16.065  2.053   1.00 23.01 ? 1045 HOH A O   1 
HETATM 1162 O  O   . HOH F 3 .   ? -1.047  14.410  -5.838  1.00 20.40 ? 1046 HOH A O   1 
HETATM 1163 O  O   . HOH F 3 .   ? -2.929  10.444  -8.331  1.00 19.66 ? 1047 HOH A O   1 
HETATM 1164 O  O   . HOH F 3 .   ? -12.535 12.020  2.488   1.00 25.24 ? 1048 HOH A O   1 
HETATM 1165 O  O   . HOH F 3 .   ? -15.543 -2.831  -9.350  1.00 20.92 ? 1049 HOH A O   1 
HETATM 1166 O  O   . HOH F 3 .   ? 10.584  4.292   8.390   1.00 26.78 ? 1050 HOH A O   1 
HETATM 1167 O  O   . HOH F 3 .   ? 4.734   -1.756  18.673  1.00 25.26 ? 1051 HOH A O   1 
HETATM 1168 O  O   . HOH F 3 .   ? 4.819   -18.114 5.848   1.00 25.56 ? 1052 HOH A O   1 
HETATM 1169 O  O   . HOH F 3 .   ? -16.207 -0.064  -10.146 1.00 22.80 ? 1053 HOH A O   1 
HETATM 1170 O  O   . HOH F 3 .   ? -5.960  10.772  -8.873  1.00 22.31 ? 1054 HOH A O   1 
HETATM 1171 O  O   . HOH F 3 .   ? 4.685   2.294   -11.863 1.00 26.74 ? 1055 HOH A O   1 
HETATM 1172 O  O   . HOH F 3 .   ? 2.244   -0.816  -13.271 1.00 30.88 ? 1056 HOH A O   1 
HETATM 1173 O  O   . HOH F 3 .   ? -8.681  5.743   -13.446 1.00 28.53 ? 1057 HOH A O   1 
HETATM 1174 O  O   . HOH F 3 .   ? 0.886   -0.330  -15.787 1.00 23.72 ? 1058 HOH A O   1 
HETATM 1175 O  O   . HOH F 3 .   ? -5.962  11.644  6.663   1.00 28.16 ? 1059 HOH A O   1 
HETATM 1176 O  O   . HOH F 3 .   ? 4.787   10.784  8.752   1.00 20.24 ? 1060 HOH A O   1 
HETATM 1177 O  O   . HOH F 3 .   ? -10.680 1.576   9.363   1.00 25.47 ? 1061 HOH A O   1 
HETATM 1178 O  O   . HOH F 3 .   ? -4.277  11.820  8.926   1.00 27.25 ? 1062 HOH A O   1 
HETATM 1179 O  O   . HOH F 3 .   ? -3.398  13.651  -7.307  1.00 25.11 ? 1063 HOH A O   1 
HETATM 1180 O  O   . HOH F 3 .   ? -2.081  2.867   11.026  1.00 28.17 ? 1064 HOH A O   1 
HETATM 1181 O  O   . HOH F 3 .   ? 3.598   14.102  0.451   1.00 27.62 ? 1065 HOH A O   1 
HETATM 1182 O  O   . HOH F 3 .   ? 8.890   -9.442  10.774  1.00 29.24 ? 1066 HOH A O   1 
HETATM 1183 O  O   . HOH F 3 .   ? 12.156  -2.247  11.005  0.50 27.33 ? 1067 HOH A O   1 
HETATM 1184 O  O   . HOH F 3 .   ? 16.013  -0.305  3.828   1.00 35.78 ? 1068 HOH A O   1 
HETATM 1185 O  O   . HOH F 3 .   ? -9.904  8.875   -9.568  1.00 28.03 ? 1069 HOH A O   1 
HETATM 1186 O  O   . HOH F 3 .   ? -2.025  9.342   -11.035 1.00 32.56 ? 1070 HOH A O   1 
HETATM 1187 O  O   . HOH F 3 .   ? -12.356 -4.652  -15.276 1.00 26.56 ? 1071 HOH A O   1 
HETATM 1188 O  O   . HOH F 3 .   ? -18.487 -2.640  -6.975  1.00 31.05 ? 1072 HOH A O   1 
HETATM 1189 O  O   . HOH F 3 .   ? -8.791  11.689  7.983   1.00 24.15 ? 1073 HOH A O   1 
HETATM 1190 O  O   . HOH F 3 .   ? 0.035   -11.191 6.994   1.00 25.80 ? 1074 HOH A O   1 
HETATM 1191 O  O   . HOH F 3 .   ? -6.842  -10.299 3.340   1.00 33.47 ? 1075 HOH A O   1 
HETATM 1192 O  O   . HOH F 3 .   ? 14.665  -2.233  5.134   1.00 29.19 ? 1076 HOH A O   1 
HETATM 1193 O  O   . HOH F 3 .   ? -4.267  -3.518  14.072  1.00 31.86 ? 1077 HOH A O   1 
HETATM 1194 O  O   . HOH F 3 .   ? -19.232 -3.301  -4.038  1.00 29.84 ? 1078 HOH A O   1 
HETATM 1195 O  O   . HOH F 3 .   ? -9.978  4.116   10.003  1.00 29.02 ? 1079 HOH A O   1 
HETATM 1196 O  O   . HOH F 3 .   ? -7.791  3.392   12.405  1.00 32.68 ? 1080 HOH A O   1 
HETATM 1197 O  O   . HOH F 3 .   ? -7.000  14.039  -7.327  1.00 32.05 ? 1081 HOH A O   1 
HETATM 1198 O  O   . HOH F 3 .   ? -10.434 9.665   8.712   1.00 32.13 ? 1082 HOH A O   1 
HETATM 1199 O  O   . HOH F 3 .   ? -0.876  17.824  -4.186  1.00 27.77 ? 1083 HOH A O   1 
HETATM 1200 O  O   . HOH F 3 .   ? -8.267  -5.730  7.485   1.00 30.14 ? 1084 HOH A O   1 
HETATM 1201 O  O   . HOH F 3 .   ? 6.231   14.034  -1.048  1.00 34.12 ? 1085 HOH A O   1 
HETATM 1202 O  O   . HOH F 3 .   ? 15.062  0.711   -9.228  1.00 35.22 ? 1086 HOH A O   1 
HETATM 1203 O  O   . HOH F 3 .   ? 2.807   -18.645 -11.348 1.00 29.72 ? 1087 HOH A O   1 
HETATM 1204 O  O   . HOH F 3 .   ? -14.961 8.416   6.065   1.00 28.40 ? 1088 HOH A O   1 
HETATM 1205 O  O   . HOH F 3 .   ? 6.253   -17.559 -10.631 1.00 40.71 ? 1089 HOH A O   1 
HETATM 1206 O  O   . HOH F 3 .   ? -13.410 -6.203  7.782   1.00 35.59 ? 1090 HOH A O   1 
HETATM 1207 O  O   . HOH F 3 .   ? 6.543   -1.015  -11.473 1.00 29.83 ? 1091 HOH A O   1 
HETATM 1208 O  O   . HOH F 3 .   ? -18.854 3.353   -7.043  1.00 26.97 ? 1092 HOH A O   1 
HETATM 1209 O  O   . HOH F 3 .   ? -9.736  -10.929 1.177   1.00 30.79 ? 1093 HOH A O   1 
HETATM 1210 O  O   . HOH F 3 .   ? 3.640   -16.534 3.950   1.00 30.43 ? 1094 HOH A O   1 
HETATM 1211 O  O   . HOH F 3 .   ? 15.061  1.458   -2.680  1.00 32.18 ? 1095 HOH A O   1 
HETATM 1212 O  O   . HOH F 3 .   ? 0.351   -15.888 -8.341  1.00 39.45 ? 1096 HOH A O   1 
HETATM 1213 O  O   . HOH F 3 .   ? 4.157   5.504   -17.532 1.00 38.95 ? 1097 HOH A O   1 
HETATM 1214 O  O   . HOH F 3 .   ? -2.171  13.355  9.045   1.00 35.03 ? 1098 HOH A O   1 
HETATM 1215 O  O   . HOH F 3 .   ? -0.623  16.921  -6.290  1.00 31.77 ? 1099 HOH A O   1 
HETATM 1216 O  O   . HOH F 3 .   ? 15.668  12.017  4.408   1.00 39.92 ? 1100 HOH A O   1 
HETATM 1217 O  O   . HOH F 3 .   ? -13.785 9.622   -8.878  1.00 33.17 ? 1101 HOH A O   1 
HETATM 1218 O  O   . HOH F 3 .   ? 1.502   -5.324  16.383  1.00 36.81 ? 1102 HOH A O   1 
HETATM 1219 O  O   . HOH F 3 .   ? 5.815   8.383   -15.885 1.00 40.27 ? 1103 HOH A O   1 
HETATM 1220 O  O   . HOH F 3 .   ? -6.065  -12.217 5.674   1.00 44.13 ? 1104 HOH A O   1 
HETATM 1221 O  O   . HOH F 3 .   ? 3.020   -14.228 1.382   1.00 29.27 ? 1105 HOH A O   1 
HETATM 1222 O  O   . HOH F 3 .   ? -11.628 -10.140 -3.634  1.00 35.32 ? 1106 HOH A O   1 
HETATM 1223 O  O   . HOH F 3 .   ? 17.635  9.810   1.862   1.00 35.94 ? 1107 HOH A O   1 
HETATM 1224 O  O   . HOH F 3 .   ? 16.397  -2.241  -5.838  1.00 37.24 ? 1108 HOH A O   1 
HETATM 1225 O  O   . HOH F 3 .   ? 16.447  4.013   -2.898  1.00 32.84 ? 1109 HOH A O   1 
HETATM 1226 O  O   . HOH F 3 .   ? -20.303 5.509   -8.454  1.00 36.45 ? 1110 HOH A O   1 
HETATM 1227 O  O   . HOH F 3 .   ? -9.665  12.782  -8.581  1.00 29.77 ? 1111 HOH A O   1 
HETATM 1228 O  O   . HOH F 3 .   ? -6.280  -8.891  6.120   1.00 30.47 ? 1112 HOH A O   1 
HETATM 1229 O  O   . HOH F 3 .   ? -12.833 11.940  5.150   1.00 31.88 ? 1113 HOH A O   1 
HETATM 1230 O  O   . HOH F 3 .   ? 5.719   7.143   -12.777 1.00 39.44 ? 1114 HOH A O   1 
HETATM 1231 O  O   . HOH F 3 .   ? 11.739  -17.766 6.858   1.00 34.42 ? 1115 HOH A O   1 
HETATM 1232 O  O   . HOH F 3 .   ? -10.981 12.531  6.819   1.00 39.81 ? 1116 HOH A O   1 
HETATM 1233 O  O   . HOH F 3 .   ? 15.608  11.140  0.089   1.00 36.46 ? 1117 HOH A O   1 
HETATM 1234 O  O   . HOH F 3 .   ? -19.204 7.256   -6.064  1.00 30.64 ? 1118 HOH A O   1 
HETATM 1235 O  O   . HOH F 3 .   ? -19.545 -3.408  -9.195  1.00 37.09 ? 1119 HOH A O   1 
HETATM 1236 O  O   . HOH F 3 .   ? 11.018  -5.020  11.261  0.50 34.38 ? 1120 HOH A O   1 
HETATM 1237 O  O   . HOH F 3 .   ? -13.401 3.003   -12.500 1.00 44.80 ? 1121 HOH A O   1 
HETATM 1238 O  O   . HOH F 3 .   ? -16.857 10.427  -10.953 1.00 34.32 ? 1122 HOH A O   1 
HETATM 1239 O  O   . HOH F 3 .   ? 2.970   13.780  -8.734  1.00 34.27 ? 1123 HOH A O   1 
HETATM 1240 O  O   . HOH F 3 .   ? -17.407 -5.546  -8.933  1.00 35.89 ? 1124 HOH A O   1 
HETATM 1241 O  O   . HOH F 3 .   ? 2.024   -6.928  -14.254 1.00 25.30 ? 1125 HOH A O   1 
HETATM 1242 O  O   . HOH F 3 .   ? -8.822  -11.603 3.497   1.00 34.15 ? 1126 HOH A O   1 
HETATM 1243 O  O   . HOH F 3 .   ? -2.586  16.286  6.315   1.00 35.78 ? 1127 HOH A O   1 
HETATM 1244 O  O   . HOH F 3 .   ? 15.160  8.630   -0.866  1.00 45.89 ? 1128 HOH A O   1 
HETATM 1245 O  O   . HOH F 3 .   ? 2.885   7.833   18.295  1.00 49.46 ? 1129 HOH A O   1 
HETATM 1246 O  O   . HOH F 3 .   ? -18.234 7.291   -8.925  1.00 37.15 ? 1130 HOH A O   1 
HETATM 1247 O  O   . HOH F 3 .   ? -16.266 7.269   8.903   1.00 30.38 ? 1131 HOH A O   1 
HETATM 1248 O  O   . HOH F 3 .   ? 17.949  2.737   3.535   1.00 40.15 ? 1132 HOH A O   1 
HETATM 1249 O  O   . HOH F 3 .   ? 0.909   -0.355  17.351  1.00 46.08 ? 1133 HOH A O   1 
HETATM 1250 O  O   . HOH F 3 .   ? 0.679   13.313  -7.786  1.00 43.40 ? 1134 HOH A O   1 
HETATM 1251 O  O   . HOH F 3 .   ? 4.785   -15.892 1.100   1.00 29.29 ? 1135 HOH A O   1 
HETATM 1252 O  O   . HOH F 3 .   ? 12.142  11.161  -7.257  1.00 32.21 ? 1136 HOH A O   1 
HETATM 1253 O  O   . HOH F 3 .   ? -16.493 -7.477  4.291   1.00 34.34 ? 1137 HOH A O   1 
HETATM 1254 O  O   . HOH F 3 .   ? 12.880  -16.097 -5.361  1.00 36.15 ? 1138 HOH A O   1 
HETATM 1255 O  O   . HOH F 3 .   ? -0.967  6.645   3.463   1.00 44.63 ? 1139 HOH A O   1 
HETATM 1256 O  O   . HOH F 3 .   ? -10.154 7.285   -11.375 1.00 41.86 ? 1140 HOH A O   1 
HETATM 1257 O  O   . HOH F 3 .   ? -20.624 -0.067  -7.178  1.00 32.10 ? 1141 HOH A O   1 
HETATM 1258 O  O   . HOH F 3 .   ? 4.925   14.773  7.765   1.00 47.41 ? 1142 HOH A O   1 
HETATM 1259 O  O   . HOH F 3 .   ? 8.422   7.666   -12.901 1.00 41.63 ? 1143 HOH A O   1 
HETATM 1260 O  O   . HOH F 3 .   ? 15.834  -7.217  -0.195  1.00 37.65 ? 1144 HOH A O   1 
HETATM 1261 O  O   . HOH F 3 .   ? 9.999   7.710   15.724  1.00 35.44 ? 1145 HOH A O   1 
HETATM 1262 O  O   . HOH F 3 .   ? 2.697   -14.946 -11.976 1.00 46.28 ? 1146 HOH A O   1 
HETATM 1263 O  O   . HOH F 3 .   ? 15.389  -6.046  -3.207  1.00 36.80 ? 1147 HOH A O   1 
HETATM 1264 O  O   . HOH F 3 .   ? 12.066  13.666  -5.519  1.00 33.95 ? 1148 HOH A O   1 
HETATM 1265 O  O   . HOH F 3 .   ? 2.119   -15.059 7.878   1.00 41.60 ? 1149 HOH A O   1 
HETATM 1266 O  O   . HOH F 3 .   ? 0.203   -17.354 -1.822  1.00 33.60 ? 1150 HOH A O   1 
HETATM 1267 O  O   . HOH F 3 .   ? 1.386   -16.166 0.679   1.00 35.86 ? 1151 HOH A O   1 
HETATM 1268 O  O   . HOH F 3 .   ? 7.729   -14.018 -11.217 1.00 43.03 ? 1152 HOH A O   1 
HETATM 1269 O  O   . HOH F 3 .   ? -14.948 -9.475  3.264   1.00 43.54 ? 1153 HOH A O   1 
HETATM 1270 O  O   . HOH F 3 .   ? 0.504   19.208  4.569   1.00 36.62 ? 1154 HOH A O   1 
HETATM 1271 O  O   . HOH F 3 .   ? 1.810   15.649  3.989   1.00 42.39 ? 1155 HOH A O   1 
HETATM 1272 O  O   . HOH F 3 .   ? 13.183  5.066   8.470   1.00 37.51 ? 1156 HOH A O   1 
HETATM 1273 O  O   . HOH F 3 .   ? 10.309  14.818  7.087   1.00 37.89 ? 1157 HOH A O   1 
HETATM 1274 O  O   . HOH F 3 .   ? -11.562 -8.707  5.925   1.00 42.66 ? 1158 HOH A O   1 
HETATM 1275 O  O   . HOH F 3 .   ? -20.327 -5.421  -10.847 1.00 36.14 ? 1159 HOH A O   1 
HETATM 1276 O  O   . HOH F 3 .   ? 14.555  3.077   9.397   0.50 30.15 ? 1160 HOH A O   1 
HETATM 1277 O  O   . HOH F 3 .   ? -10.317 11.224  -10.780 1.00 36.79 ? 1161 HOH A O   1 
HETATM 1278 O  O   . HOH F 3 .   ? -5.106  9.016   9.965   1.00 38.99 ? 1162 HOH A O   1 
HETATM 1279 O  O   . HOH F 3 .   ? 11.623  9.330   -10.563 1.00 39.31 ? 1163 HOH A O   1 
HETATM 1280 O  O   . HOH F 3 .   ? -6.329  3.311   -15.874 1.00 35.64 ? 1164 HOH A O   1 
HETATM 1281 O  O   . HOH F 3 .   ? -10.285 -12.537 -10.686 1.00 47.35 ? 1165 HOH A O   1 
HETATM 1282 O  O   . HOH F 3 .   ? 5.860   17.826  2.185   1.00 44.33 ? 1166 HOH A O   1 
HETATM 1283 O  O   . HOH F 3 .   ? 11.014  -3.848  -11.773 1.00 36.00 ? 1167 HOH A O   1 
HETATM 1284 O  O   . HOH F 3 .   ? 8.487   13.887  -0.254  1.00 47.58 ? 1168 HOH A O   1 
HETATM 1285 O  O   . HOH F 3 .   ? -0.606  -13.707 7.833   1.00 39.61 ? 1169 HOH A O   1 
HETATM 1286 O  O   . HOH F 3 .   ? -9.800  -14.002 -7.605  1.00 38.03 ? 1170 HOH A O   1 
HETATM 1287 O  O   . HOH F 3 .   ? -12.596 9.930   7.063   1.00 42.13 ? 1171 HOH A O   1 
HETATM 1288 O  O   . HOH F 3 .   ? -5.626  4.366   13.301  1.00 44.02 ? 1172 HOH A O   1 
HETATM 1289 O  O   . HOH F 3 .   ? -14.050 6.994   10.440  1.00 44.82 ? 1173 HOH A O   1 
HETATM 1290 O  O   . HOH F 3 .   ? -9.864  -14.034 3.151   1.00 41.36 ? 1174 HOH A O   1 
HETATM 1291 O  O   . HOH F 3 .   ? 13.455  -2.630  -12.461 1.00 42.42 ? 1175 HOH A O   1 
HETATM 1292 O  O   . HOH F 3 .   ? -13.250 -8.281  -7.216  1.00 44.53 ? 1176 HOH A O   1 
HETATM 1293 O  O   . HOH F 3 .   ? 0.269   13.149  8.478   1.00 35.75 ? 1177 HOH A O   1 
HETATM 1294 O  O   . HOH F 3 .   ? -7.935  -5.565  12.388  1.00 39.22 ? 1178 HOH A O   1 
HETATM 1295 O  O   . HOH F 3 .   ? 6.951   8.619   -18.252 1.00 40.58 ? 1179 HOH A O   1 
HETATM 1296 O  O   . HOH F 3 .   ? -18.076 -5.935  -2.711  1.00 44.23 ? 1180 HOH A O   1 
HETATM 1297 O  O   . HOH F 3 .   ? -15.187 -8.554  -9.342  1.00 32.84 ? 1181 HOH A O   1 
HETATM 1298 O  O   . HOH F 3 .   ? -12.673 -13.547 -5.682  1.00 50.39 ? 1182 HOH A O   1 
HETATM 1299 O  O   . HOH F 3 .   ? 9.233   -5.070  -13.782 1.00 34.97 ? 1183 HOH A O   1 
HETATM 1300 O  O   . HOH F 3 .   ? -15.671 -7.436  -6.920  1.00 43.70 ? 1184 HOH A O   1 
HETATM 1301 O  O   . HOH F 3 .   ? 16.913  2.417   -5.581  1.00 43.34 ? 1185 HOH A O   1 
HETATM 1302 O  O   . HOH F 3 .   ? -16.588 8.867   -7.831  1.00 36.98 ? 1186 HOH A O   1 
HETATM 1303 O  O   . HOH F 3 .   ? -2.662  11.723  11.507  1.00 41.95 ? 1187 HOH A O   1 
HETATM 1304 O  O   . HOH F 3 .   ? -15.704 7.606   -13.874 1.00 42.87 ? 1188 HOH A O   1 
HETATM 1305 O  O   . HOH F 3 .   ? 4.217   -4.364  -19.481 1.00 49.24 ? 1189 HOH A O   1 
HETATM 1306 O  O   . HOH F 3 .   ? -3.336  -9.961  7.937   1.00 42.92 ? 1190 HOH A O   1 
HETATM 1307 O  O   . HOH F 3 .   ? -12.836 -17.578 -11.980 1.00 37.02 ? 1191 HOH A O   1 
HETATM 1308 O  O   . HOH F 3 .   ? -12.085 0.088   11.315  1.00 42.15 ? 1192 HOH A O   1 
HETATM 1309 O  O   . HOH F 3 .   ? -7.727  9.488   -11.050 1.00 48.16 ? 1193 HOH A O   1 
HETATM 1310 O  O   . HOH F 3 .   ? 6.463   11.487  6.472   1.00 44.74 ? 1194 HOH A O   1 
HETATM 1311 O  O   . HOH F 3 .   ? -0.715  13.988  -10.589 1.00 44.54 ? 1195 HOH A O   1 
HETATM 1312 O  O   . HOH F 3 .   ? 17.132  2.876   0.429   1.00 31.96 ? 1196 HOH A O   1 
HETATM 1313 O  O   . HOH F 3 .   ? -3.208  7.004   -12.368 1.00 27.22 ? 1197 HOH A O   1 
HETATM 1314 O  O   . HOH F 3 .   ? 15.036  -10.440 -2.185  1.00 44.41 ? 1198 HOH A O   1 
HETATM 1315 O  O   . HOH F 3 .   ? -17.350 11.959  -1.655  0.33 18.46 ? 1199 HOH A O   1 
HETATM 1316 O  O   . HOH F 3 .   ? -17.756 11.519  -4.399  0.33 12.30 ? 1200 HOH A O   1 
HETATM 1317 O  O   . HOH F 3 .   ? -18.960 1.003   -8.323  1.00 35.86 ? 1201 HOH A O   1 
HETATM 1318 O  O   . HOH F 3 .   ? 18.257  -11.238 -2.371  1.00 44.95 ? 1202 HOH A O   1 
# 
loop_
_pdbx_poly_seq_scheme.asym_id 
_pdbx_poly_seq_scheme.entity_id 
_pdbx_poly_seq_scheme.seq_id 
_pdbx_poly_seq_scheme.mon_id 
_pdbx_poly_seq_scheme.ndb_seq_num 
_pdbx_poly_seq_scheme.pdb_seq_num 
_pdbx_poly_seq_scheme.auth_seq_num 
_pdbx_poly_seq_scheme.pdb_mon_id 
_pdbx_poly_seq_scheme.auth_mon_id 
_pdbx_poly_seq_scheme.pdb_strand_id 
_pdbx_poly_seq_scheme.pdb_ins_code 
_pdbx_poly_seq_scheme.hetero 
A 1 1   MET 1   1   ?   ?   ?   A . n 
A 1 2   GLY 2   2   ?   ?   ?   A . n 
A 1 3   SER 3   3   ?   ?   ?   A . n 
A 1 4   SER 4   4   ?   ?   ?   A . n 
A 1 5   HIS 5   5   5   HIS HIS A . n 
A 1 6   HIS 6   6   6   HIS HIS A . n 
A 1 7   HIS 7   7   ?   ?   ?   A . n 
A 1 8   HIS 8   8   ?   ?   ?   A . n 
A 1 9   HIS 9   9   ?   ?   ?   A . n 
A 1 10  HIS 10  10  ?   ?   ?   A . n 
A 1 11  SER 11  11  ?   ?   ?   A . n 
A 1 12  SER 12  12  ?   ?   ?   A . n 
A 1 13  GLY 13  13  ?   ?   ?   A . n 
A 1 14  LEU 14  14  ?   ?   ?   A . n 
A 1 15  VAL 15  15  ?   ?   ?   A . n 
A 1 16  PRO 16  16  ?   ?   ?   A . n 
A 1 17  ARG 17  17  ?   ?   ?   A . n 
A 1 18  GLY 18  18  ?   ?   ?   A . n 
A 1 19  SER 19  19  ?   ?   ?   A . n 
A 1 20  SER 20  20  ?   ?   ?   A . n 
A 1 21  PHE 21  21  ?   ?   ?   A . n 
A 1 22  MET 22  22  22  MET MET A . n 
A 1 23  LEU 23  23  23  LEU LEU A . n 
A 1 24  GLN 24  24  24  GLN GLN A . n 
A 1 25  HIS 25  25  25  HIS HIS A . n 
A 1 26  LEU 26  26  26  LEU LEU A . n 
A 1 27  ASN 27  27  27  ASN ASN A . n 
A 1 28  SER 28  28  28  SER SER A . n 
A 1 29  GLY 29  29  29  GLY GLY A . n 
A 1 30  TRP 30  30  30  TRP TRP A . n 
A 1 31  ALA 31  31  31  ALA ALA A . n 
A 1 32  VAL 32  32  32  VAL VAL A . n 
A 1 33  ASP 33  33  33  ASP ASP A . n 
A 1 34  GLN 34  34  34  GLN GLN A . n 
A 1 35  ALA 35  35  35  ALA ALA A . n 
A 1 36  ILE 36  36  36  ILE ILE A . n 
A 1 37  VAL 37  37  37  VAL VAL A . n 
A 1 38  ASN 38  38  38  ASN ASN A . n 
A 1 39  GLU 39  39  39  GLU GLU A . n 
A 1 40  ASP 40  40  40  ASP ASP A . n 
A 1 41  GLU 41  41  41  GLU GLU A . n 
A 1 42  ARG 42  42  42  ARG ARG A . n 
A 1 43  LEU 43  43  43  LEU LEU A . n 
A 1 44  VAL 44  44  44  VAL VAL A . n 
A 1 45  CYS 45  45  45  CYS CYS A . n 
A 1 46  ILE 46  46  46  ILE ILE A . n 
A 1 47  ARG 47  47  47  ARG ARG A . n 
A 1 48  PHE 48  48  48  PHE PHE A . n 
A 1 49  GLY 49  49  49  GLY GLY A . n 
A 1 50  HIS 50  50  50  HIS HIS A . n 
A 1 51  ASP 51  51  51  ASP ASP A . n 
A 1 52  TYR 52  52  52  TYR TYR A . n 
A 1 53  ASP 53  53  53  ASP ASP A . n 
A 1 54  PRO 54  54  54  PRO PRO A . n 
A 1 55  ASP 55  55  55  ASP ASP A . n 
A 1 56  CYS 56  56  56  CYS CYS A . n 
A 1 57  MET 57  57  57  MET MET A . n 
A 1 58  LYS 58  58  58  LYS LYS A . n 
A 1 59  MET 59  59  59  MET MET A . n 
A 1 60  ASP 60  60  60  ASP ASP A . n 
A 1 61  GLU 61  61  61  GLU GLU A . n 
A 1 62  LEU 62  62  62  LEU LEU A . n 
A 1 63  LEU 63  63  63  LEU LEU A . n 
A 1 64  TYR 64  64  64  TYR TYR A . n 
A 1 65  LYS 65  65  65  LYS LYS A . n 
A 1 66  VAL 66  66  66  VAL VAL A . n 
A 1 67  ALA 67  67  67  ALA ALA A . n 
A 1 68  ASP 68  68  68  ASP ASP A . n 
A 1 69  ASP 69  69  69  ASP ASP A . n 
A 1 70  ILE 70  70  70  ILE ILE A . n 
A 1 71  LYS 71  71  71  LYS LYS A . n 
A 1 72  ASN 72  72  72  ASN ASN A . n 
A 1 73  PHE 73  73  73  PHE PHE A . n 
A 1 74  CYS 74  74  74  CYS CYS A . n 
A 1 75  VAL 75  75  75  VAL VAL A . n 
A 1 76  ILE 76  76  76  ILE ILE A . n 
A 1 77  TYR 77  77  77  TYR TYR A . n 
A 1 78  LEU 78  78  78  LEU LEU A . n 
A 1 79  VAL 79  79  79  VAL VAL A . n 
A 1 80  ASP 80  80  80  ASP ASP A . n 
A 1 81  ILE 81  81  81  ILE ILE A . n 
A 1 82  THR 82  82  82  THR THR A . n 
A 1 83  GLU 83  83  83  GLU GLU A . n 
A 1 84  VAL 84  84  84  VAL VAL A . n 
A 1 85  PRO 85  85  85  PRO PRO A . n 
A 1 86  ASP 86  86  86  ASP ASP A . n 
A 1 87  PHE 87  87  87  PHE PHE A . n 
A 1 88  ASN 88  88  88  ASN ASN A . n 
A 1 89  THR 89  89  89  THR THR A . n 
A 1 90  MET 90  90  90  MET MET A . n 
A 1 91  TYR 91  91  91  TYR TYR A . n 
A 1 92  GLU 92  92  92  GLU GLU A . n 
A 1 93  LEU 93  93  93  LEU LEU A . n 
A 1 94  TYR 94  94  94  TYR TYR A . n 
A 1 95  ASP 95  95  95  ASP ASP A . n 
A 1 96  PRO 96  96  96  PRO PRO A . n 
A 1 97  VAL 97  97  97  VAL VAL A . n 
A 1 98  SER 98  98  98  SER SER A . n 
A 1 99  VAL 99  99  99  VAL VAL A . n 
A 1 100 MET 100 100 100 MET MET A . n 
A 1 101 PHE 101 101 101 PHE PHE A . n 
A 1 102 PHE 102 102 102 PHE PHE A . n 
A 1 103 TYR 103 103 103 TYR TYR A . n 
A 1 104 ARG 104 104 104 ARG ARG A . n 
A 1 105 ASN 105 105 105 ASN ASN A . n 
A 1 106 LYS 106 106 106 LYS LYS A . n 
A 1 107 HIS 107 107 107 HIS HIS A . n 
A 1 108 MET 108 108 108 MET MET A . n 
A 1 109 MET 109 109 109 MET MET A . n 
A 1 110 ILE 110 110 110 ILE ILE A . n 
A 1 111 ASP 111 111 111 ASP ASP A . n 
A 1 112 LEU 112 112 112 LEU LEU A . n 
A 1 113 GLY 113 113 113 GLY GLY A . n 
A 1 114 THR 114 114 114 THR THR A . n 
A 1 115 GLY 115 115 115 GLY GLY A . n 
A 1 116 ASN 116 116 116 ASN ASN A . n 
A 1 117 ASN 117 117 117 ASN ASN A . n 
A 1 118 ASN 118 118 118 ASN ASN A . n 
A 1 119 LYS 119 119 119 LYS LYS A . n 
A 1 120 ILE 120 120 120 ILE ILE A . n 
A 1 121 ASN 121 121 121 ASN ASN A . n 
A 1 122 TRP 122 122 122 TRP TRP A . n 
A 1 123 PRO 123 123 123 PRO PRO A . n 
A 1 124 MET 124 124 124 MET MET A . n 
A 1 125 ASN 125 125 125 ASN ASN A . n 
A 1 126 ASN 126 126 126 ASN ASN A . n 
A 1 127 LYS 127 127 127 LYS LYS A . n 
A 1 128 GLN 128 128 128 GLN GLN A . n 
A 1 129 GLU 129 129 129 GLU GLU A . n 
A 1 130 PHE 130 130 130 PHE PHE A . n 
A 1 131 ILE 131 131 131 ILE ILE A . n 
A 1 132 ASP 132 132 132 ASP ASP A . n 
A 1 133 ILE 133 133 133 ILE ILE A . n 
A 1 134 VAL 134 134 134 VAL VAL A . n 
A 1 135 GLU 135 135 135 GLU GLU A . n 
A 1 136 THR 136 136 136 THR THR A . n 
A 1 137 ILE 137 137 137 ILE ILE A . n 
A 1 138 PHE 138 138 138 PHE PHE A . n 
A 1 139 ARG 139 139 139 ARG ARG A . n 
A 1 140 GLY 140 140 140 GLY GLY A . n 
A 1 141 ALA 141 141 141 ALA ALA A . n 
A 1 142 ARG 142 142 142 ARG ARG A . n 
A 1 143 LYS 143 143 143 LYS LYS A . n 
A 1 144 GLY 144 144 144 GLY GLY A . n 
A 1 145 ARG 145 145 145 ARG ARG A . n 
A 1 146 GLY 146 146 146 GLY GLY A . n 
A 1 147 LEU 147 147 147 LEU LEU A . n 
A 1 148 VAL 148 148 148 VAL VAL A . n 
A 1 149 ILE 149 149 149 ILE ILE A . n 
A 1 150 SER 150 150 150 SER SER A . n 
A 1 151 PRO 151 151 151 PRO PRO A . n 
A 1 152 LYS 152 152 152 LYS LYS A . n 
A 1 153 ASP 153 153 153 ASP ASP A . n 
A 1 154 TYR 154 154 154 TYR TYR A . n 
A 1 155 SER 155 155 ?   ?   ?   A . n 
A 1 156 THR 156 156 ?   ?   ?   A . n 
A 1 157 LYS 157 157 ?   ?   ?   A . n 
A 1 158 TYR 158 158 ?   ?   ?   A . n 
A 1 159 LYS 159 159 ?   ?   ?   A . n 
A 1 160 TYR 160 160 ?   ?   ?   A . n 
# 
_pdbx_SG_project.id                    1 
_pdbx_SG_project.project_name          ? 
_pdbx_SG_project.full_name_of_center   'Structural Genomics Consortium' 
_pdbx_SG_project.initial_of_center     SGC 
# 
loop_
_pdbx_nonpoly_scheme.asym_id 
_pdbx_nonpoly_scheme.entity_id 
_pdbx_nonpoly_scheme.mon_id 
_pdbx_nonpoly_scheme.ndb_seq_num 
_pdbx_nonpoly_scheme.pdb_seq_num 
_pdbx_nonpoly_scheme.auth_seq_num 
_pdbx_nonpoly_scheme.pdb_mon_id 
_pdbx_nonpoly_scheme.auth_mon_id 
_pdbx_nonpoly_scheme.pdb_strand_id 
_pdbx_nonpoly_scheme.pdb_ins_code 
B 2 CL  1   1000 1000 CL  CL  A . 
C 2 CL  1   1001 1001 CL  CL  A . 
D 2 CL  1   1002 1002 CL  CL  A . 
E 2 CL  1   1003 1003 CL  CL  A . 
F 3 HOH 1   1004 1    HOH HOH A . 
F 3 HOH 2   1005 2    HOH HOH A . 
F 3 HOH 3   1006 3    HOH HOH A . 
F 3 HOH 4   1007 4    HOH HOH A . 
F 3 HOH 5   1008 5    HOH HOH A . 
F 3 HOH 6   1009 6    HOH HOH A . 
F 3 HOH 7   1010 7    HOH HOH A . 
F 3 HOH 8   1011 8    HOH HOH A . 
F 3 HOH 9   1012 9    HOH HOH A . 
F 3 HOH 10  1013 10   HOH HOH A . 
F 3 HOH 11  1014 11   HOH HOH A . 
F 3 HOH 12  1015 12   HOH HOH A . 
F 3 HOH 13  1016 13   HOH HOH A . 
F 3 HOH 14  1017 14   HOH HOH A . 
F 3 HOH 15  1018 15   HOH HOH A . 
F 3 HOH 16  1019 16   HOH HOH A . 
F 3 HOH 17  1020 17   HOH HOH A . 
F 3 HOH 18  1021 18   HOH HOH A . 
F 3 HOH 19  1022 19   HOH HOH A . 
F 3 HOH 20  1023 20   HOH HOH A . 
F 3 HOH 21  1024 21   HOH HOH A . 
F 3 HOH 22  1025 22   HOH HOH A . 
F 3 HOH 23  1026 23   HOH HOH A . 
F 3 HOH 24  1027 24   HOH HOH A . 
F 3 HOH 25  1028 25   HOH HOH A . 
F 3 HOH 26  1029 26   HOH HOH A . 
F 3 HOH 27  1030 27   HOH HOH A . 
F 3 HOH 28  1031 28   HOH HOH A . 
F 3 HOH 29  1032 29   HOH HOH A . 
F 3 HOH 30  1033 30   HOH HOH A . 
F 3 HOH 31  1034 31   HOH HOH A . 
F 3 HOH 32  1035 32   HOH HOH A . 
F 3 HOH 33  1036 33   HOH HOH A . 
F 3 HOH 34  1037 34   HOH HOH A . 
F 3 HOH 35  1038 35   HOH HOH A . 
F 3 HOH 36  1039 36   HOH HOH A . 
F 3 HOH 37  1040 37   HOH HOH A . 
F 3 HOH 38  1041 38   HOH HOH A . 
F 3 HOH 39  1042 39   HOH HOH A . 
F 3 HOH 40  1043 40   HOH HOH A . 
F 3 HOH 41  1044 41   HOH HOH A . 
F 3 HOH 42  1045 42   HOH HOH A . 
F 3 HOH 43  1046 43   HOH HOH A . 
F 3 HOH 44  1047 44   HOH HOH A . 
F 3 HOH 45  1048 45   HOH HOH A . 
F 3 HOH 46  1049 46   HOH HOH A . 
F 3 HOH 47  1050 47   HOH HOH A . 
F 3 HOH 48  1051 48   HOH HOH A . 
F 3 HOH 49  1052 49   HOH HOH A . 
F 3 HOH 50  1053 50   HOH HOH A . 
F 3 HOH 51  1054 51   HOH HOH A . 
F 3 HOH 52  1055 52   HOH HOH A . 
F 3 HOH 53  1056 53   HOH HOH A . 
F 3 HOH 54  1057 54   HOH HOH A . 
F 3 HOH 55  1058 55   HOH HOH A . 
F 3 HOH 56  1059 56   HOH HOH A . 
F 3 HOH 57  1060 57   HOH HOH A . 
F 3 HOH 58  1061 58   HOH HOH A . 
F 3 HOH 59  1062 59   HOH HOH A . 
F 3 HOH 60  1063 60   HOH HOH A . 
F 3 HOH 61  1064 61   HOH HOH A . 
F 3 HOH 62  1065 62   HOH HOH A . 
F 3 HOH 63  1066 63   HOH HOH A . 
F 3 HOH 64  1067 64   HOH HOH A . 
F 3 HOH 65  1068 65   HOH HOH A . 
F 3 HOH 66  1069 66   HOH HOH A . 
F 3 HOH 67  1070 67   HOH HOH A . 
F 3 HOH 68  1071 68   HOH HOH A . 
F 3 HOH 69  1072 69   HOH HOH A . 
F 3 HOH 70  1073 70   HOH HOH A . 
F 3 HOH 71  1074 71   HOH HOH A . 
F 3 HOH 72  1075 72   HOH HOH A . 
F 3 HOH 73  1076 73   HOH HOH A . 
F 3 HOH 74  1077 74   HOH HOH A . 
F 3 HOH 75  1078 75   HOH HOH A . 
F 3 HOH 76  1079 76   HOH HOH A . 
F 3 HOH 77  1080 77   HOH HOH A . 
F 3 HOH 78  1081 78   HOH HOH A . 
F 3 HOH 79  1082 79   HOH HOH A . 
F 3 HOH 80  1083 80   HOH HOH A . 
F 3 HOH 81  1084 81   HOH HOH A . 
F 3 HOH 82  1085 82   HOH HOH A . 
F 3 HOH 83  1086 83   HOH HOH A . 
F 3 HOH 84  1087 84   HOH HOH A . 
F 3 HOH 85  1088 85   HOH HOH A . 
F 3 HOH 86  1089 86   HOH HOH A . 
F 3 HOH 87  1090 87   HOH HOH A . 
F 3 HOH 88  1091 88   HOH HOH A . 
F 3 HOH 89  1092 89   HOH HOH A . 
F 3 HOH 90  1093 90   HOH HOH A . 
F 3 HOH 91  1094 91   HOH HOH A . 
F 3 HOH 92  1095 92   HOH HOH A . 
F 3 HOH 93  1096 93   HOH HOH A . 
F 3 HOH 94  1097 94   HOH HOH A . 
F 3 HOH 95  1098 95   HOH HOH A . 
F 3 HOH 96  1099 96   HOH HOH A . 
F 3 HOH 97  1100 97   HOH HOH A . 
F 3 HOH 98  1101 98   HOH HOH A . 
F 3 HOH 99  1102 99   HOH HOH A . 
F 3 HOH 100 1103 100  HOH HOH A . 
F 3 HOH 101 1104 101  HOH HOH A . 
F 3 HOH 102 1105 102  HOH HOH A . 
F 3 HOH 103 1106 103  HOH HOH A . 
F 3 HOH 104 1107 104  HOH HOH A . 
F 3 HOH 105 1108 105  HOH HOH A . 
F 3 HOH 106 1109 106  HOH HOH A . 
F 3 HOH 107 1110 107  HOH HOH A . 
F 3 HOH 108 1111 108  HOH HOH A . 
F 3 HOH 109 1112 109  HOH HOH A . 
F 3 HOH 110 1113 110  HOH HOH A . 
F 3 HOH 111 1114 111  HOH HOH A . 
F 3 HOH 112 1115 112  HOH HOH A . 
F 3 HOH 113 1116 113  HOH HOH A . 
F 3 HOH 114 1117 114  HOH HOH A . 
F 3 HOH 115 1118 115  HOH HOH A . 
F 3 HOH 116 1119 116  HOH HOH A . 
F 3 HOH 117 1120 117  HOH HOH A . 
F 3 HOH 118 1121 118  HOH HOH A . 
F 3 HOH 119 1122 119  HOH HOH A . 
F 3 HOH 120 1123 120  HOH HOH A . 
F 3 HOH 121 1124 121  HOH HOH A . 
F 3 HOH 122 1125 122  HOH HOH A . 
F 3 HOH 123 1126 123  HOH HOH A . 
F 3 HOH 124 1127 124  HOH HOH A . 
F 3 HOH 125 1128 125  HOH HOH A . 
F 3 HOH 126 1129 126  HOH HOH A . 
F 3 HOH 127 1130 127  HOH HOH A . 
F 3 HOH 128 1131 128  HOH HOH A . 
F 3 HOH 129 1132 129  HOH HOH A . 
F 3 HOH 130 1133 130  HOH HOH A . 
F 3 HOH 131 1134 131  HOH HOH A . 
F 3 HOH 132 1135 132  HOH HOH A . 
F 3 HOH 133 1136 133  HOH HOH A . 
F 3 HOH 134 1137 134  HOH HOH A . 
F 3 HOH 135 1138 135  HOH HOH A . 
F 3 HOH 136 1139 136  HOH HOH A . 
F 3 HOH 137 1140 137  HOH HOH A . 
F 3 HOH 138 1141 138  HOH HOH A . 
F 3 HOH 139 1142 139  HOH HOH A . 
F 3 HOH 140 1143 140  HOH HOH A . 
F 3 HOH 141 1144 141  HOH HOH A . 
F 3 HOH 142 1145 142  HOH HOH A . 
F 3 HOH 143 1146 143  HOH HOH A . 
F 3 HOH 144 1147 144  HOH HOH A . 
F 3 HOH 145 1148 145  HOH HOH A . 
F 3 HOH 146 1149 146  HOH HOH A . 
F 3 HOH 147 1150 147  HOH HOH A . 
F 3 HOH 148 1151 148  HOH HOH A . 
F 3 HOH 149 1152 149  HOH HOH A . 
F 3 HOH 150 1153 150  HOH HOH A . 
F 3 HOH 151 1154 151  HOH HOH A . 
F 3 HOH 152 1155 152  HOH HOH A . 
F 3 HOH 153 1156 153  HOH HOH A . 
F 3 HOH 154 1157 154  HOH HOH A . 
F 3 HOH 155 1158 155  HOH HOH A . 
F 3 HOH 156 1159 156  HOH HOH A . 
F 3 HOH 157 1160 157  HOH HOH A . 
F 3 HOH 158 1161 158  HOH HOH A . 
F 3 HOH 159 1162 159  HOH HOH A . 
F 3 HOH 160 1163 160  HOH HOH A . 
F 3 HOH 161 1164 161  HOH HOH A . 
F 3 HOH 162 1165 162  HOH HOH A . 
F 3 HOH 163 1166 163  HOH HOH A . 
F 3 HOH 164 1167 164  HOH HOH A . 
F 3 HOH 165 1168 165  HOH HOH A . 
F 3 HOH 166 1169 166  HOH HOH A . 
F 3 HOH 167 1170 167  HOH HOH A . 
F 3 HOH 168 1171 168  HOH HOH A . 
F 3 HOH 169 1172 169  HOH HOH A . 
F 3 HOH 170 1173 170  HOH HOH A . 
F 3 HOH 171 1174 171  HOH HOH A . 
F 3 HOH 172 1175 172  HOH HOH A . 
F 3 HOH 173 1176 173  HOH HOH A . 
F 3 HOH 174 1177 174  HOH HOH A . 
F 3 HOH 175 1178 175  HOH HOH A . 
F 3 HOH 176 1179 176  HOH HOH A . 
F 3 HOH 177 1180 177  HOH HOH A . 
F 3 HOH 178 1181 178  HOH HOH A . 
F 3 HOH 179 1182 179  HOH HOH A . 
F 3 HOH 180 1183 180  HOH HOH A . 
F 3 HOH 181 1184 181  HOH HOH A . 
F 3 HOH 182 1185 182  HOH HOH A . 
F 3 HOH 183 1186 183  HOH HOH A . 
F 3 HOH 184 1187 184  HOH HOH A . 
F 3 HOH 185 1188 185  HOH HOH A . 
F 3 HOH 186 1189 186  HOH HOH A . 
F 3 HOH 187 1190 187  HOH HOH A . 
F 3 HOH 188 1191 188  HOH HOH A . 
F 3 HOH 189 1192 189  HOH HOH A . 
F 3 HOH 190 1193 190  HOH HOH A . 
F 3 HOH 191 1194 191  HOH HOH A . 
F 3 HOH 192 1195 192  HOH HOH A . 
F 3 HOH 193 1196 193  HOH HOH A . 
F 3 HOH 194 1197 194  HOH HOH A . 
F 3 HOH 195 1198 195  HOH HOH A . 
F 3 HOH 196 1199 196  HOH HOH A . 
F 3 HOH 197 1200 197  HOH HOH A . 
F 3 HOH 198 1201 198  HOH HOH A . 
F 3 HOH 199 1202 199  HOH HOH A . 
# 
loop_
_pdbx_struct_assembly.id 
_pdbx_struct_assembly.details 
_pdbx_struct_assembly.method_details 
_pdbx_struct_assembly.oligomeric_details 
_pdbx_struct_assembly.oligomeric_count 
1 author_and_software_defined_assembly PQS  monomeric 1 
2 software_defined_assembly            PISA hexameric 6 
# 
loop_
_pdbx_struct_assembly_gen.assembly_id 
_pdbx_struct_assembly_gen.oper_expression 
_pdbx_struct_assembly_gen.asym_id_list 
1 1           A,B,C,D,E,F 
2 1,2,3,4,5,6 A,B,C,D,E,F 
# 
loop_
_pdbx_struct_assembly_prop.biol_id 
_pdbx_struct_assembly_prop.type 
_pdbx_struct_assembly_prop.value 
_pdbx_struct_assembly_prop.details 
2 'ABSA (A^2)' 10560 ? 
2 MORE         -327  ? 
2 'SSA (A^2)'  34700 ? 
# 
loop_
_pdbx_struct_oper_list.id 
_pdbx_struct_oper_list.type 
_pdbx_struct_oper_list.name 
_pdbx_struct_oper_list.symmetry_operation 
_pdbx_struct_oper_list.matrix[1][1] 
_pdbx_struct_oper_list.matrix[1][2] 
_pdbx_struct_oper_list.matrix[1][3] 
_pdbx_struct_oper_list.vector[1] 
_pdbx_struct_oper_list.matrix[2][1] 
_pdbx_struct_oper_list.matrix[2][2] 
_pdbx_struct_oper_list.matrix[2][3] 
_pdbx_struct_oper_list.vector[2] 
_pdbx_struct_oper_list.matrix[3][1] 
_pdbx_struct_oper_list.matrix[3][2] 
_pdbx_struct_oper_list.matrix[3][3] 
_pdbx_struct_oper_list.vector[3] 
1 'identity operation'         1_555 x,y,z        1.0000000000  0.0000000000  0.0000000000  0.0000000000   0.0000000000  1.0000000000  0.0000000000  0.0000000000   0.0000000000  0.0000000000  1.0000000000  0.0000000000   
2 'crystal symmetry operation' 2_555 -y,x-y,z     -0.4685647253 0.8800983934  0.0766414785  -35.8772274473 -0.8121405692 -0.4632716279 0.3546929584  3.9956859752   0.3476705253  0.1039529546  0.9318363531  4.6759998791   
3 'crystal symmetry operation' 3_555 -x+y,-x,z    -0.4685647253 -0.8121405692 0.3476705253  -15.1914518737 0.8800983934  -0.4632716279 0.1039529546  32.9404941783  0.0766414785  0.3546929584  0.9318363531  -3.0248245980  
4 'crystal symmetry operation' 4_556 y,x,-z+1     -0.2667246706 -0.9626964488 0.0455356742  -14.4346939150 -0.9626964488 0.2638969501  -0.0597824992 -12.3713538735 0.0455356742  -0.0597824992 -0.9971722796 -29.1036319984 
5 'crystal symmetry operation' 5_556 x-y,-y,-z+1  0.9226540256  0.2159795648  -0.3194720280 -8.4990601360  0.2159795648  -0.9757381350 -0.0358875953 22.9424319655  -0.3194720280 -0.0358875953 -0.9469158906 -35.6389752906 
6 'crystal symmetry operation' 6_556 -x,-x+y,-z+1 -0.7187999045 0.6787590597  -0.1503756500 -42.2321931127 0.6787590597  0.6383844406  -0.3629758185 11.1271304214  -0.1503756500 -0.3629758185 -0.9195845361 -28.7483788301 
# 
loop_
_pdbx_struct_special_symmetry.id 
_pdbx_struct_special_symmetry.PDB_model_num 
_pdbx_struct_special_symmetry.auth_asym_id 
_pdbx_struct_special_symmetry.auth_comp_id 
_pdbx_struct_special_symmetry.auth_seq_id 
_pdbx_struct_special_symmetry.PDB_ins_code 
_pdbx_struct_special_symmetry.label_asym_id 
_pdbx_struct_special_symmetry.label_comp_id 
_pdbx_struct_special_symmetry.label_seq_id 
1 1 A HOH 1067 ? F HOH . 
2 1 A HOH 1199 ? F HOH . 
3 1 A HOH 1200 ? F HOH . 
# 
loop_
_pdbx_audit_revision_history.ordinal 
_pdbx_audit_revision_history.data_content_type 
_pdbx_audit_revision_history.major_revision 
_pdbx_audit_revision_history.minor_revision 
_pdbx_audit_revision_history.revision_date 
1 'Structure model' 1 0 2005-09-20 
2 'Structure model' 1 1 2008-05-01 
3 'Structure model' 1 2 2011-07-13 
4 'Structure model' 1 3 2017-10-11 
5 'Structure model' 1 4 2023-08-23 
# 
_pdbx_audit_revision_details.ordinal             1 
_pdbx_audit_revision_details.revision_ordinal    1 
_pdbx_audit_revision_details.data_content_type   'Structure model' 
_pdbx_audit_revision_details.provider            repository 
_pdbx_audit_revision_details.type                'Initial release' 
_pdbx_audit_revision_details.description         ? 
_pdbx_audit_revision_details.details             ? 
# 
loop_
_pdbx_audit_revision_group.ordinal 
_pdbx_audit_revision_group.revision_ordinal 
_pdbx_audit_revision_group.data_content_type 
_pdbx_audit_revision_group.group 
1 2 'Structure model' 'Version format compliance' 
2 3 'Structure model' 'Derived calculations'      
3 3 'Structure model' 'Version format compliance' 
4 4 'Structure model' 'Refinement description'    
5 5 'Structure model' 'Data collection'           
6 5 'Structure model' 'Database references'       
7 5 'Structure model' 'Derived calculations'      
8 5 'Structure model' 'Refinement description'    
# 
loop_
_pdbx_audit_revision_category.ordinal 
_pdbx_audit_revision_category.revision_ordinal 
_pdbx_audit_revision_category.data_content_type 
_pdbx_audit_revision_category.category 
1 4 'Structure model' software                      
2 5 'Structure model' chem_comp_atom                
3 5 'Structure model' chem_comp_bond                
4 5 'Structure model' database_2                    
5 5 'Structure model' pdbx_initial_refinement_model 
6 5 'Structure model' struct_ref_seq_dif            
7 5 'Structure model' struct_site                   
# 
loop_
_pdbx_audit_revision_item.ordinal 
_pdbx_audit_revision_item.revision_ordinal 
_pdbx_audit_revision_item.data_content_type 
_pdbx_audit_revision_item.item 
1 4 'Structure model' '_software.classification'            
2 4 'Structure model' '_software.name'                      
3 5 'Structure model' '_database_2.pdbx_DOI'                
4 5 'Structure model' '_database_2.pdbx_database_accession' 
5 5 'Structure model' '_struct_ref_seq_dif.details'         
6 5 'Structure model' '_struct_site.pdbx_auth_asym_id'      
7 5 'Structure model' '_struct_site.pdbx_auth_comp_id'      
8 5 'Structure model' '_struct_site.pdbx_auth_seq_id'       
# 
loop_
_software.name 
_software.classification 
_software.version 
_software.citation_id 
_software.pdbx_ordinal 
REFMAC    refinement        5.2.0005 ? 1 
MAR345    'data collection' .        ? 2 
SCALEPACK 'data scaling'    .        ? 3 
MOLREP    phasing           .        ? 4 
ARP/wARP  'model building'  .        ? 5 
# 
_pdbx_database_remark.id     300 
_pdbx_database_remark.text   
;BIOMOLECULE: 1
This entry contains the crystallographic asymmetric unit 
which consists of 1 chain. The biological unit of the 
protein is not known.
;
# 
_pdbx_validate_torsion.id              1 
_pdbx_validate_torsion.PDB_model_num   1 
_pdbx_validate_torsion.auth_comp_id    PRO 
_pdbx_validate_torsion.auth_asym_id    A 
_pdbx_validate_torsion.auth_seq_id     151 
_pdbx_validate_torsion.PDB_ins_code    ? 
_pdbx_validate_torsion.label_alt_id    ? 
_pdbx_validate_torsion.phi             -47.91 
_pdbx_validate_torsion.psi             -5.63 
# 
loop_
_pdbx_unobs_or_zero_occ_residues.id 
_pdbx_unobs_or_zero_occ_residues.PDB_model_num 
_pdbx_unobs_or_zero_occ_residues.polymer_flag 
_pdbx_unobs_or_zero_occ_residues.occupancy_flag 
_pdbx_unobs_or_zero_occ_residues.auth_asym_id 
_pdbx_unobs_or_zero_occ_residues.auth_comp_id 
_pdbx_unobs_or_zero_occ_residues.auth_seq_id 
_pdbx_unobs_or_zero_occ_residues.PDB_ins_code 
_pdbx_unobs_or_zero_occ_residues.label_asym_id 
_pdbx_unobs_or_zero_occ_residues.label_comp_id 
_pdbx_unobs_or_zero_occ_residues.label_seq_id 
1  1 Y 1 A MET 1   ? A MET 1   
2  1 Y 1 A GLY 2   ? A GLY 2   
3  1 Y 1 A SER 3   ? A SER 3   
4  1 Y 1 A SER 4   ? A SER 4   
5  1 Y 1 A HIS 7   ? A HIS 7   
6  1 Y 1 A HIS 8   ? A HIS 8   
7  1 Y 1 A HIS 9   ? A HIS 9   
8  1 Y 1 A HIS 10  ? A HIS 10  
9  1 Y 1 A SER 11  ? A SER 11  
10 1 Y 1 A SER 12  ? A SER 12  
11 1 Y 1 A GLY 13  ? A GLY 13  
12 1 Y 1 A LEU 14  ? A LEU 14  
13 1 Y 1 A VAL 15  ? A VAL 15  
14 1 Y 1 A PRO 16  ? A PRO 16  
15 1 Y 1 A ARG 17  ? A ARG 17  
16 1 Y 1 A GLY 18  ? A GLY 18  
17 1 Y 1 A SER 19  ? A SER 19  
18 1 Y 1 A SER 20  ? A SER 20  
19 1 Y 1 A PHE 21  ? A PHE 21  
20 1 Y 1 A SER 155 ? A SER 155 
21 1 Y 1 A THR 156 ? A THR 156 
22 1 Y 1 A LYS 157 ? A LYS 157 
23 1 Y 1 A TYR 158 ? A TYR 158 
24 1 Y 1 A LYS 159 ? A LYS 159 
25 1 Y 1 A TYR 160 ? A TYR 160 
# 
loop_
_chem_comp_atom.comp_id 
_chem_comp_atom.atom_id 
_chem_comp_atom.type_symbol 
_chem_comp_atom.pdbx_aromatic_flag 
_chem_comp_atom.pdbx_stereo_config 
_chem_comp_atom.pdbx_ordinal 
ALA N    N  N N 1   
ALA CA   C  N S 2   
ALA C    C  N N 3   
ALA O    O  N N 4   
ALA CB   C  N N 5   
ALA OXT  O  N N 6   
ALA H    H  N N 7   
ALA H2   H  N N 8   
ALA HA   H  N N 9   
ALA HB1  H  N N 10  
ALA HB2  H  N N 11  
ALA HB3  H  N N 12  
ALA HXT  H  N N 13  
ARG N    N  N N 14  
ARG CA   C  N S 15  
ARG C    C  N N 16  
ARG O    O  N N 17  
ARG CB   C  N N 18  
ARG CG   C  N N 19  
ARG CD   C  N N 20  
ARG NE   N  N N 21  
ARG CZ   C  N N 22  
ARG NH1  N  N N 23  
ARG NH2  N  N N 24  
ARG OXT  O  N N 25  
ARG H    H  N N 26  
ARG H2   H  N N 27  
ARG HA   H  N N 28  
ARG HB2  H  N N 29  
ARG HB3  H  N N 30  
ARG HG2  H  N N 31  
ARG HG3  H  N N 32  
ARG HD2  H  N N 33  
ARG HD3  H  N N 34  
ARG HE   H  N N 35  
ARG HH11 H  N N 36  
ARG HH12 H  N N 37  
ARG HH21 H  N N 38  
ARG HH22 H  N N 39  
ARG HXT  H  N N 40  
ASN N    N  N N 41  
ASN CA   C  N S 42  
ASN C    C  N N 43  
ASN O    O  N N 44  
ASN CB   C  N N 45  
ASN CG   C  N N 46  
ASN OD1  O  N N 47  
ASN ND2  N  N N 48  
ASN OXT  O  N N 49  
ASN H    H  N N 50  
ASN H2   H  N N 51  
ASN HA   H  N N 52  
ASN HB2  H  N N 53  
ASN HB3  H  N N 54  
ASN HD21 H  N N 55  
ASN HD22 H  N N 56  
ASN HXT  H  N N 57  
ASP N    N  N N 58  
ASP CA   C  N S 59  
ASP C    C  N N 60  
ASP O    O  N N 61  
ASP CB   C  N N 62  
ASP CG   C  N N 63  
ASP OD1  O  N N 64  
ASP OD2  O  N N 65  
ASP OXT  O  N N 66  
ASP H    H  N N 67  
ASP H2   H  N N 68  
ASP HA   H  N N 69  
ASP HB2  H  N N 70  
ASP HB3  H  N N 71  
ASP HD2  H  N N 72  
ASP HXT  H  N N 73  
CL  CL   CL N N 74  
CYS N    N  N N 75  
CYS CA   C  N R 76  
CYS C    C  N N 77  
CYS O    O  N N 78  
CYS CB   C  N N 79  
CYS SG   S  N N 80  
CYS OXT  O  N N 81  
CYS H    H  N N 82  
CYS H2   H  N N 83  
CYS HA   H  N N 84  
CYS HB2  H  N N 85  
CYS HB3  H  N N 86  
CYS HG   H  N N 87  
CYS HXT  H  N N 88  
GLN N    N  N N 89  
GLN CA   C  N S 90  
GLN C    C  N N 91  
GLN O    O  N N 92  
GLN CB   C  N N 93  
GLN CG   C  N N 94  
GLN CD   C  N N 95  
GLN OE1  O  N N 96  
GLN NE2  N  N N 97  
GLN OXT  O  N N 98  
GLN H    H  N N 99  
GLN H2   H  N N 100 
GLN HA   H  N N 101 
GLN HB2  H  N N 102 
GLN HB3  H  N N 103 
GLN HG2  H  N N 104 
GLN HG3  H  N N 105 
GLN HE21 H  N N 106 
GLN HE22 H  N N 107 
GLN HXT  H  N N 108 
GLU N    N  N N 109 
GLU CA   C  N S 110 
GLU C    C  N N 111 
GLU O    O  N N 112 
GLU CB   C  N N 113 
GLU CG   C  N N 114 
GLU CD   C  N N 115 
GLU OE1  O  N N 116 
GLU OE2  O  N N 117 
GLU OXT  O  N N 118 
GLU H    H  N N 119 
GLU H2   H  N N 120 
GLU HA   H  N N 121 
GLU HB2  H  N N 122 
GLU HB3  H  N N 123 
GLU HG2  H  N N 124 
GLU HG3  H  N N 125 
GLU HE2  H  N N 126 
GLU HXT  H  N N 127 
GLY N    N  N N 128 
GLY CA   C  N N 129 
GLY C    C  N N 130 
GLY O    O  N N 131 
GLY OXT  O  N N 132 
GLY H    H  N N 133 
GLY H2   H  N N 134 
GLY HA2  H  N N 135 
GLY HA3  H  N N 136 
GLY HXT  H  N N 137 
HIS N    N  N N 138 
HIS CA   C  N S 139 
HIS C    C  N N 140 
HIS O    O  N N 141 
HIS CB   C  N N 142 
HIS CG   C  Y N 143 
HIS ND1  N  Y N 144 
HIS CD2  C  Y N 145 
HIS CE1  C  Y N 146 
HIS NE2  N  Y N 147 
HIS OXT  O  N N 148 
HIS H    H  N N 149 
HIS H2   H  N N 150 
HIS HA   H  N N 151 
HIS HB2  H  N N 152 
HIS HB3  H  N N 153 
HIS HD1  H  N N 154 
HIS HD2  H  N N 155 
HIS HE1  H  N N 156 
HIS HE2  H  N N 157 
HIS HXT  H  N N 158 
HOH O    O  N N 159 
HOH H1   H  N N 160 
HOH H2   H  N N 161 
ILE N    N  N N 162 
ILE CA   C  N S 163 
ILE C    C  N N 164 
ILE O    O  N N 165 
ILE CB   C  N S 166 
ILE CG1  C  N N 167 
ILE CG2  C  N N 168 
ILE CD1  C  N N 169 
ILE OXT  O  N N 170 
ILE H    H  N N 171 
ILE H2   H  N N 172 
ILE HA   H  N N 173 
ILE HB   H  N N 174 
ILE HG12 H  N N 175 
ILE HG13 H  N N 176 
ILE HG21 H  N N 177 
ILE HG22 H  N N 178 
ILE HG23 H  N N 179 
ILE HD11 H  N N 180 
ILE HD12 H  N N 181 
ILE HD13 H  N N 182 
ILE HXT  H  N N 183 
LEU N    N  N N 184 
LEU CA   C  N S 185 
LEU C    C  N N 186 
LEU O    O  N N 187 
LEU CB   C  N N 188 
LEU CG   C  N N 189 
LEU CD1  C  N N 190 
LEU CD2  C  N N 191 
LEU OXT  O  N N 192 
LEU H    H  N N 193 
LEU H2   H  N N 194 
LEU HA   H  N N 195 
LEU HB2  H  N N 196 
LEU HB3  H  N N 197 
LEU HG   H  N N 198 
LEU HD11 H  N N 199 
LEU HD12 H  N N 200 
LEU HD13 H  N N 201 
LEU HD21 H  N N 202 
LEU HD22 H  N N 203 
LEU HD23 H  N N 204 
LEU HXT  H  N N 205 
LYS N    N  N N 206 
LYS CA   C  N S 207 
LYS C    C  N N 208 
LYS O    O  N N 209 
LYS CB   C  N N 210 
LYS CG   C  N N 211 
LYS CD   C  N N 212 
LYS CE   C  N N 213 
LYS NZ   N  N N 214 
LYS OXT  O  N N 215 
LYS H    H  N N 216 
LYS H2   H  N N 217 
LYS HA   H  N N 218 
LYS HB2  H  N N 219 
LYS HB3  H  N N 220 
LYS HG2  H  N N 221 
LYS HG3  H  N N 222 
LYS HD2  H  N N 223 
LYS HD3  H  N N 224 
LYS HE2  H  N N 225 
LYS HE3  H  N N 226 
LYS HZ1  H  N N 227 
LYS HZ2  H  N N 228 
LYS HZ3  H  N N 229 
LYS HXT  H  N N 230 
MET N    N  N N 231 
MET CA   C  N S 232 
MET C    C  N N 233 
MET O    O  N N 234 
MET CB   C  N N 235 
MET CG   C  N N 236 
MET SD   S  N N 237 
MET CE   C  N N 238 
MET OXT  O  N N 239 
MET H    H  N N 240 
MET H2   H  N N 241 
MET HA   H  N N 242 
MET HB2  H  N N 243 
MET HB3  H  N N 244 
MET HG2  H  N N 245 
MET HG3  H  N N 246 
MET HE1  H  N N 247 
MET HE2  H  N N 248 
MET HE3  H  N N 249 
MET HXT  H  N N 250 
PHE N    N  N N 251 
PHE CA   C  N S 252 
PHE C    C  N N 253 
PHE O    O  N N 254 
PHE CB   C  N N 255 
PHE CG   C  Y N 256 
PHE CD1  C  Y N 257 
PHE CD2  C  Y N 258 
PHE CE1  C  Y N 259 
PHE CE2  C  Y N 260 
PHE CZ   C  Y N 261 
PHE OXT  O  N N 262 
PHE H    H  N N 263 
PHE H2   H  N N 264 
PHE HA   H  N N 265 
PHE HB2  H  N N 266 
PHE HB3  H  N N 267 
PHE HD1  H  N N 268 
PHE HD2  H  N N 269 
PHE HE1  H  N N 270 
PHE HE2  H  N N 271 
PHE HZ   H  N N 272 
PHE HXT  H  N N 273 
PRO N    N  N N 274 
PRO CA   C  N S 275 
PRO C    C  N N 276 
PRO O    O  N N 277 
PRO CB   C  N N 278 
PRO CG   C  N N 279 
PRO CD   C  N N 280 
PRO OXT  O  N N 281 
PRO H    H  N N 282 
PRO HA   H  N N 283 
PRO HB2  H  N N 284 
PRO HB3  H  N N 285 
PRO HG2  H  N N 286 
PRO HG3  H  N N 287 
PRO HD2  H  N N 288 
PRO HD3  H  N N 289 
PRO HXT  H  N N 290 
SER N    N  N N 291 
SER CA   C  N S 292 
SER C    C  N N 293 
SER O    O  N N 294 
SER CB   C  N N 295 
SER OG   O  N N 296 
SER OXT  O  N N 297 
SER H    H  N N 298 
SER H2   H  N N 299 
SER HA   H  N N 300 
SER HB2  H  N N 301 
SER HB3  H  N N 302 
SER HG   H  N N 303 
SER HXT  H  N N 304 
THR N    N  N N 305 
THR CA   C  N S 306 
THR C    C  N N 307 
THR O    O  N N 308 
THR CB   C  N R 309 
THR OG1  O  N N 310 
THR CG2  C  N N 311 
THR OXT  O  N N 312 
THR H    H  N N 313 
THR H2   H  N N 314 
THR HA   H  N N 315 
THR HB   H  N N 316 
THR HG1  H  N N 317 
THR HG21 H  N N 318 
THR HG22 H  N N 319 
THR HG23 H  N N 320 
THR HXT  H  N N 321 
TRP N    N  N N 322 
TRP CA   C  N S 323 
TRP C    C  N N 324 
TRP O    O  N N 325 
TRP CB   C  N N 326 
TRP CG   C  Y N 327 
TRP CD1  C  Y N 328 
TRP CD2  C  Y N 329 
TRP NE1  N  Y N 330 
TRP CE2  C  Y N 331 
TRP CE3  C  Y N 332 
TRP CZ2  C  Y N 333 
TRP CZ3  C  Y N 334 
TRP CH2  C  Y N 335 
TRP OXT  O  N N 336 
TRP H    H  N N 337 
TRP H2   H  N N 338 
TRP HA   H  N N 339 
TRP HB2  H  N N 340 
TRP HB3  H  N N 341 
TRP HD1  H  N N 342 
TRP HE1  H  N N 343 
TRP HE3  H  N N 344 
TRP HZ2  H  N N 345 
TRP HZ3  H  N N 346 
TRP HH2  H  N N 347 
TRP HXT  H  N N 348 
TYR N    N  N N 349 
TYR CA   C  N S 350 
TYR C    C  N N 351 
TYR O    O  N N 352 
TYR CB   C  N N 353 
TYR CG   C  Y N 354 
TYR CD1  C  Y N 355 
TYR CD2  C  Y N 356 
TYR CE1  C  Y N 357 
TYR CE2  C  Y N 358 
TYR CZ   C  Y N 359 
TYR OH   O  N N 360 
TYR OXT  O  N N 361 
TYR H    H  N N 362 
TYR H2   H  N N 363 
TYR HA   H  N N 364 
TYR HB2  H  N N 365 
TYR HB3  H  N N 366 
TYR HD1  H  N N 367 
TYR HD2  H  N N 368 
TYR HE1  H  N N 369 
TYR HE2  H  N N 370 
TYR HH   H  N N 371 
TYR HXT  H  N N 372 
VAL N    N  N N 373 
VAL CA   C  N S 374 
VAL C    C  N N 375 
VAL O    O  N N 376 
VAL CB   C  N N 377 
VAL CG1  C  N N 378 
VAL CG2  C  N N 379 
VAL OXT  O  N N 380 
VAL H    H  N N 381 
VAL H2   H  N N 382 
VAL HA   H  N N 383 
VAL HB   H  N N 384 
VAL HG11 H  N N 385 
VAL HG12 H  N N 386 
VAL HG13 H  N N 387 
VAL HG21 H  N N 388 
VAL HG22 H  N N 389 
VAL HG23 H  N N 390 
VAL HXT  H  N N 391 
# 
loop_
_chem_comp_bond.comp_id 
_chem_comp_bond.atom_id_1 
_chem_comp_bond.atom_id_2 
_chem_comp_bond.value_order 
_chem_comp_bond.pdbx_aromatic_flag 
_chem_comp_bond.pdbx_stereo_config 
_chem_comp_bond.pdbx_ordinal 
ALA N   CA   sing N N 1   
ALA N   H    sing N N 2   
ALA N   H2   sing N N 3   
ALA CA  C    sing N N 4   
ALA CA  CB   sing N N 5   
ALA CA  HA   sing N N 6   
ALA C   O    doub N N 7   
ALA C   OXT  sing N N 8   
ALA CB  HB1  sing N N 9   
ALA CB  HB2  sing N N 10  
ALA CB  HB3  sing N N 11  
ALA OXT HXT  sing N N 12  
ARG N   CA   sing N N 13  
ARG N   H    sing N N 14  
ARG N   H2   sing N N 15  
ARG CA  C    sing N N 16  
ARG CA  CB   sing N N 17  
ARG CA  HA   sing N N 18  
ARG C   O    doub N N 19  
ARG C   OXT  sing N N 20  
ARG CB  CG   sing N N 21  
ARG CB  HB2  sing N N 22  
ARG CB  HB3  sing N N 23  
ARG CG  CD   sing N N 24  
ARG CG  HG2  sing N N 25  
ARG CG  HG3  sing N N 26  
ARG CD  NE   sing N N 27  
ARG CD  HD2  sing N N 28  
ARG CD  HD3  sing N N 29  
ARG NE  CZ   sing N N 30  
ARG NE  HE   sing N N 31  
ARG CZ  NH1  sing N N 32  
ARG CZ  NH2  doub N N 33  
ARG NH1 HH11 sing N N 34  
ARG NH1 HH12 sing N N 35  
ARG NH2 HH21 sing N N 36  
ARG NH2 HH22 sing N N 37  
ARG OXT HXT  sing N N 38  
ASN N   CA   sing N N 39  
ASN N   H    sing N N 40  
ASN N   H2   sing N N 41  
ASN CA  C    sing N N 42  
ASN CA  CB   sing N N 43  
ASN CA  HA   sing N N 44  
ASN C   O    doub N N 45  
ASN C   OXT  sing N N 46  
ASN CB  CG   sing N N 47  
ASN CB  HB2  sing N N 48  
ASN CB  HB3  sing N N 49  
ASN CG  OD1  doub N N 50  
ASN CG  ND2  sing N N 51  
ASN ND2 HD21 sing N N 52  
ASN ND2 HD22 sing N N 53  
ASN OXT HXT  sing N N 54  
ASP N   CA   sing N N 55  
ASP N   H    sing N N 56  
ASP N   H2   sing N N 57  
ASP CA  C    sing N N 58  
ASP CA  CB   sing N N 59  
ASP CA  HA   sing N N 60  
ASP C   O    doub N N 61  
ASP C   OXT  sing N N 62  
ASP CB  CG   sing N N 63  
ASP CB  HB2  sing N N 64  
ASP CB  HB3  sing N N 65  
ASP CG  OD1  doub N N 66  
ASP CG  OD2  sing N N 67  
ASP OD2 HD2  sing N N 68  
ASP OXT HXT  sing N N 69  
CYS N   CA   sing N N 70  
CYS N   H    sing N N 71  
CYS N   H2   sing N N 72  
CYS CA  C    sing N N 73  
CYS CA  CB   sing N N 74  
CYS CA  HA   sing N N 75  
CYS C   O    doub N N 76  
CYS C   OXT  sing N N 77  
CYS CB  SG   sing N N 78  
CYS CB  HB2  sing N N 79  
CYS CB  HB3  sing N N 80  
CYS SG  HG   sing N N 81  
CYS OXT HXT  sing N N 82  
GLN N   CA   sing N N 83  
GLN N   H    sing N N 84  
GLN N   H2   sing N N 85  
GLN CA  C    sing N N 86  
GLN CA  CB   sing N N 87  
GLN CA  HA   sing N N 88  
GLN C   O    doub N N 89  
GLN C   OXT  sing N N 90  
GLN CB  CG   sing N N 91  
GLN CB  HB2  sing N N 92  
GLN CB  HB3  sing N N 93  
GLN CG  CD   sing N N 94  
GLN CG  HG2  sing N N 95  
GLN CG  HG3  sing N N 96  
GLN CD  OE1  doub N N 97  
GLN CD  NE2  sing N N 98  
GLN NE2 HE21 sing N N 99  
GLN NE2 HE22 sing N N 100 
GLN OXT HXT  sing N N 101 
GLU N   CA   sing N N 102 
GLU N   H    sing N N 103 
GLU N   H2   sing N N 104 
GLU CA  C    sing N N 105 
GLU CA  CB   sing N N 106 
GLU CA  HA   sing N N 107 
GLU C   O    doub N N 108 
GLU C   OXT  sing N N 109 
GLU CB  CG   sing N N 110 
GLU CB  HB2  sing N N 111 
GLU CB  HB3  sing N N 112 
GLU CG  CD   sing N N 113 
GLU CG  HG2  sing N N 114 
GLU CG  HG3  sing N N 115 
GLU CD  OE1  doub N N 116 
GLU CD  OE2  sing N N 117 
GLU OE2 HE2  sing N N 118 
GLU OXT HXT  sing N N 119 
GLY N   CA   sing N N 120 
GLY N   H    sing N N 121 
GLY N   H2   sing N N 122 
GLY CA  C    sing N N 123 
GLY CA  HA2  sing N N 124 
GLY CA  HA3  sing N N 125 
GLY C   O    doub N N 126 
GLY C   OXT  sing N N 127 
GLY OXT HXT  sing N N 128 
HIS N   CA   sing N N 129 
HIS N   H    sing N N 130 
HIS N   H2   sing N N 131 
HIS CA  C    sing N N 132 
HIS CA  CB   sing N N 133 
HIS CA  HA   sing N N 134 
HIS C   O    doub N N 135 
HIS C   OXT  sing N N 136 
HIS CB  CG   sing N N 137 
HIS CB  HB2  sing N N 138 
HIS CB  HB3  sing N N 139 
HIS CG  ND1  sing Y N 140 
HIS CG  CD2  doub Y N 141 
HIS ND1 CE1  doub Y N 142 
HIS ND1 HD1  sing N N 143 
HIS CD2 NE2  sing Y N 144 
HIS CD2 HD2  sing N N 145 
HIS CE1 NE2  sing Y N 146 
HIS CE1 HE1  sing N N 147 
HIS NE2 HE2  sing N N 148 
HIS OXT HXT  sing N N 149 
HOH O   H1   sing N N 150 
HOH O   H2   sing N N 151 
ILE N   CA   sing N N 152 
ILE N   H    sing N N 153 
ILE N   H2   sing N N 154 
ILE CA  C    sing N N 155 
ILE CA  CB   sing N N 156 
ILE CA  HA   sing N N 157 
ILE C   O    doub N N 158 
ILE C   OXT  sing N N 159 
ILE CB  CG1  sing N N 160 
ILE CB  CG2  sing N N 161 
ILE CB  HB   sing N N 162 
ILE CG1 CD1  sing N N 163 
ILE CG1 HG12 sing N N 164 
ILE CG1 HG13 sing N N 165 
ILE CG2 HG21 sing N N 166 
ILE CG2 HG22 sing N N 167 
ILE CG2 HG23 sing N N 168 
ILE CD1 HD11 sing N N 169 
ILE CD1 HD12 sing N N 170 
ILE CD1 HD13 sing N N 171 
ILE OXT HXT  sing N N 172 
LEU N   CA   sing N N 173 
LEU N   H    sing N N 174 
LEU N   H2   sing N N 175 
LEU CA  C    sing N N 176 
LEU CA  CB   sing N N 177 
LEU CA  HA   sing N N 178 
LEU C   O    doub N N 179 
LEU C   OXT  sing N N 180 
LEU CB  CG   sing N N 181 
LEU CB  HB2  sing N N 182 
LEU CB  HB3  sing N N 183 
LEU CG  CD1  sing N N 184 
LEU CG  CD2  sing N N 185 
LEU CG  HG   sing N N 186 
LEU CD1 HD11 sing N N 187 
LEU CD1 HD12 sing N N 188 
LEU CD1 HD13 sing N N 189 
LEU CD2 HD21 sing N N 190 
LEU CD2 HD22 sing N N 191 
LEU CD2 HD23 sing N N 192 
LEU OXT HXT  sing N N 193 
LYS N   CA   sing N N 194 
LYS N   H    sing N N 195 
LYS N   H2   sing N N 196 
LYS CA  C    sing N N 197 
LYS CA  CB   sing N N 198 
LYS CA  HA   sing N N 199 
LYS C   O    doub N N 200 
LYS C   OXT  sing N N 201 
LYS CB  CG   sing N N 202 
LYS CB  HB2  sing N N 203 
LYS CB  HB3  sing N N 204 
LYS CG  CD   sing N N 205 
LYS CG  HG2  sing N N 206 
LYS CG  HG3  sing N N 207 
LYS CD  CE   sing N N 208 
LYS CD  HD2  sing N N 209 
LYS CD  HD3  sing N N 210 
LYS CE  NZ   sing N N 211 
LYS CE  HE2  sing N N 212 
LYS CE  HE3  sing N N 213 
LYS NZ  HZ1  sing N N 214 
LYS NZ  HZ2  sing N N 215 
LYS NZ  HZ3  sing N N 216 
LYS OXT HXT  sing N N 217 
MET N   CA   sing N N 218 
MET N   H    sing N N 219 
MET N   H2   sing N N 220 
MET CA  C    sing N N 221 
MET CA  CB   sing N N 222 
MET CA  HA   sing N N 223 
MET C   O    doub N N 224 
MET C   OXT  sing N N 225 
MET CB  CG   sing N N 226 
MET CB  HB2  sing N N 227 
MET CB  HB3  sing N N 228 
MET CG  SD   sing N N 229 
MET CG  HG2  sing N N 230 
MET CG  HG3  sing N N 231 
MET SD  CE   sing N N 232 
MET CE  HE1  sing N N 233 
MET CE  HE2  sing N N 234 
MET CE  HE3  sing N N 235 
MET OXT HXT  sing N N 236 
PHE N   CA   sing N N 237 
PHE N   H    sing N N 238 
PHE N   H2   sing N N 239 
PHE CA  C    sing N N 240 
PHE CA  CB   sing N N 241 
PHE CA  HA   sing N N 242 
PHE C   O    doub N N 243 
PHE C   OXT  sing N N 244 
PHE CB  CG   sing N N 245 
PHE CB  HB2  sing N N 246 
PHE CB  HB3  sing N N 247 
PHE CG  CD1  doub Y N 248 
PHE CG  CD2  sing Y N 249 
PHE CD1 CE1  sing Y N 250 
PHE CD1 HD1  sing N N 251 
PHE CD2 CE2  doub Y N 252 
PHE CD2 HD2  sing N N 253 
PHE CE1 CZ   doub Y N 254 
PHE CE1 HE1  sing N N 255 
PHE CE2 CZ   sing Y N 256 
PHE CE2 HE2  sing N N 257 
PHE CZ  HZ   sing N N 258 
PHE OXT HXT  sing N N 259 
PRO N   CA   sing N N 260 
PRO N   CD   sing N N 261 
PRO N   H    sing N N 262 
PRO CA  C    sing N N 263 
PRO CA  CB   sing N N 264 
PRO CA  HA   sing N N 265 
PRO C   O    doub N N 266 
PRO C   OXT  sing N N 267 
PRO CB  CG   sing N N 268 
PRO CB  HB2  sing N N 269 
PRO CB  HB3  sing N N 270 
PRO CG  CD   sing N N 271 
PRO CG  HG2  sing N N 272 
PRO CG  HG3  sing N N 273 
PRO CD  HD2  sing N N 274 
PRO CD  HD3  sing N N 275 
PRO OXT HXT  sing N N 276 
SER N   CA   sing N N 277 
SER N   H    sing N N 278 
SER N   H2   sing N N 279 
SER CA  C    sing N N 280 
SER CA  CB   sing N N 281 
SER CA  HA   sing N N 282 
SER C   O    doub N N 283 
SER C   OXT  sing N N 284 
SER CB  OG   sing N N 285 
SER CB  HB2  sing N N 286 
SER CB  HB3  sing N N 287 
SER OG  HG   sing N N 288 
SER OXT HXT  sing N N 289 
THR N   CA   sing N N 290 
THR N   H    sing N N 291 
THR N   H2   sing N N 292 
THR CA  C    sing N N 293 
THR CA  CB   sing N N 294 
THR CA  HA   sing N N 295 
THR C   O    doub N N 296 
THR C   OXT  sing N N 297 
THR CB  OG1  sing N N 298 
THR CB  CG2  sing N N 299 
THR CB  HB   sing N N 300 
THR OG1 HG1  sing N N 301 
THR CG2 HG21 sing N N 302 
THR CG2 HG22 sing N N 303 
THR CG2 HG23 sing N N 304 
THR OXT HXT  sing N N 305 
TRP N   CA   sing N N 306 
TRP N   H    sing N N 307 
TRP N   H2   sing N N 308 
TRP CA  C    sing N N 309 
TRP CA  CB   sing N N 310 
TRP CA  HA   sing N N 311 
TRP C   O    doub N N 312 
TRP C   OXT  sing N N 313 
TRP CB  CG   sing N N 314 
TRP CB  HB2  sing N N 315 
TRP CB  HB3  sing N N 316 
TRP CG  CD1  doub Y N 317 
TRP CG  CD2  sing Y N 318 
TRP CD1 NE1  sing Y N 319 
TRP CD1 HD1  sing N N 320 
TRP CD2 CE2  doub Y N 321 
TRP CD2 CE3  sing Y N 322 
TRP NE1 CE2  sing Y N 323 
TRP NE1 HE1  sing N N 324 
TRP CE2 CZ2  sing Y N 325 
TRP CE3 CZ3  doub Y N 326 
TRP CE3 HE3  sing N N 327 
TRP CZ2 CH2  doub Y N 328 
TRP CZ2 HZ2  sing N N 329 
TRP CZ3 CH2  sing Y N 330 
TRP CZ3 HZ3  sing N N 331 
TRP CH2 HH2  sing N N 332 
TRP OXT HXT  sing N N 333 
TYR N   CA   sing N N 334 
TYR N   H    sing N N 335 
TYR N   H2   sing N N 336 
TYR CA  C    sing N N 337 
TYR CA  CB   sing N N 338 
TYR CA  HA   sing N N 339 
TYR C   O    doub N N 340 
TYR C   OXT  sing N N 341 
TYR CB  CG   sing N N 342 
TYR CB  HB2  sing N N 343 
TYR CB  HB3  sing N N 344 
TYR CG  CD1  doub Y N 345 
TYR CG  CD2  sing Y N 346 
TYR CD1 CE1  sing Y N 347 
TYR CD1 HD1  sing N N 348 
TYR CD2 CE2  doub Y N 349 
TYR CD2 HD2  sing N N 350 
TYR CE1 CZ   doub Y N 351 
TYR CE1 HE1  sing N N 352 
TYR CE2 CZ   sing Y N 353 
TYR CE2 HE2  sing N N 354 
TYR CZ  OH   sing N N 355 
TYR OH  HH   sing N N 356 
TYR OXT HXT  sing N N 357 
VAL N   CA   sing N N 358 
VAL N   H    sing N N 359 
VAL N   H2   sing N N 360 
VAL CA  C    sing N N 361 
VAL CA  CB   sing N N 362 
VAL CA  HA   sing N N 363 
VAL C   O    doub N N 364 
VAL C   OXT  sing N N 365 
VAL CB  CG1  sing N N 366 
VAL CB  CG2  sing N N 367 
VAL CB  HB   sing N N 368 
VAL CG1 HG11 sing N N 369 
VAL CG1 HG12 sing N N 370 
VAL CG1 HG13 sing N N 371 
VAL CG2 HG21 sing N N 372 
VAL CG2 HG22 sing N N 373 
VAL CG2 HG23 sing N N 374 
VAL OXT HXT  sing N N 375 
# 
loop_
_pdbx_entity_nonpoly.entity_id 
_pdbx_entity_nonpoly.name 
_pdbx_entity_nonpoly.comp_id 
2 'CHLORIDE ION' CL  
3 water          HOH 
# 
_pdbx_initial_refinement_model.id               1 
_pdbx_initial_refinement_model.entity_id_list   ? 
_pdbx_initial_refinement_model.type             'experimental model' 
_pdbx_initial_refinement_model.source_name      PDB 
_pdbx_initial_refinement_model.accession_code   1QGV 
_pdbx_initial_refinement_model.details          'PDB ENTRY 1QGV' 
# 
